data_4PE7
# 
_entry.id   4PE7 
# 
_audit_conform.dict_name       mmcif_pdbx.dic 
_audit_conform.dict_version    5.398 
_audit_conform.dict_location   http://mmcif.pdb.org/dictionaries/ascii/mmcif_pdbx.dic 
# 
loop_
_database_2.database_id 
_database_2.database_code 
_database_2.pdbx_database_accession 
_database_2.pdbx_DOI 
PDB   4PE7         pdb_00004pe7 10.2210/pdb4pe7/pdb 
WWPDB D_1000201232 ?            ?                   
# 
loop_
_pdbx_audit_revision_history.ordinal 
_pdbx_audit_revision_history.data_content_type 
_pdbx_audit_revision_history.major_revision 
_pdbx_audit_revision_history.minor_revision 
_pdbx_audit_revision_history.revision_date 
1 'Structure model' 1 0 2014-10-15 
2 'Structure model' 1 1 2014-11-05 
3 'Structure model' 1 2 2017-09-13 
4 'Structure model' 1 3 2017-11-22 
5 'Structure model' 1 4 2019-12-04 
6 'Structure model' 1 5 2023-12-27 
7 'Structure model' 1 6 2024-11-13 
# 
_pdbx_audit_revision_details.ordinal             1 
_pdbx_audit_revision_details.revision_ordinal    1 
_pdbx_audit_revision_details.data_content_type   'Structure model' 
_pdbx_audit_revision_details.provider            repository 
_pdbx_audit_revision_details.type                'Initial release' 
_pdbx_audit_revision_details.description         ? 
_pdbx_audit_revision_details.details             ? 
# 
loop_
_pdbx_audit_revision_group.ordinal 
_pdbx_audit_revision_group.revision_ordinal 
_pdbx_audit_revision_group.data_content_type 
_pdbx_audit_revision_group.group 
1  2 'Structure model' 'Database references'        
2  3 'Structure model' 'Author supporting evidence' 
3  3 'Structure model' 'Database references'        
4  3 'Structure model' 'Derived calculations'       
5  3 'Structure model' Other                        
6  3 'Structure model' 'Source and taxonomy'        
7  4 'Structure model' 'Refinement description'     
8  5 'Structure model' 'Author supporting evidence' 
9  6 'Structure model' 'Data collection'            
10 6 'Structure model' 'Database references'        
11 6 'Structure model' 'Derived calculations'       
12 6 'Structure model' 'Refinement description'     
13 7 'Structure model' 'Structure summary'          
# 
loop_
_pdbx_audit_revision_category.ordinal 
_pdbx_audit_revision_category.revision_ordinal 
_pdbx_audit_revision_category.data_content_type 
_pdbx_audit_revision_category.category 
1  3 'Structure model' citation                  
2  3 'Structure model' entity_src_gen            
3  3 'Structure model' pdbx_audit_support        
4  3 'Structure model' pdbx_database_status      
5  3 'Structure model' pdbx_struct_oper_list     
6  4 'Structure model' software                  
7  5 'Structure model' pdbx_audit_support        
8  6 'Structure model' chem_comp_atom            
9  6 'Structure model' chem_comp_bond            
10 6 'Structure model' database_2                
11 6 'Structure model' pdbx_struct_conn_angle    
12 6 'Structure model' refine_hist               
13 6 'Structure model' struct_conn               
14 6 'Structure model' struct_conn_type          
15 7 'Structure model' pdbx_entry_details        
16 7 'Structure model' pdbx_modification_feature 
# 
loop_
_pdbx_audit_revision_item.ordinal 
_pdbx_audit_revision_item.revision_ordinal 
_pdbx_audit_revision_item.data_content_type 
_pdbx_audit_revision_item.item 
1  3 'Structure model' '_citation.journal_id_CSD'                    
2  3 'Structure model' '_entity_src_gen.pdbx_alt_source_flag'        
3  3 'Structure model' '_pdbx_audit_support.funding_organization'    
4  3 'Structure model' '_pdbx_database_status.pdb_format_compatible' 
5  3 'Structure model' '_pdbx_struct_oper_list.symmetry_operation'   
6  5 'Structure model' '_pdbx_audit_support.funding_organization'    
7  6 'Structure model' '_database_2.pdbx_DOI'                        
8  6 'Structure model' '_database_2.pdbx_database_accession'         
9  6 'Structure model' '_pdbx_struct_conn_angle.ptnr1_auth_seq_id'   
10 6 'Structure model' '_pdbx_struct_conn_angle.ptnr1_symmetry'      
11 6 'Structure model' '_pdbx_struct_conn_angle.ptnr3_auth_seq_id'   
12 6 'Structure model' '_pdbx_struct_conn_angle.ptnr3_symmetry'      
13 6 'Structure model' '_pdbx_struct_conn_angle.value'               
14 6 'Structure model' '_refine_hist.number_atoms_total'             
15 6 'Structure model' '_refine_hist.pdbx_number_atoms_nucleic_acid' 
16 6 'Structure model' '_refine_hist.pdbx_number_atoms_protein'      
17 6 'Structure model' '_struct_conn.conn_type_id'                   
18 6 'Structure model' '_struct_conn.id'                             
19 6 'Structure model' '_struct_conn.pdbx_dist_value'                
20 6 'Structure model' '_struct_conn.pdbx_leaving_atom_flag'         
21 6 'Structure model' '_struct_conn.ptnr1_auth_comp_id'             
22 6 'Structure model' '_struct_conn.ptnr1_auth_seq_id'              
23 6 'Structure model' '_struct_conn.ptnr1_label_atom_id'            
24 6 'Structure model' '_struct_conn.ptnr1_label_comp_id'            
25 6 'Structure model' '_struct_conn.ptnr1_label_seq_id'             
26 6 'Structure model' '_struct_conn.ptnr2_auth_comp_id'             
27 6 'Structure model' '_struct_conn.ptnr2_auth_seq_id'              
28 6 'Structure model' '_struct_conn.ptnr2_label_asym_id'            
29 6 'Structure model' '_struct_conn.ptnr2_label_atom_id'            
30 6 'Structure model' '_struct_conn.ptnr2_label_comp_id'            
31 6 'Structure model' '_struct_conn.ptnr2_symmetry'                 
32 6 'Structure model' '_struct_conn_type.id'                        
# 
_pdbx_database_status.status_code                     REL 
_pdbx_database_status.status_code_sf                  REL 
_pdbx_database_status.status_code_mr                  . 
_pdbx_database_status.entry_id                        4PE7 
_pdbx_database_status.recvd_initial_deposition_date   2014-04-22 
_pdbx_database_status.SG_entry                        N 
_pdbx_database_status.deposit_site                    RCSB 
_pdbx_database_status.process_site                    RCSB 
_pdbx_database_status.status_code_cs                  . 
_pdbx_database_status.methods_development_category    . 
_pdbx_database_status.pdb_format_compatible           Y 
_pdbx_database_status.status_code_nmr_data            ? 
# 
loop_
_pdbx_database_related.db_name 
_pdbx_database_related.details 
_pdbx_database_related.db_id 
_pdbx_database_related.content_type 
PDB . 4PDZ unspecified 
PDB . 4PE0 unspecified 
PDB . 4PE1 unspecified 
PDB . 4PE4 unspecified 
# 
loop_
_audit_author.name 
_audit_author.pdbx_ordinal 
'Cavalier, M.C.' 1 
'Pierce, A.D.'   2 
'Wilder, P.T.'   3 
'Neau, D.'       4 
'Toth, E.A.'     5 
'Weber, D.J.'    6 
# 
_citation.abstract                  . 
_citation.abstract_id_CAS           . 
_citation.book_id_ISBN              . 
_citation.book_publisher            ? 
_citation.book_publisher_city       . 
_citation.book_title                . 
_citation.coordinate_linkage        . 
_citation.country                   US 
_citation.database_id_Medline       . 
_citation.details                   . 
_citation.id                        primary 
_citation.journal_abbrev            Biochemistry 
_citation.journal_id_ASTM           BICHAW 
_citation.journal_id_CSD            0033 
_citation.journal_id_ISSN           0006-2960 
_citation.journal_full              . 
_citation.journal_issue             . 
_citation.journal_volume            53 
_citation.language                  . 
_citation.page_first                6628 
_citation.page_last                 6640 
_citation.title                     'Covalent Small Molecule Inhibitors of Ca(2+)-Bound S100B.' 
_citation.year                      2014 
_citation.database_id_CSD           . 
_citation.pdbx_database_id_DOI      10.1021/bi5005552 
_citation.pdbx_database_id_PubMed   25268459 
_citation.unpublished_flag          . 
# 
loop_
_citation_author.citation_id 
_citation_author.name 
_citation_author.ordinal 
_citation_author.identifier_ORCID 
primary 'Cavalier, M.C.' 1  ? 
primary 'Pierce, A.D.'   2  ? 
primary 'Wilder, P.T.'   3  ? 
primary 'Alasady, M.J.'  4  ? 
primary 'Hartman, K.G.'  5  ? 
primary 'Neau, D.B.'     6  ? 
primary 'Foley, T.L.'    7  ? 
primary 'Jadhav, A.'     8  ? 
primary 'Maloney, D.J.'  9  ? 
primary 'Simeonov, A.'   10 ? 
primary 'Toth, E.A.'     11 ? 
primary 'Weber, D.J.'    12 ? 
# 
loop_
_entity.id 
_entity.type 
_entity.src_method 
_entity.pdbx_description 
_entity.formula_weight 
_entity.pdbx_number_of_molecules 
_entity.pdbx_ec 
_entity.pdbx_mutation 
_entity.pdbx_fragment 
_entity.details 
1 polymer     man 'Protein S100-B'                                                                                            
10681.974 1   ? ? ? ? 
2 non-polymer syn '(1beta,6beta,7beta,8alpha,9beta,10alpha,13alpha,14R,16beta)-1,6,7,14-tetrahydroxy-7,20-epoxykauran-15-one' 
366.449   1   ? ? ? ? 
3 non-polymer syn 'CALCIUM ION'                                                                                               
40.078    3   ? ? ? ? 
4 water       nat water                                                                                                       
18.015    137 ? ? ? ? 
# 
_entity_name_com.entity_id   1 
_entity_name_com.name        'S-100 protein beta chain,S-100 protein subunit beta,S100 calcium-binding protein B' 
# 
_entity_poly.entity_id                      1 
_entity_poly.type                           'polypeptide(L)' 
_entity_poly.nstd_linkage                   no 
_entity_poly.nstd_monomer                   no 
_entity_poly.pdbx_seq_one_letter_code       
;MSELEKAVVALIDVFHQYSGREGDKHKLKKSELKELINNELSHFLEEIKEQEVVDKVMETLDSDGDGECDFQEFMAFVAM
ITTACHEFFEHE
;
_entity_poly.pdbx_seq_one_letter_code_can   
;MSELEKAVVALIDVFHQYSGREGDKHKLKKSELKELINNELSHFLEEIKEQEVVDKVMETLDSDGDGECDFQEFMAFVAM
ITTACHEFFEHE
;
_entity_poly.pdbx_strand_id                 A 
_entity_poly.pdbx_target_identifier         ? 
# 
loop_
_pdbx_entity_nonpoly.entity_id 
_pdbx_entity_nonpoly.name 
_pdbx_entity_nonpoly.comp_id 
2 '(1beta,6beta,7beta,8alpha,9beta,10alpha,13alpha,14R,16beta)-1,6,7,14-tetrahydroxy-7,20-epoxykauran-15-one' ODN 
3 'CALCIUM ION'                                                                                               CA  
4 water                                                                                                       HOH 
# 
loop_
_entity_poly_seq.entity_id 
_entity_poly_seq.num 
_entity_poly_seq.mon_id 
_entity_poly_seq.hetero 
1 1  MET n 
1 2  SER n 
1 3  GLU n 
1 4  LEU n 
1 5  GLU n 
1 6  LYS n 
1 7  ALA n 
1 8  VAL n 
1 9  VAL n 
1 10 ALA n 
1 11 LEU n 
1 12 ILE n 
1 13 ASP n 
1 14 VAL n 
1 15 PHE n 
1 16 HIS n 
1 17 GLN n 
1 18 TYR n 
1 19 SER n 
1 20 GLY n 
1 21 ARG n 
1 22 GLU n 
1 23 GLY n 
1 24 ASP n 
1 25 LYS n 
1 26 HIS n 
1 27 LYS n 
1 28 LEU n 
1 29 LYS n 
1 30 LYS n 
1 31 SER n 
1 32 GLU n 
1 33 LEU n 
1 34 LYS n 
1 35 GLU n 
1 36 LEU n 
1 37 ILE n 
1 38 ASN n 
1 39 ASN n 
1 40 GLU n 
1 41 LEU n 
1 42 SER n 
1 43 HIS n 
1 44 PHE n 
1 45 LEU n 
1 46 GLU n 
1 47 GLU n 
1 48 ILE n 
1 49 LYS n 
1 50 GLU n 
1 51 GLN n 
1 52 GLU n 
1 53 VAL n 
1 54 VAL n 
1 55 ASP n 
1 56 LYS n 
1 57 VAL n 
1 58 MET n 
1 59 GLU n 
1 60 THR n 
1 61 LEU n 
1 62 ASP n 
1 63 SER n 
1 64 ASP n 
1 65 GLY n 
1 66 ASP n 
1 67 GLY n 
1 68 GLU n 
1 69 CYS n 
1 70 ASP n 
1 71 PHE n 
1 72 GLN n 
1 73 GLU n 
1 74 PHE n 
1 75 MET n 
1 76 ALA n 
1 77 PHE n 
1 78 VAL n 
1 79 ALA n 
1 80 MET n 
1 81 ILE n 
1 82 THR n 
1 83 THR n 
1 84 ALA n 
1 85 CYS n 
1 86 HIS n 
1 87 GLU n 
1 88 PHE n 
1 89 PHE n 
1 90 GLU n 
1 91 HIS n 
1 92 GLU n 
# 
_entity_src_gen.entity_id                          1 
_entity_src_gen.pdbx_src_id                        1 
_entity_src_gen.pdbx_alt_source_flag               sample 
_entity_src_gen.pdbx_seq_type                      'Biological sequence' 
_entity_src_gen.pdbx_beg_seq_num                   1 
_entity_src_gen.pdbx_end_seq_num                   92 
_entity_src_gen.gene_src_common_name               Bovine 
_entity_src_gen.gene_src_genus                     ? 
_entity_src_gen.pdbx_gene_src_gene                 S100B 
_entity_src_gen.gene_src_species                   ? 
_entity_src_gen.gene_src_strain                    ? 
_entity_src_gen.gene_src_tissue                    ? 
_entity_src_gen.gene_src_tissue_fraction           ? 
_entity_src_gen.gene_src_details                   ? 
_entity_src_gen.pdbx_gene_src_fragment             ? 
_entity_src_gen.pdbx_gene_src_scientific_name      'Bos taurus' 
_entity_src_gen.pdbx_gene_src_ncbi_taxonomy_id     9913 
_entity_src_gen.pdbx_gene_src_variant              ? 
_entity_src_gen.pdbx_gene_src_cell_line            ? 
_entity_src_gen.pdbx_gene_src_atcc                 ? 
_entity_src_gen.pdbx_gene_src_organ                ? 
_entity_src_gen.pdbx_gene_src_organelle            ? 
_entity_src_gen.pdbx_gene_src_cell                 ? 
_entity_src_gen.pdbx_gene_src_cellular_location    ? 
_entity_src_gen.host_org_common_name               ? 
_entity_src_gen.pdbx_host_org_scientific_name      'Escherichia coli' 
_entity_src_gen.pdbx_host_org_ncbi_taxonomy_id     562 
_entity_src_gen.host_org_genus                     ? 
_entity_src_gen.pdbx_host_org_gene                 ? 
_entity_src_gen.pdbx_host_org_organ                ? 
_entity_src_gen.host_org_species                   ? 
_entity_src_gen.pdbx_host_org_tissue               ? 
_entity_src_gen.pdbx_host_org_tissue_fraction      ? 
_entity_src_gen.pdbx_host_org_strain               ? 
_entity_src_gen.pdbx_host_org_variant              ? 
_entity_src_gen.pdbx_host_org_cell_line            ? 
_entity_src_gen.pdbx_host_org_atcc                 ? 
_entity_src_gen.pdbx_host_org_culture_collection   ? 
_entity_src_gen.pdbx_host_org_cell                 ? 
_entity_src_gen.pdbx_host_org_organelle            ? 
_entity_src_gen.pdbx_host_org_cellular_location    ? 
_entity_src_gen.pdbx_host_org_vector_type          ? 
_entity_src_gen.pdbx_host_org_vector               ? 
_entity_src_gen.host_org_details                   ? 
_entity_src_gen.expression_system_id               ? 
_entity_src_gen.plasmid_name                       ? 
_entity_src_gen.plasmid_details                    ? 
_entity_src_gen.pdbx_description                   ? 
# 
loop_
_chem_comp.id 
_chem_comp.type 
_chem_comp.mon_nstd_flag 
_chem_comp.name 
_chem_comp.pdbx_synonyms 
_chem_comp.formula 
_chem_comp.formula_weight 
ALA 'L-peptide linking' y ALANINE ? 'C3 H7 N O2'     89.093  
ARG 'L-peptide linking' y ARGININE ? 'C6 H15 N4 O2 1' 175.209 
ASN 'L-peptide linking' y ASPARAGINE ? 'C4 H8 N2 O3'    132.118 
ASP 'L-peptide linking' y 'ASPARTIC ACID' ? 'C4 H7 N O4'     133.103 
CA  non-polymer         . 'CALCIUM ION' ? 'Ca 2'           40.078  
CYS 'L-peptide linking' y CYSTEINE ? 'C3 H7 N O2 S'   121.158 
GLN 'L-peptide linking' y GLUTAMINE ? 'C5 H10 N2 O3'   146.144 
GLU 'L-peptide linking' y 'GLUTAMIC ACID' ? 'C5 H9 N O4'     147.129 
GLY 'peptide linking'   y GLYCINE ? 'C2 H5 N O2'     75.067  
HIS 'L-peptide linking' y HISTIDINE ? 'C6 H10 N3 O2 1' 156.162 
HOH non-polymer         . WATER ? 'H2 O'           18.015  
ILE 'L-peptide linking' y ISOLEUCINE ? 'C6 H13 N O2'    131.173 
LEU 'L-peptide linking' y LEUCINE ? 'C6 H13 N O2'    131.173 
LYS 'L-peptide linking' y LYSINE ? 'C6 H15 N2 O2 1' 147.195 
MET 'L-peptide linking' y METHIONINE ? 'C5 H11 N O2 S'  149.211 
ODN non-polymer         . 
'(1beta,6beta,7beta,8alpha,9beta,10alpha,13alpha,14R,16beta)-1,6,7,14-tetrahydroxy-7,20-epoxykauran-15-one' ? 'C20 H30 O6'     
366.449 
PHE 'L-peptide linking' y PHENYLALANINE ? 'C9 H11 N O2'    165.189 
SER 'L-peptide linking' y SERINE ? 'C3 H7 N O3'     105.093 
THR 'L-peptide linking' y THREONINE ? 'C4 H9 N O3'     119.119 
TYR 'L-peptide linking' y TYROSINE ? 'C9 H11 N O3'    181.189 
VAL 'L-peptide linking' y VALINE ? 'C5 H11 N O2'    117.146 
# 
loop_
_pdbx_poly_seq_scheme.asym_id 
_pdbx_poly_seq_scheme.entity_id 
_pdbx_poly_seq_scheme.seq_id 
_pdbx_poly_seq_scheme.mon_id 
_pdbx_poly_seq_scheme.ndb_seq_num 
_pdbx_poly_seq_scheme.pdb_seq_num 
_pdbx_poly_seq_scheme.auth_seq_num 
_pdbx_poly_seq_scheme.pdb_mon_id 
_pdbx_poly_seq_scheme.auth_mon_id 
_pdbx_poly_seq_scheme.pdb_strand_id 
_pdbx_poly_seq_scheme.pdb_ins_code 
_pdbx_poly_seq_scheme.hetero 
A 1 1  MET 1  0  0  MET MET A . n 
A 1 2  SER 2  1  1  SER SER A . n 
A 1 3  GLU 3  2  2  GLU GLU A . n 
A 1 4  LEU 4  3  3  LEU LEU A . n 
A 1 5  GLU 5  4  4  GLU GLU A . n 
A 1 6  LYS 6  5  5  LYS LYS A . n 
A 1 7  ALA 7  6  6  ALA ALA A . n 
A 1 8  VAL 8  7  7  VAL VAL A . n 
A 1 9  VAL 9  8  8  VAL VAL A . n 
A 1 10 ALA 10 9  9  ALA ALA A . n 
A 1 11 LEU 11 10 10 LEU LEU A . n 
A 1 12 ILE 12 11 11 ILE ILE A . n 
A 1 13 ASP 13 12 12 ASP ASP A . n 
A 1 14 VAL 14 13 13 VAL VAL A . n 
A 1 15 PHE 15 14 14 PHE PHE A . n 
A 1 16 HIS 16 15 15 HIS HIS A . n 
A 1 17 GLN 17 16 16 GLN GLN A . n 
A 1 18 TYR 18 17 17 TYR TYR A . n 
A 1 19 SER 19 18 18 SER SER A . n 
A 1 20 GLY 20 19 19 GLY GLY A . n 
A 1 21 ARG 21 20 20 ARG ARG A . n 
A 1 22 GLU 22 21 21 GLU GLU A . n 
A 1 23 GLY 23 22 22 GLY GLY A . n 
A 1 24 ASP 24 23 23 ASP ASP A . n 
A 1 25 LYS 25 24 24 LYS LYS A . n 
A 1 26 HIS 26 25 25 HIS HIS A . n 
A 1 27 LYS 27 26 26 LYS LYS A . n 
A 1 28 LEU 28 27 27 LEU LEU A . n 
A 1 29 LYS 29 28 28 LYS LYS A . n 
A 1 30 LYS 30 29 29 LYS LYS A . n 
A 1 31 SER 31 30 30 SER SER A . n 
A 1 32 GLU 32 31 31 GLU GLU A . n 
A 1 33 LEU 33 32 32 LEU LEU A . n 
A 1 34 LYS 34 33 33 LYS LYS A . n 
A 1 35 GLU 35 34 34 GLU GLU A . n 
A 1 36 LEU 36 35 35 LEU LEU A . n 
A 1 37 ILE 37 36 36 ILE ILE A . n 
A 1 38 ASN 38 37 37 ASN ASN A . n 
A 1 39 ASN 39 38 38 ASN ASN A . n 
A 1 40 GLU 40 39 39 GLU GLU A . n 
A 1 41 LEU 41 40 40 LEU LEU A . n 
A 1 42 SER 42 41 41 SER SER A . n 
A 1 43 HIS 43 42 42 HIS HIS A . n 
A 1 44 PHE 44 43 43 PHE PHE A . n 
A 1 45 LEU 45 44 44 LEU LEU A . n 
A 1 46 GLU 46 45 45 GLU GLU A . n 
A 1 47 GLU 47 46 46 GLU GLU A . n 
A 1 48 ILE 48 47 47 ILE ILE A . n 
A 1 49 LYS 49 48 48 LYS LYS A . n 
A 1 50 GLU 50 49 49 GLU GLU A . n 
A 1 51 GLN 51 50 50 GLN GLN A . n 
A 1 52 GLU 52 51 51 GLU GLU A . n 
A 1 53 VAL 53 52 52 VAL VAL A . n 
A 1 54 VAL 54 53 53 VAL VAL A . n 
A 1 55 ASP 55 54 54 ASP ASP A . n 
A 1 56 LYS 56 55 55 LYS LYS A . n 
A 1 57 VAL 57 56 56 VAL VAL A . n 
A 1 58 MET 58 57 57 MET MET A . n 
A 1 59 GLU 59 58 58 GLU GLU A . n 
A 1 60 THR 60 59 59 THR THR A . n 
A 1 61 LEU 61 60 60 LEU LEU A . n 
A 1 62 ASP 62 61 61 ASP ASP A . n 
A 1 63 SER 63 62 62 SER SER A . n 
A 1 64 ASP 64 63 63 ASP ASP A . n 
A 1 65 GLY 65 64 64 GLY GLY A . n 
A 1 66 ASP 66 65 65 ASP ASP A . n 
A 1 67 GLY 67 66 66 GLY GLY A . n 
A 1 68 GLU 68 67 67 GLU GLU A . n 
A 1 69 CYS 69 68 68 CYS CYS A . n 
A 1 70 ASP 70 69 69 ASP ASP A . n 
A 1 71 PHE 71 70 70 PHE PHE A . n 
A 1 72 GLN 72 71 71 GLN GLN A . n 
A 1 73 GLU 73 72 72 GLU GLU A . n 
A 1 74 PHE 74 73 73 PHE PHE A . n 
A 1 75 MET 75 74 74 MET MET A . n 
A 1 76 ALA 76 75 75 ALA ALA A . n 
A 1 77 PHE 77 76 76 PHE PHE A . n 
A 1 78 VAL 78 77 77 VAL VAL A . n 
A 1 79 ALA 79 78 78 ALA ALA A . n 
A 1 80 MET 80 79 79 MET MET A . n 
A 1 81 ILE 81 80 80 ILE ILE A . n 
A 1 82 THR 82 81 81 THR THR A . n 
A 1 83 THR 83 82 82 THR THR A . n 
A 1 84 ALA 84 83 83 ALA ALA A . n 
A 1 85 CYS 85 84 84 CYS CYS A . n 
A 1 86 HIS 86 85 85 HIS HIS A . n 
A 1 87 GLU 87 86 86 GLU GLU A . n 
A 1 88 PHE 88 87 87 PHE PHE A . n 
A 1 89 PHE 89 88 88 PHE PHE A . n 
A 1 90 GLU 90 89 89 GLU GLU A . n 
A 1 91 HIS 91 90 90 HIS HIS A . n 
A 1 92 GLU 92 91 91 GLU GLU A . n 
# 
loop_
_pdbx_nonpoly_scheme.asym_id 
_pdbx_nonpoly_scheme.entity_id 
_pdbx_nonpoly_scheme.mon_id 
_pdbx_nonpoly_scheme.ndb_seq_num 
_pdbx_nonpoly_scheme.pdb_seq_num 
_pdbx_nonpoly_scheme.auth_seq_num 
_pdbx_nonpoly_scheme.pdb_mon_id 
_pdbx_nonpoly_scheme.auth_mon_id 
_pdbx_nonpoly_scheme.pdb_strand_id 
_pdbx_nonpoly_scheme.pdb_ins_code 
B 2 ODN 1   101 200 ODN ODN A . 
C 3 CA  1   102 1   CA  CA  A . 
D 3 CA  1   103 1   CA  CA  A . 
E 3 CA  1   104 1   CA  CA  A . 
F 4 HOH 1   201 130 HOH HOH A . 
F 4 HOH 2   202 110 HOH HOH A . 
F 4 HOH 3   203 133 HOH HOH A . 
F 4 HOH 4   204 98  HOH HOH A . 
F 4 HOH 5   205 74  HOH HOH A . 
F 4 HOH 6   206 95  HOH HOH A . 
F 4 HOH 7   207 91  HOH HOH A . 
F 4 HOH 8   208 65  HOH HOH A . 
F 4 HOH 9   209 47  HOH HOH A . 
F 4 HOH 10  210 105 HOH HOH A . 
F 4 HOH 11  211 2   HOH HOH A . 
F 4 HOH 12  212 118 HOH HOH A . 
F 4 HOH 13  213 129 HOH HOH A . 
F 4 HOH 14  214 73  HOH HOH A . 
F 4 HOH 15  215 48  HOH HOH A . 
F 4 HOH 16  216 135 HOH HOH A . 
F 4 HOH 17  217 24  HOH HOH A . 
F 4 HOH 18  218 32  HOH HOH A . 
F 4 HOH 19  219 23  HOH HOH A . 
F 4 HOH 20  220 101 HOH HOH A . 
F 4 HOH 21  221 27  HOH HOH A . 
F 4 HOH 22  222 12  HOH HOH A . 
F 4 HOH 23  223 7   HOH HOH A . 
F 4 HOH 24  224 16  HOH HOH A . 
F 4 HOH 25  225 112 HOH HOH A . 
F 4 HOH 26  226 6   HOH HOH A . 
F 4 HOH 27  227 87  HOH HOH A . 
F 4 HOH 28  228 66  HOH HOH A . 
F 4 HOH 29  229 29  HOH HOH A . 
F 4 HOH 30  230 69  HOH HOH A . 
F 4 HOH 31  231 35  HOH HOH A . 
F 4 HOH 32  232 120 HOH HOH A . 
F 4 HOH 33  233 17  HOH HOH A . 
F 4 HOH 34  234 13  HOH HOH A . 
F 4 HOH 35  235 5   HOH HOH A . 
F 4 HOH 36  236 108 HOH HOH A . 
F 4 HOH 37  237 99  HOH HOH A . 
F 4 HOH 38  238 54  HOH HOH A . 
F 4 HOH 39  239 51  HOH HOH A . 
F 4 HOH 40  240 55  HOH HOH A . 
F 4 HOH 41  241 39  HOH HOH A . 
F 4 HOH 42  242 21  HOH HOH A . 
F 4 HOH 43  243 33  HOH HOH A . 
F 4 HOH 44  244 38  HOH HOH A . 
F 4 HOH 45  245 25  HOH HOH A . 
F 4 HOH 46  246 114 HOH HOH A . 
F 4 HOH 47  247 76  HOH HOH A . 
F 4 HOH 48  248 53  HOH HOH A . 
F 4 HOH 49  249 28  HOH HOH A . 
F 4 HOH 50  250 113 HOH HOH A . 
F 4 HOH 51  251 123 HOH HOH A . 
F 4 HOH 52  252 77  HOH HOH A . 
F 4 HOH 53  253 78  HOH HOH A . 
F 4 HOH 54  254 63  HOH HOH A . 
F 4 HOH 55  255 45  HOH HOH A . 
F 4 HOH 56  256 72  HOH HOH A . 
F 4 HOH 57  257 67  HOH HOH A . 
F 4 HOH 58  258 94  HOH HOH A . 
F 4 HOH 59  259 111 HOH HOH A . 
F 4 HOH 60  260 89  HOH HOH A . 
F 4 HOH 61  261 134 HOH HOH A . 
F 4 HOH 62  262 70  HOH HOH A . 
F 4 HOH 63  263 19  HOH HOH A . 
F 4 HOH 64  264 22  HOH HOH A . 
F 4 HOH 65  265 88  HOH HOH A . 
F 4 HOH 66  266 60  HOH HOH A . 
F 4 HOH 67  267 90  HOH HOH A . 
F 4 HOH 68  268 68  HOH HOH A . 
F 4 HOH 69  269 115 HOH HOH A . 
F 4 HOH 70  270 71  HOH HOH A . 
F 4 HOH 71  271 30  HOH HOH A . 
F 4 HOH 72  272 61  HOH HOH A . 
F 4 HOH 73  273 36  HOH HOH A . 
F 4 HOH 74  274 122 HOH HOH A . 
F 4 HOH 75  275 49  HOH HOH A . 
F 4 HOH 76  276 52  HOH HOH A . 
F 4 HOH 77  277 50  HOH HOH A . 
F 4 HOH 78  278 41  HOH HOH A . 
F 4 HOH 79  279 79  HOH HOH A . 
F 4 HOH 80  280 44  HOH HOH A . 
F 4 HOH 81  281 97  HOH HOH A . 
F 4 HOH 82  282 102 HOH HOH A . 
F 4 HOH 83  283 136 HOH HOH A . 
F 4 HOH 84  284 109 HOH HOH A . 
F 4 HOH 85  285 81  HOH HOH A . 
F 4 HOH 86  286 59  HOH HOH A . 
F 4 HOH 87  287 82  HOH HOH A . 
F 4 HOH 88  288 56  HOH HOH A . 
F 4 HOH 89  289 125 HOH HOH A . 
F 4 HOH 90  290 57  HOH HOH A . 
F 4 HOH 91  291 34  HOH HOH A . 
F 4 HOH 92  292 117 HOH HOH A . 
F 4 HOH 93  293 137 HOH HOH A . 
F 4 HOH 94  294 116 HOH HOH A . 
F 4 HOH 95  295 121 HOH HOH A . 
F 4 HOH 96  296 1   HOH HOH A . 
F 4 HOH 97  297 3   HOH HOH A . 
F 4 HOH 98  298 4   HOH HOH A . 
F 4 HOH 99  299 8   HOH HOH A . 
F 4 HOH 100 300 9   HOH HOH A . 
F 4 HOH 101 301 10  HOH HOH A . 
F 4 HOH 102 302 11  HOH HOH A . 
F 4 HOH 103 303 14  HOH HOH A . 
F 4 HOH 104 304 15  HOH HOH A . 
F 4 HOH 105 305 18  HOH HOH A . 
F 4 HOH 106 306 20  HOH HOH A . 
F 4 HOH 107 307 26  HOH HOH A . 
F 4 HOH 108 308 31  HOH HOH A . 
F 4 HOH 109 309 37  HOH HOH A . 
F 4 HOH 110 310 40  HOH HOH A . 
F 4 HOH 111 311 42  HOH HOH A . 
F 4 HOH 112 312 43  HOH HOH A . 
F 4 HOH 113 313 46  HOH HOH A . 
F 4 HOH 114 314 58  HOH HOH A . 
F 4 HOH 115 315 62  HOH HOH A . 
F 4 HOH 116 316 64  HOH HOH A . 
F 4 HOH 117 317 75  HOH HOH A . 
F 4 HOH 118 318 80  HOH HOH A . 
F 4 HOH 119 319 83  HOH HOH A . 
F 4 HOH 120 320 84  HOH HOH A . 
F 4 HOH 121 321 85  HOH HOH A . 
F 4 HOH 122 322 86  HOH HOH A . 
F 4 HOH 123 323 92  HOH HOH A . 
F 4 HOH 124 324 93  HOH HOH A . 
F 4 HOH 125 325 96  HOH HOH A . 
F 4 HOH 126 326 100 HOH HOH A . 
F 4 HOH 127 327 103 HOH HOH A . 
F 4 HOH 128 328 104 HOH HOH A . 
F 4 HOH 129 329 106 HOH HOH A . 
F 4 HOH 130 330 107 HOH HOH A . 
F 4 HOH 131 331 119 HOH HOH A . 
F 4 HOH 132 332 124 HOH HOH A . 
F 4 HOH 133 333 126 HOH HOH A . 
F 4 HOH 134 334 127 HOH HOH A . 
F 4 HOH 135 335 128 HOH HOH A . 
F 4 HOH 136 336 131 HOH HOH A . 
F 4 HOH 137 337 132 HOH HOH A . 
# 
loop_
_software.citation_id 
_software.classification 
_software.compiler_name 
_software.compiler_version 
_software.contact_author 
_software.contact_author_email 
_software.date 
_software.description 
_software.dependencies 
_software.hardware 
_software.language 
_software.location 
_software.mods 
_software.name 
_software.os 
_software.os_version 
_software.type 
_software.version 
_software.pdbx_ordinal 
? 'data scaling'    . . . . . . . . . . . SCALA       . . . 3.3.20                        1 
? 'data scaling'    . . . . . . . . . . . XDS         . . . .                             2 
? 'data extraction' . . . . . . . . . . . PDB_EXTRACT . . . 3.14                          3 
? refinement        . . . . . . . . . . . PHENIX      . . . '(phenix.refine: 1.8.1_1168)' 4 
? 'data collection' . . . . . . . . . . . Blu-Ice     . . . .                             5 
? 'data scaling'    ? ? ? ? ? ? ? ? ? ? ? XSCALE      ? ? ? .                             6 
# 
_cell.length_a           34.638 
_cell.length_b           90.018 
_cell.length_c           60.796 
_cell.angle_alpha        90.000 
_cell.angle_beta         90.000 
_cell.angle_gamma        90.000 
_cell.entry_id           4PE7 
_cell.Z_PDB              8 
_cell.pdbx_unique_axis   ? 
# 
_symmetry.entry_id                         4PE7 
_symmetry.cell_setting                     . 
_symmetry.Int_Tables_number                20 
_symmetry.space_group_name_Hall            . 
_symmetry.space_group_name_H-M             'C 2 2 21' 
_symmetry.pdbx_full_space_group_name_H-M   . 
# 
_exptl.absorpt_coefficient_mu     . 
_exptl.absorpt_correction_T_max   . 
_exptl.absorpt_correction_T_min   . 
_exptl.absorpt_correction_type    . 
_exptl.absorpt_process_details    . 
_exptl.entry_id                   4PE7 
_exptl.crystals_number            1 
_exptl.details                    . 
_exptl.method                     'X-RAY DIFFRACTION' 
_exptl.method_details             . 
# 
_exptl_crystal.colour                      . 
_exptl_crystal.density_diffrn              . 
_exptl_crystal.density_Matthews            2.22 
_exptl_crystal.density_method              . 
_exptl_crystal.density_percent_sol         44.55 
_exptl_crystal.description                 . 
_exptl_crystal.F_000                       . 
_exptl_crystal.id                          1 
_exptl_crystal.preparation                 . 
_exptl_crystal.size_max                    . 
_exptl_crystal.size_mid                    . 
_exptl_crystal.size_min                    . 
_exptl_crystal.size_rad                    . 
_exptl_crystal.colour_lustre               . 
_exptl_crystal.colour_modifier             . 
_exptl_crystal.colour_primary              . 
_exptl_crystal.density_meas                . 
_exptl_crystal.density_meas_esd            . 
_exptl_crystal.density_meas_gt             . 
_exptl_crystal.density_meas_lt             . 
_exptl_crystal.density_meas_temp           . 
_exptl_crystal.density_meas_temp_esd       . 
_exptl_crystal.density_meas_temp_gt        . 
_exptl_crystal.density_meas_temp_lt        . 
_exptl_crystal.pdbx_crystal_image_url      . 
_exptl_crystal.pdbx_crystal_image_format   . 
_exptl_crystal.pdbx_mosaicity              . 
_exptl_crystal.pdbx_mosaicity_esd          . 
# 
_exptl_crystal_grow.apparatus       . 
_exptl_crystal_grow.atmosphere      . 
_exptl_crystal_grow.crystal_id      1 
_exptl_crystal_grow.details         . 
_exptl_crystal_grow.method          'VAPOR DIFFUSION, SITTING DROP' 
_exptl_crystal_grow.method_ref      . 
_exptl_crystal_grow.pH              8.0 
_exptl_crystal_grow.pressure        . 
_exptl_crystal_grow.pressure_esd    . 
_exptl_crystal_grow.seeding         . 
_exptl_crystal_grow.seeding_ref     . 
_exptl_crystal_grow.temp            295 
_exptl_crystal_grow.temp_details    . 
_exptl_crystal_grow.temp_esd        . 
_exptl_crystal_grow.time            . 
_exptl_crystal_grow.pdbx_details    '40% 2-methyl-2,4-pentanediol, 0.1M Tris,7.5mM CaCl2, 4mM SC1982' 
_exptl_crystal_grow.pdbx_pH_range   . 
# 
_diffrn.ambient_environment    . 
_diffrn.ambient_temp           100 
_diffrn.ambient_temp_details   . 
_diffrn.ambient_temp_esd       . 
_diffrn.crystal_id             1 
_diffrn.crystal_support        . 
_diffrn.crystal_treatment      . 
_diffrn.details                . 
_diffrn.id                     1 
_diffrn.ambient_pressure       . 
_diffrn.ambient_pressure_esd   . 
_diffrn.ambient_pressure_gt    . 
_diffrn.ambient_pressure_lt    . 
_diffrn.ambient_temp_gt        . 
_diffrn.ambient_temp_lt        . 
# 
_diffrn_detector.details                      . 
_diffrn_detector.detector                     CCD 
_diffrn_detector.diffrn_id                    1 
_diffrn_detector.type                         'ADSC QUANTUM 315' 
_diffrn_detector.area_resol_mean              . 
_diffrn_detector.dtime                        . 
_diffrn_detector.pdbx_frames_total            . 
_diffrn_detector.pdbx_collection_time_total   . 
_diffrn_detector.pdbx_collection_date         2013-04-25 
# 
_diffrn_radiation.collimation                      . 
_diffrn_radiation.diffrn_id                        1 
_diffrn_radiation.filter_edge                      . 
_diffrn_radiation.inhomogeneity                    . 
_diffrn_radiation.monochromator                    . 
_diffrn_radiation.polarisn_norm                    . 
_diffrn_radiation.polarisn_ratio                   . 
_diffrn_radiation.probe                            . 
_diffrn_radiation.type                             . 
_diffrn_radiation.xray_symbol                      . 
_diffrn_radiation.wavelength_id                    1 
_diffrn_radiation.pdbx_monochromatic_or_laue_m_l   M 
_diffrn_radiation.pdbx_wavelength_list             . 
_diffrn_radiation.pdbx_wavelength                  . 
_diffrn_radiation.pdbx_diffrn_protocol             'SINGLE WAVELENGTH' 
_diffrn_radiation.pdbx_analyzer                    . 
_diffrn_radiation.pdbx_scattering_type             x-ray 
# 
_diffrn_radiation_wavelength.id           1 
_diffrn_radiation_wavelength.wavelength   1.1271 
_diffrn_radiation_wavelength.wt           1.0 
# 
_diffrn_source.current                     . 
_diffrn_source.details                     . 
_diffrn_source.diffrn_id                   1 
_diffrn_source.power                       . 
_diffrn_source.size                        . 
_diffrn_source.source                      SYNCHROTRON 
_diffrn_source.target                      . 
_diffrn_source.type                        'SSRL BEAMLINE BL7-1' 
_diffrn_source.voltage                     . 
_diffrn_source.take-off_angle              . 
_diffrn_source.pdbx_wavelength_list        1.1271 
_diffrn_source.pdbx_wavelength             . 
_diffrn_source.pdbx_synchrotron_beamline   BL7-1 
_diffrn_source.pdbx_synchrotron_site       SSRL 
# 
_reflns.B_iso_Wilson_estimate            . 
_reflns.entry_id                         4PE7 
_reflns.data_reduction_details           . 
_reflns.data_reduction_method            . 
_reflns.d_resolution_high                1.652 
_reflns.d_resolution_low                 32.327 
_reflns.details                          . 
_reflns.limit_h_max                      . 
_reflns.limit_h_min                      . 
_reflns.limit_k_max                      . 
_reflns.limit_k_min                      . 
_reflns.limit_l_max                      . 
_reflns.limit_l_min                      . 
_reflns.number_all                       11752 
_reflns.number_obs                       11752 
_reflns.observed_criterion               . 
_reflns.observed_criterion_F_max         . 
_reflns.observed_criterion_F_min         . 
_reflns.observed_criterion_I_max         . 
_reflns.observed_criterion_I_min         . 
_reflns.observed_criterion_sigma_F       . 
_reflns.observed_criterion_sigma_I       . 
_reflns.percent_possible_obs             99.900 
_reflns.R_free_details                   . 
_reflns.Rmerge_F_all                     . 
_reflns.Rmerge_F_obs                     . 
_reflns.Friedel_coverage                 . 
_reflns.number_gt                        . 
_reflns.threshold_expression             . 
_reflns.pdbx_redundancy                  4.700 
_reflns.pdbx_Rmerge_I_obs                . 
_reflns.pdbx_Rmerge_I_all                . 
_reflns.pdbx_Rsym_value                  0.045 
_reflns.pdbx_netI_over_av_sigmaI         13.915 
_reflns.pdbx_netI_over_sigmaI            22.700 
_reflns.pdbx_res_netI_over_av_sigmaI_2   . 
_reflns.pdbx_res_netI_over_sigmaI_2      . 
_reflns.pdbx_chi_squared                 . 
_reflns.pdbx_scaling_rejects             . 
_reflns.pdbx_d_res_high_opt              . 
_reflns.pdbx_d_res_low_opt               . 
_reflns.pdbx_d_res_opt_method            . 
_reflns.phase_calculation_details        . 
_reflns.pdbx_Rrim_I_all                  0.051 
_reflns.pdbx_Rpim_I_all                  0.023 
_reflns.pdbx_d_opt                       . 
_reflns.pdbx_number_measured_all         55035 
_reflns.pdbx_diffrn_id                   1 
_reflns.pdbx_ordinal                     1 
# 
loop_
_reflns_shell.d_res_high 
_reflns_shell.d_res_low 
_reflns_shell.meanI_over_sigI_all 
_reflns_shell.meanI_over_sigI_obs 
_reflns_shell.number_measured_all 
_reflns_shell.number_measured_obs 
_reflns_shell.number_possible 
_reflns_shell.number_unique_all 
_reflns_shell.number_unique_obs 
_reflns_shell.percent_possible_all 
_reflns_shell.percent_possible_obs 
_reflns_shell.Rmerge_F_all 
_reflns_shell.Rmerge_F_obs 
_reflns_shell.Rmerge_I_all 
_reflns_shell.Rmerge_I_obs 
_reflns_shell.meanI_over_sigI_gt 
_reflns_shell.meanI_over_uI_all 
_reflns_shell.meanI_over_uI_gt 
_reflns_shell.number_measured_gt 
_reflns_shell.number_unique_gt 
_reflns_shell.percent_possible_gt 
_reflns_shell.Rmerge_F_gt 
_reflns_shell.Rmerge_I_gt 
_reflns_shell.pdbx_redundancy 
_reflns_shell.pdbx_Rsym_value 
_reflns_shell.pdbx_chi_squared 
_reflns_shell.pdbx_netI_over_sigmaI_all 
_reflns_shell.pdbx_netI_over_sigmaI_obs 
_reflns_shell.pdbx_Rrim_I_all 
_reflns_shell.pdbx_Rpim_I_all 
_reflns_shell.pdbx_rejects 
_reflns_shell.pdbx_ordinal 
_reflns_shell.pdbx_diffrn_id 
1.652 1.740  . 1.300  7875 . . 1673 . 99.800  . . . . 0.613 . . . . . . . . 4.700 0.613 . . 2.600  . 0.310 0 1  1 
1.740 1.850  . 2.200  7596 . . 1594 . 99.900  . . . . 0.347 . . . . . . . . 4.800 0.347 . . 4.600  . 0.175 0 2  1 
1.850 1.980  . 4.100  7129 . . 1498 . 100.000 . . . . 0.189 . . . . . . . . 4.800 0.189 . . 8.000  . 0.095 0 3  1 
1.980 2.130  . 8.000  6695 . . 1407 . 100.000 . . . . 0.098 . . . . . . . . 4.800 0.098 . . 14.300 . 0.049 0 4  1 
2.130 2.340  . 12.100 6205 . . 1301 . 100.000 . . . . 0.063 . . . . . . . . 4.800 0.063 . . 21.200 . 0.032 0 5  1 
2.340 2.610  . 15.600 5578 . . 1183 . 100.000 . . . . 0.048 . . . . . . . . 4.700 0.048 . . 26.700 . 0.025 0 6  1 
2.610 3.020  . 18.800 4829 . . 1062 . 99.700  . . . . 0.036 . . . . . . . . 4.500 0.036 . . 37.200 . 0.018 0 7  1 
3.020 3.700  . 30.900 4021 . . 893  . 99.700  . . . . 0.021 . . . . . . . . 4.500 0.021 . . 53.200 . 0.011 0 8  1 
3.700 5.230  . 38.700 3327 . . 714  . 99.900  . . . . 0.016 . . . . . . . . 4.700 0.016 . . 70.600 . 0.008 0 9  1 
5.230 32.327 . 22.400 1780 . . 427  . 99.700  . . . . 0.018 . . . . . . . . 4.200 0.018 . . 60.900 . 0.010 0 10 1 
# 
_refine.aniso_B[1][1]                            . 
_refine.aniso_B[1][2]                            . 
_refine.aniso_B[1][3]                            . 
_refine.aniso_B[2][2]                            . 
_refine.aniso_B[2][3]                            . 
_refine.aniso_B[3][3]                            . 
_refine.B_iso_max                                51.780 
_refine.B_iso_mean                               20.6743 
_refine.B_iso_min                                9.800 
_refine.correlation_coeff_Fo_to_Fc               . 
_refine.correlation_coeff_Fo_to_Fc_free          . 
_refine.details                                  . 
_refine.diff_density_max                         . 
_refine.diff_density_max_esd                     . 
_refine.diff_density_min                         . 
_refine.diff_density_min_esd                     . 
_refine.diff_density_rms                         . 
_refine.diff_density_rms_esd                     . 
_refine.entry_id                                 4PE7 
_refine.pdbx_refine_id                           'X-RAY DIFFRACTION' 
_refine.ls_abs_structure_details                 . 
_refine.ls_abs_structure_Flack                   . 
_refine.ls_abs_structure_Flack_esd               . 
_refine.ls_abs_structure_Rogers                  . 
_refine.ls_abs_structure_Rogers_esd              . 
_refine.ls_d_res_high                            1.6520 
_refine.ls_d_res_low                             32.3270 
_refine.ls_extinction_coef                       . 
_refine.ls_extinction_coef_esd                   . 
_refine.ls_extinction_expression                 . 
_refine.ls_extinction_method                     . 
_refine.ls_goodness_of_fit_all                   . 
_refine.ls_goodness_of_fit_all_esd               . 
_refine.ls_goodness_of_fit_obs                   . 
_refine.ls_goodness_of_fit_obs_esd               . 
_refine.ls_hydrogen_treatment                    . 
_refine.ls_matrix_type                           . 
_refine.ls_number_constraints                    . 
_refine.ls_number_parameters                     . 
_refine.ls_number_reflns_all                     . 
_refine.ls_number_reflns_obs                     11731 
_refine.ls_number_reflns_R_free                  1173 
_refine.ls_number_reflns_R_work                  10558 
_refine.ls_number_restraints                     . 
_refine.ls_percent_reflns_obs                    99.8100 
_refine.ls_percent_reflns_R_free                 10.0000 
_refine.ls_R_factor_all                          . 
_refine.ls_R_factor_obs                          0.1767 
_refine.ls_R_factor_R_free                       0.2144 
_refine.ls_R_factor_R_free_error                 . 
_refine.ls_R_factor_R_free_error_details         . 
_refine.ls_R_factor_R_work                       0.1727 
_refine.ls_R_Fsqd_factor_obs                     . 
_refine.ls_R_I_factor_obs                        . 
_refine.ls_redundancy_reflns_all                 . 
_refine.ls_redundancy_reflns_obs                 . 
_refine.ls_restrained_S_all                      . 
_refine.ls_restrained_S_obs                      . 
_refine.ls_shift_over_esd_max                    . 
_refine.ls_shift_over_esd_mean                   . 
_refine.ls_structure_factor_coef                 . 
_refine.ls_weighting_details                     . 
_refine.ls_weighting_scheme                      . 
_refine.ls_wR_factor_all                         . 
_refine.ls_wR_factor_obs                         . 
_refine.ls_wR_factor_R_free                      . 
_refine.ls_wR_factor_R_work                      . 
_refine.occupancy_max                            . 
_refine.occupancy_min                            . 
_refine.overall_SU_B                             . 
_refine.overall_SU_ML                            0.1500 
_refine.overall_SU_R_Cruickshank_DPI             . 
_refine.overall_SU_R_free                        . 
_refine.overall_FOM_free_R_set                   . 
_refine.overall_FOM_work_R_set                   . 
_refine.solvent_model_details                    'FLAT BULK SOLVENT MODEL' 
_refine.solvent_model_param_bsol                 . 
_refine.solvent_model_param_ksol                 . 
_refine.ls_R_factor_gt                           . 
_refine.ls_goodness_of_fit_gt                    . 
_refine.ls_goodness_of_fit_ref                   . 
_refine.ls_shift_over_su_max                     . 
_refine.ls_shift_over_su_max_lt                  . 
_refine.ls_shift_over_su_mean                    . 
_refine.ls_shift_over_su_mean_lt                 . 
_refine.pdbx_ls_sigma_I                          . 
_refine.pdbx_ls_sigma_F                          1.350 
_refine.pdbx_ls_sigma_Fsqd                       . 
_refine.pdbx_data_cutoff_high_absF               . 
_refine.pdbx_data_cutoff_high_rms_absF           . 
_refine.pdbx_data_cutoff_low_absF                . 
_refine.pdbx_isotropic_thermal_model             . 
_refine.pdbx_ls_cross_valid_method               'FREE R-VALUE' 
_refine.pdbx_method_to_determine_struct          . 
_refine.pdbx_starting_model                      . 
_refine.pdbx_stereochemistry_target_values       ML 
_refine.pdbx_R_Free_selection_details            . 
_refine.pdbx_stereochem_target_val_spec_case     . 
_refine.pdbx_overall_ESU_R                       . 
_refine.pdbx_overall_ESU_R_Free                  . 
_refine.pdbx_solvent_vdw_probe_radii             1.1100 
_refine.pdbx_solvent_ion_probe_radii             . 
_refine.pdbx_solvent_shrinkage_radii             0.9000 
_refine.pdbx_real_space_R                        . 
_refine.pdbx_density_correlation                 . 
_refine.pdbx_pd_number_of_powder_patterns        . 
_refine.pdbx_pd_number_of_points                 . 
_refine.pdbx_pd_meas_number_of_points            . 
_refine.pdbx_pd_proc_ls_prof_R_factor            . 
_refine.pdbx_pd_proc_ls_prof_wR_factor           . 
_refine.pdbx_pd_Marquardt_correlation_coeff      . 
_refine.pdbx_pd_Fsqrd_R_factor                   . 
_refine.pdbx_pd_ls_matrix_band_width             . 
_refine.pdbx_overall_phase_error                 20.9400 
_refine.pdbx_overall_SU_R_free_Cruickshank_DPI   . 
_refine.pdbx_overall_SU_R_free_Blow_DPI          . 
_refine.pdbx_overall_SU_R_Blow_DPI               . 
_refine.pdbx_TLS_residual_ADP_flag               . 
_refine.pdbx_diffrn_id                           1 
# 
_refine_hist.cycle_id                         final 
_refine_hist.pdbx_refine_id                   'X-RAY DIFFRACTION' 
_refine_hist.d_res_high                       1.6520 
_refine_hist.d_res_low                        32.3270 
_refine_hist.pdbx_number_atoms_ligand         29 
_refine_hist.number_atoms_solvent             137 
_refine_hist.number_atoms_total               912 
_refine_hist.pdbx_number_residues_total       92 
_refine_hist.pdbx_B_iso_mean_ligand           28.82 
_refine_hist.pdbx_B_iso_mean_solvent          30.21 
_refine_hist.pdbx_number_atoms_protein        746 
_refine_hist.pdbx_number_atoms_nucleic_acid   0 
# 
loop_
_refine_ls_restr.pdbx_refine_id 
_refine_ls_restr.criterion 
_refine_ls_restr.dev_ideal 
_refine_ls_restr.dev_ideal_target 
_refine_ls_restr.number 
_refine_ls_restr.rejects 
_refine_ls_restr.type 
_refine_ls_restr.weight 
_refine_ls_restr.pdbx_restraint_function 
'X-RAY DIFFRACTION' . 0.013  . 809  . f_bond_d           . . 
'X-RAY DIFFRACTION' . 1.242  . 1108 . f_angle_d          . . 
'X-RAY DIFFRACTION' . 0.087  . 122  . f_chiral_restr     . . 
'X-RAY DIFFRACTION' . 0.003  . 135  . f_plane_restr      . . 
'X-RAY DIFFRACTION' . 16.412 . 310  . f_dihedral_angle_d . . 
# 
loop_
_refine_ls_shell.pdbx_refine_id 
_refine_ls_shell.d_res_high 
_refine_ls_shell.d_res_low 
_refine_ls_shell.number_reflns_all 
_refine_ls_shell.number_reflns_obs 
_refine_ls_shell.number_reflns_R_free 
_refine_ls_shell.number_reflns_R_work 
_refine_ls_shell.percent_reflns_obs 
_refine_ls_shell.percent_reflns_R_free 
_refine_ls_shell.R_factor_all 
_refine_ls_shell.R_factor_obs 
_refine_ls_shell.R_factor_R_free 
_refine_ls_shell.R_factor_R_free_error 
_refine_ls_shell.R_factor_R_work 
_refine_ls_shell.redundancy_reflns_all 
_refine_ls_shell.redundancy_reflns_obs 
_refine_ls_shell.wR_factor_all 
_refine_ls_shell.wR_factor_obs 
_refine_ls_shell.wR_factor_R_free 
_refine_ls_shell.wR_factor_R_work 
_refine_ls_shell.pdbx_total_number_of_bins_used 
_refine_ls_shell.pdbx_phase_error 
'X-RAY DIFFRACTION' 1.6525 1.7277  1434 . 144 1290 100.0000 . . . 0.3001 . 0.2338 . . . . . . 8 . 
'X-RAY DIFFRACTION' 1.7277 1.8187  1420 . 141 1279 100.0000 . . . 0.2092 . 0.2045 . . . . . . 8 . 
'X-RAY DIFFRACTION' 1.8187 1.9327  1465 . 147 1318 100.0000 . . . 0.2468 . 0.1824 . . . . . . 8 . 
'X-RAY DIFFRACTION' 1.9327 2.0819  1443 . 145 1298 100.0000 . . . 0.2196 . 0.1666 . . . . . . 8 . 
'X-RAY DIFFRACTION' 2.0819 2.2913  1467 . 146 1321 100.0000 . . . 0.1915 . 0.1561 . . . . . . 8 . 
'X-RAY DIFFRACTION' 2.2913 2.6228  1461 . 146 1315 100.0000 . . . 0.1969 . 0.1660 . . . . . . 8 . 
'X-RAY DIFFRACTION' 2.6228 3.3039  1474 . 148 1326 99.0000  . . . 0.2180 . 0.1694 . . . . . . 8 . 
'X-RAY DIFFRACTION' 3.3039 32.3335 1567 . 156 1411 100.0000 . . . 0.2109 . 0.1706 . . . . . . 8 . 
# 
_struct.entry_id                     4PE7 
_struct.title                        'Crystal Structure of Calcium-loaded S100B bound to SC1982' 
_struct.pdbx_model_details           . 
_struct.pdbx_formula_weight          . 
_struct.pdbx_formula_weight_method   . 
_struct.pdbx_model_type_details      . 
_struct.pdbx_CASP_flag               . 
# 
_struct_keywords.entry_id        4PE7 
_struct_keywords.text            
'malignant melanoma, calcium binding, complex, covalent inhibitor, METAL BINDING PROTEIN-INHIBITOR complex' 
_struct_keywords.pdbx_keywords   'METAL BINDING PROTEIN/INHIBITOR' 
# 
loop_
_struct_asym.id 
_struct_asym.pdbx_blank_PDB_chainid_flag 
_struct_asym.pdbx_modified 
_struct_asym.entity_id 
_struct_asym.details 
A N N 1 ? 
B N N 2 ? 
C N N 3 ? 
D N N 3 ? 
E N N 3 ? 
F N N 4 ? 
# 
_struct_ref.db_code                    S100B_BOVIN 
_struct_ref.db_name                    UNP 
_struct_ref.details                    ? 
_struct_ref.entity_id                  1 
_struct_ref.id                         1 
_struct_ref.seq_align                  ? 
_struct_ref.seq_dif                    ? 
_struct_ref.pdbx_db_accession          P02638 
_struct_ref.pdbx_seq_one_letter_code   
;MSELEKAVVALIDVFHQYSGREGDKHKLKKSELKELINNELSHFLEEIKEQEVVDKVMETLDSDGDGECDFQEFMAFVAM
ITTACHEFFEHE
;
_struct_ref.pdbx_align_begin           1 
_struct_ref.pdbx_align_end             ? 
_struct_ref.pdbx_db_isoform            ? 
# 
_struct_ref_seq.align_id                      1 
_struct_ref_seq.ref_id                        1 
_struct_ref_seq.pdbx_PDB_id_code              4PE7 
_struct_ref_seq.pdbx_strand_id                A 
_struct_ref_seq.seq_align_beg                 1 
_struct_ref_seq.pdbx_seq_align_beg_ins_code   ? 
_struct_ref_seq.seq_align_end                 92 
_struct_ref_seq.pdbx_seq_align_end_ins_code   ? 
_struct_ref_seq.pdbx_db_accession             P02638 
_struct_ref_seq.db_align_beg                  1 
_struct_ref_seq.pdbx_db_align_beg_ins_code    ? 
_struct_ref_seq.db_align_end                  92 
_struct_ref_seq.pdbx_db_align_end_ins_code    ? 
_struct_ref_seq.pdbx_auth_seq_align_beg       0 
_struct_ref_seq.pdbx_auth_seq_align_end       91 
# 
_pdbx_struct_assembly.id                   1 
_pdbx_struct_assembly.details              author_and_software_defined_assembly 
_pdbx_struct_assembly.method_details       PISA 
_pdbx_struct_assembly.oligomeric_details   dimeric 
_pdbx_struct_assembly.oligomeric_count     2 
# 
loop_
_pdbx_struct_assembly_prop.biol_id 
_pdbx_struct_assembly_prop.type 
_pdbx_struct_assembly_prop.value 
_pdbx_struct_assembly_prop.details 
1 'ABSA (A^2)' 3620 ? 
1 MORE         -97  ? 
1 'SSA (A^2)'  9960 ? 
# 
_pdbx_struct_assembly_gen.assembly_id       1 
_pdbx_struct_assembly_gen.oper_expression   1,2 
_pdbx_struct_assembly_gen.asym_id_list      A,B,C,D,E,F 
# 
loop_
_pdbx_struct_oper_list.id 
_pdbx_struct_oper_list.type 
_pdbx_struct_oper_list.name 
_pdbx_struct_oper_list.symmetry_operation 
_pdbx_struct_oper_list.matrix[1][1] 
_pdbx_struct_oper_list.matrix[1][2] 
_pdbx_struct_oper_list.matrix[1][3] 
_pdbx_struct_oper_list.vector[1] 
_pdbx_struct_oper_list.matrix[2][1] 
_pdbx_struct_oper_list.matrix[2][2] 
_pdbx_struct_oper_list.matrix[2][3] 
_pdbx_struct_oper_list.vector[2] 
_pdbx_struct_oper_list.matrix[3][1] 
_pdbx_struct_oper_list.matrix[3][2] 
_pdbx_struct_oper_list.matrix[3][3] 
_pdbx_struct_oper_list.vector[3] 
1 'identity operation'         1_555 x,y,z   1.0000000000  0.0000000000 0.0000000000  0.0000000000   0.0000000000 1.0000000000  0.0000000000  0.0000000000   0.0000000000  0.0000000000  1.0000000000 0.0000000000  
2 'crystal symmetry operation' 4_555 x,-y,-z -0.7799294749 0.2002780036 -0.5929576169 -13.4036439307 0.2002780036 -0.8177344344 -0.5396286835 -12.2665587611 -0.5929576169 -0.5396286835 0.5976639093 -9.1177998288 
# 
loop_
_struct_conf.conf_type_id 
_struct_conf.id 
_struct_conf.pdbx_PDB_helix_id 
_struct_conf.beg_label_comp_id 
_struct_conf.beg_label_asym_id 
_struct_conf.beg_label_seq_id 
_struct_conf.pdbx_beg_PDB_ins_code 
_struct_conf.end_label_comp_id 
_struct_conf.end_label_asym_id 
_struct_conf.end_label_seq_id 
_struct_conf.pdbx_end_PDB_ins_code 
_struct_conf.beg_auth_comp_id 
_struct_conf.beg_auth_asym_id 
_struct_conf.beg_auth_seq_id 
_struct_conf.end_auth_comp_id 
_struct_conf.end_auth_asym_id 
_struct_conf.end_auth_seq_id 
_struct_conf.pdbx_PDB_helix_class 
_struct_conf.details 
_struct_conf.pdbx_PDB_helix_length 
HELX_P HELX_P1 AA1 SER A 2  ? GLY A 20 ? SER A 1  GLY A 19 1 ? 19 
HELX_P HELX_P2 AA2 LYS A 29 ? LEU A 41 ? LYS A 28 LEU A 40 1 ? 13 
HELX_P HELX_P3 AA3 GLU A 50 ? ASP A 62 ? GLU A 49 ASP A 61 1 ? 13 
HELX_P HELX_P4 AA4 ASP A 70 ? HIS A 91 ? ASP A 69 HIS A 90 1 ? 22 
# 
_struct_conf_type.id          HELX_P 
_struct_conf_type.criteria    ? 
_struct_conf_type.reference   ? 
# 
loop_
_struct_conn.id 
_struct_conn.conn_type_id 
_struct_conn.pdbx_leaving_atom_flag 
_struct_conn.pdbx_PDB_id 
_struct_conn.ptnr1_label_asym_id 
_struct_conn.ptnr1_label_comp_id 
_struct_conn.ptnr1_label_seq_id 
_struct_conn.ptnr1_label_atom_id 
_struct_conn.pdbx_ptnr1_label_alt_id 
_struct_conn.pdbx_ptnr1_PDB_ins_code 
_struct_conn.pdbx_ptnr1_standard_comp_id 
_struct_conn.ptnr1_symmetry 
_struct_conn.ptnr2_label_asym_id 
_struct_conn.ptnr2_label_comp_id 
_struct_conn.ptnr2_label_seq_id 
_struct_conn.ptnr2_label_atom_id 
_struct_conn.pdbx_ptnr2_label_alt_id 
_struct_conn.pdbx_ptnr2_PDB_ins_code 
_struct_conn.ptnr1_auth_asym_id 
_struct_conn.ptnr1_auth_comp_id 
_struct_conn.ptnr1_auth_seq_id 
_struct_conn.ptnr2_auth_asym_id 
_struct_conn.ptnr2_auth_comp_id 
_struct_conn.ptnr2_auth_seq_id 
_struct_conn.ptnr2_symmetry 
_struct_conn.pdbx_ptnr3_label_atom_id 
_struct_conn.pdbx_ptnr3_label_seq_id 
_struct_conn.pdbx_ptnr3_label_comp_id 
_struct_conn.pdbx_ptnr3_label_asym_id 
_struct_conn.pdbx_ptnr3_label_alt_id 
_struct_conn.pdbx_ptnr3_PDB_ins_code 
_struct_conn.details 
_struct_conn.pdbx_dist_value 
_struct_conn.pdbx_value_order 
_struct_conn.pdbx_role 
covale1  covale none ? A CYS 85 SG  ? ? ? 1_555 B ODN . C14 ? ? A CYS 84  A ODN 101 1_555 ? ? ? ? ? ? ? 1.843 ? ? 
metalc1  metalc ?    ? A SER 19 O   ? ? ? 1_555 C CA  . CA  ? ? A SER 18  A CA  102 1_555 ? ? ? ? ? ? ? 2.334 ? ? 
metalc2  metalc ?    ? A GLU 22 O   ? ? ? 1_555 C CA  . CA  ? ? A GLU 21  A CA  102 1_555 ? ? ? ? ? ? ? 2.376 ? ? 
metalc3  metalc ?    ? A ASP 24 O   ? ? ? 1_555 C CA  . CA  ? ? A ASP 23  A CA  102 1_555 ? ? ? ? ? ? ? 2.351 ? ? 
metalc4  metalc ?    ? A LYS 27 O   ? ? ? 1_555 C CA  . CA  ? ? A LYS 26  A CA  102 1_555 ? ? ? ? ? ? ? 2.417 ? ? 
metalc5  metalc ?    ? A GLU 32 OE1 ? ? ? 1_555 C CA  . CA  ? ? A GLU 31  A CA  102 1_555 ? ? ? ? ? ? ? 2.433 ? ? 
metalc6  metalc ?    ? A GLU 32 OE2 ? ? ? 1_555 C CA  . CA  ? ? A GLU 31  A CA  102 1_555 ? ? ? ? ? ? ? 2.580 ? ? 
metalc7  metalc ?    ? A ASP 62 OD1 ? ? ? 1_555 D CA  . CA  ? ? A ASP 61  A CA  103 1_555 ? ? ? ? ? ? ? 2.303 ? ? 
metalc8  metalc ?    ? A ASP 64 OD1 ? ? ? 1_555 D CA  . CA  ? ? A ASP 63  A CA  103 1_555 ? ? ? ? ? ? ? 2.366 ? ? 
metalc9  metalc ?    ? A ASP 64 OD2 ? ? ? 1_555 E CA  . CA  ? ? A ASP 63  A CA  104 1_555 ? ? ? ? ? ? ? 2.375 ? ? 
metalc10 metalc ?    ? A ASP 66 OD1 ? ? ? 1_555 D CA  . CA  ? ? A ASP 65  A CA  103 1_555 ? ? ? ? ? ? ? 2.354 ? ? 
metalc11 metalc ?    ? A GLU 68 O   ? ? ? 1_555 D CA  . CA  ? ? A GLU 67  A CA  103 1_555 ? ? ? ? ? ? ? 2.330 ? ? 
metalc12 metalc ?    ? A ASP 70 OD2 ? ? ? 1_555 E CA  . CA  ? ? A ASP 69  A CA  104 1_555 ? ? ? ? ? ? ? 2.332 ? ? 
metalc13 metalc ?    ? A GLU 73 OE1 ? ? ? 1_555 D CA  . CA  ? ? A GLU 72  A CA  103 1_555 ? ? ? ? ? ? ? 2.421 ? ? 
metalc14 metalc ?    ? A GLU 73 OE2 ? ? ? 1_555 D CA  . CA  ? ? A GLU 72  A CA  103 1_555 ? ? ? ? ? ? ? 2.542 ? ? 
metalc15 metalc ?    ? C CA  .  CA  ? ? ? 1_555 F HOH . O   ? ? A CA  102 A HOH 299 1_555 ? ? ? ? ? ? ? 2.327 ? ? 
metalc16 metalc ?    ? D CA  .  CA  ? ? ? 1_555 F HOH . O   ? ? A CA  103 A HOH 296 1_555 ? ? ? ? ? ? ? 2.410 ? ? 
metalc17 metalc ?    ? E CA  .  CA  ? ? ? 1_555 F HOH . O   ? ? A CA  104 A HOH 208 2_454 ? ? ? ? ? ? ? 2.205 ? ? 
metalc18 metalc ?    ? E CA  .  CA  ? ? ? 1_555 F HOH . O   ? ? A CA  104 A HOH 214 2_454 ? ? ? ? ? ? ? 2.394 ? ? 
metalc19 metalc ?    ? E CA  .  CA  ? ? ? 1_555 F HOH . O   ? ? A CA  104 A HOH 216 1_555 ? ? ? ? ? ? ? 2.366 ? ? 
metalc20 metalc ?    ? E CA  .  CA  ? ? ? 1_555 F HOH . O   ? ? A CA  104 A HOH 246 1_555 ? ? ? ? ? ? ? 2.645 ? ? 
metalc21 metalc ?    ? E CA  .  CA  ? ? ? 1_555 F HOH . O   ? ? A CA  104 A HOH 278 1_555 ? ? ? ? ? ? ? 2.738 ? ? 
metalc22 metalc ?    ? E CA  .  CA  ? ? ? 1_555 F HOH . O   ? ? A CA  104 A HOH 283 1_555 ? ? ? ? ? ? ? 2.618 ? ? 
# 
loop_
_struct_conn_type.id 
_struct_conn_type.criteria 
_struct_conn_type.reference 
covale ? ? 
metalc ? ? 
# 
loop_
_pdbx_struct_conn_angle.id 
_pdbx_struct_conn_angle.ptnr1_label_atom_id 
_pdbx_struct_conn_angle.ptnr1_label_alt_id 
_pdbx_struct_conn_angle.ptnr1_label_asym_id 
_pdbx_struct_conn_angle.ptnr1_label_comp_id 
_pdbx_struct_conn_angle.ptnr1_label_seq_id 
_pdbx_struct_conn_angle.ptnr1_auth_atom_id 
_pdbx_struct_conn_angle.ptnr1_auth_asym_id 
_pdbx_struct_conn_angle.ptnr1_auth_comp_id 
_pdbx_struct_conn_angle.ptnr1_auth_seq_id 
_pdbx_struct_conn_angle.ptnr1_PDB_ins_code 
_pdbx_struct_conn_angle.ptnr1_symmetry 
_pdbx_struct_conn_angle.ptnr2_label_atom_id 
_pdbx_struct_conn_angle.ptnr2_label_alt_id 
_pdbx_struct_conn_angle.ptnr2_label_asym_id 
_pdbx_struct_conn_angle.ptnr2_label_comp_id 
_pdbx_struct_conn_angle.ptnr2_label_seq_id 
_pdbx_struct_conn_angle.ptnr2_auth_atom_id 
_pdbx_struct_conn_angle.ptnr2_auth_asym_id 
_pdbx_struct_conn_angle.ptnr2_auth_comp_id 
_pdbx_struct_conn_angle.ptnr2_auth_seq_id 
_pdbx_struct_conn_angle.ptnr2_PDB_ins_code 
_pdbx_struct_conn_angle.ptnr2_symmetry 
_pdbx_struct_conn_angle.ptnr3_label_atom_id 
_pdbx_struct_conn_angle.ptnr3_label_alt_id 
_pdbx_struct_conn_angle.ptnr3_label_asym_id 
_pdbx_struct_conn_angle.ptnr3_label_comp_id 
_pdbx_struct_conn_angle.ptnr3_label_seq_id 
_pdbx_struct_conn_angle.ptnr3_auth_atom_id 
_pdbx_struct_conn_angle.ptnr3_auth_asym_id 
_pdbx_struct_conn_angle.ptnr3_auth_comp_id 
_pdbx_struct_conn_angle.ptnr3_auth_seq_id 
_pdbx_struct_conn_angle.ptnr3_PDB_ins_code 
_pdbx_struct_conn_angle.ptnr3_symmetry 
_pdbx_struct_conn_angle.value 
_pdbx_struct_conn_angle.value_esd 
1  O   ? A SER 19 ? A SER 18  ? 1_555 CA ? C CA . ? A CA 102 ? 1_555 O   ? A GLU 22 ? A GLU 21  ? 1_555 103.5 ? 
2  O   ? A SER 19 ? A SER 18  ? 1_555 CA ? C CA . ? A CA 102 ? 1_555 O   ? A ASP 24 ? A ASP 23  ? 1_555 81.5  ? 
3  O   ? A GLU 22 ? A GLU 21  ? 1_555 CA ? C CA . ? A CA 102 ? 1_555 O   ? A ASP 24 ? A ASP 23  ? 1_555 85.5  ? 
4  O   ? A SER 19 ? A SER 18  ? 1_555 CA ? C CA . ? A CA 102 ? 1_555 O   ? A LYS 27 ? A LYS 26  ? 1_555 90.0  ? 
5  O   ? A GLU 22 ? A GLU 21  ? 1_555 CA ? C CA . ? A CA 102 ? 1_555 O   ? A LYS 27 ? A LYS 26  ? 1_555 159.7 ? 
6  O   ? A ASP 24 ? A ASP 23  ? 1_555 CA ? C CA . ? A CA 102 ? 1_555 O   ? A LYS 27 ? A LYS 26  ? 1_555 81.5  ? 
7  O   ? A SER 19 ? A SER 18  ? 1_555 CA ? C CA . ? A CA 102 ? 1_555 OE1 ? A GLU 32 ? A GLU 31  ? 1_555 101.0 ? 
8  O   ? A GLU 22 ? A GLU 21  ? 1_555 CA ? C CA . ? A CA 102 ? 1_555 OE1 ? A GLU 32 ? A GLU 31  ? 1_555 114.6 ? 
9  O   ? A ASP 24 ? A ASP 23  ? 1_555 CA ? C CA . ? A CA 102 ? 1_555 OE1 ? A GLU 32 ? A GLU 31  ? 1_555 158.0 ? 
10 O   ? A LYS 27 ? A LYS 26  ? 1_555 CA ? C CA . ? A CA 102 ? 1_555 OE1 ? A GLU 32 ? A GLU 31  ? 1_555 76.7  ? 
11 O   ? A SER 19 ? A SER 18  ? 1_555 CA ? C CA . ? A CA 102 ? 1_555 OE2 ? A GLU 32 ? A GLU 31  ? 1_555 78.0  ? 
12 O   ? A GLU 22 ? A GLU 21  ? 1_555 CA ? C CA . ? A CA 102 ? 1_555 OE2 ? A GLU 32 ? A GLU 31  ? 1_555 76.4  ? 
13 O   ? A ASP 24 ? A ASP 23  ? 1_555 CA ? C CA . ? A CA 102 ? 1_555 OE2 ? A GLU 32 ? A GLU 31  ? 1_555 148.5 ? 
14 O   ? A LYS 27 ? A LYS 26  ? 1_555 CA ? C CA . ? A CA 102 ? 1_555 OE2 ? A GLU 32 ? A GLU 31  ? 1_555 121.9 ? 
15 OE1 ? A GLU 32 ? A GLU 31  ? 1_555 CA ? C CA . ? A CA 102 ? 1_555 OE2 ? A GLU 32 ? A GLU 31  ? 1_555 51.4  ? 
16 O   ? A SER 19 ? A SER 18  ? 1_555 CA ? C CA . ? A CA 102 ? 1_555 O   ? F HOH .  ? A HOH 299 ? 1_555 168.0 ? 
17 O   ? A GLU 22 ? A GLU 21  ? 1_555 CA ? C CA . ? A CA 102 ? 1_555 O   ? F HOH .  ? A HOH 299 ? 1_555 80.7  ? 
18 O   ? A ASP 24 ? A ASP 23  ? 1_555 CA ? C CA . ? A CA 102 ? 1_555 O   ? F HOH .  ? A HOH 299 ? 1_555 87.7  ? 
19 O   ? A LYS 27 ? A LYS 26  ? 1_555 CA ? C CA . ? A CA 102 ? 1_555 O   ? F HOH .  ? A HOH 299 ? 1_555 83.2  ? 
20 OE1 ? A GLU 32 ? A GLU 31  ? 1_555 CA ? C CA . ? A CA 102 ? 1_555 O   ? F HOH .  ? A HOH 299 ? 1_555 87.1  ? 
21 OE2 ? A GLU 32 ? A GLU 31  ? 1_555 CA ? C CA . ? A CA 102 ? 1_555 O   ? F HOH .  ? A HOH 299 ? 1_555 114.0 ? 
22 OD1 ? A ASP 62 ? A ASP 61  ? 1_555 CA ? D CA . ? A CA 103 ? 1_555 OD1 ? A ASP 64 ? A ASP 63  ? 1_555 83.3  ? 
23 OD1 ? A ASP 62 ? A ASP 61  ? 1_555 CA ? D CA . ? A CA 103 ? 1_555 OD1 ? A ASP 66 ? A ASP 65  ? 1_555 85.3  ? 
24 OD1 ? A ASP 64 ? A ASP 63  ? 1_555 CA ? D CA . ? A CA 103 ? 1_555 OD1 ? A ASP 66 ? A ASP 65  ? 1_555 79.3  ? 
25 OD1 ? A ASP 62 ? A ASP 61  ? 1_555 CA ? D CA . ? A CA 103 ? 1_555 O   ? A GLU 68 ? A GLU 67  ? 1_555 85.1  ? 
26 OD1 ? A ASP 64 ? A ASP 63  ? 1_555 CA ? D CA . ? A CA 103 ? 1_555 O   ? A GLU 68 ? A GLU 67  ? 1_555 157.9 ? 
27 OD1 ? A ASP 66 ? A ASP 65  ? 1_555 CA ? D CA . ? A CA 103 ? 1_555 O   ? A GLU 68 ? A GLU 67  ? 1_555 81.1  ? 
28 OD1 ? A ASP 62 ? A ASP 61  ? 1_555 CA ? D CA . ? A CA 103 ? 1_555 OE1 ? A GLU 73 ? A GLU 72  ? 1_555 114.4 ? 
29 OD1 ? A ASP 64 ? A ASP 63  ? 1_555 CA ? D CA . ? A CA 103 ? 1_555 OE1 ? A GLU 73 ? A GLU 72  ? 1_555 123.7 ? 
30 OD1 ? A ASP 66 ? A ASP 65  ? 1_555 CA ? D CA . ? A CA 103 ? 1_555 OE1 ? A GLU 73 ? A GLU 72  ? 1_555 149.8 ? 
31 O   ? A GLU 68 ? A GLU 67  ? 1_555 CA ? D CA . ? A CA 103 ? 1_555 OE1 ? A GLU 73 ? A GLU 72  ? 1_555 78.2  ? 
32 OD1 ? A ASP 62 ? A ASP 61  ? 1_555 CA ? D CA . ? A CA 103 ? 1_555 OE2 ? A GLU 73 ? A GLU 72  ? 1_555 88.3  ? 
33 OD1 ? A ASP 64 ? A ASP 63  ? 1_555 CA ? D CA . ? A CA 103 ? 1_555 OE2 ? A GLU 73 ? A GLU 72  ? 1_555 77.1  ? 
34 OD1 ? A ASP 66 ? A ASP 65  ? 1_555 CA ? D CA . ? A CA 103 ? 1_555 OE2 ? A GLU 73 ? A GLU 72  ? 1_555 156.1 ? 
35 O   ? A GLU 68 ? A GLU 67  ? 1_555 CA ? D CA . ? A CA 103 ? 1_555 OE2 ? A GLU 73 ? A GLU 72  ? 1_555 121.3 ? 
36 OE1 ? A GLU 73 ? A GLU 72  ? 1_555 CA ? D CA . ? A CA 103 ? 1_555 OE2 ? A GLU 73 ? A GLU 72  ? 1_555 52.4  ? 
37 OD1 ? A ASP 62 ? A ASP 61  ? 1_555 CA ? D CA . ? A CA 103 ? 1_555 O   ? F HOH .  ? A HOH 296 ? 1_555 159.7 ? 
38 OD1 ? A ASP 64 ? A ASP 63  ? 1_555 CA ? D CA . ? A CA 103 ? 1_555 O   ? F HOH .  ? A HOH 296 ? 1_555 84.9  ? 
39 OD1 ? A ASP 66 ? A ASP 65  ? 1_555 CA ? D CA . ? A CA 103 ? 1_555 O   ? F HOH .  ? A HOH 296 ? 1_555 76.2  ? 
40 O   ? A GLU 68 ? A GLU 67  ? 1_555 CA ? D CA . ? A CA 103 ? 1_555 O   ? F HOH .  ? A HOH 296 ? 1_555 100.2 ? 
41 OE1 ? A GLU 73 ? A GLU 72  ? 1_555 CA ? D CA . ? A CA 103 ? 1_555 O   ? F HOH .  ? A HOH 296 ? 1_555 85.9  ? 
42 OE2 ? A GLU 73 ? A GLU 72  ? 1_555 CA ? D CA . ? A CA 103 ? 1_555 O   ? F HOH .  ? A HOH 296 ? 1_555 105.1 ? 
43 OD2 ? A ASP 64 ? A ASP 63  ? 1_555 CA ? E CA . ? A CA 104 ? 1_555 OD2 ? A ASP 70 ? A ASP 69  ? 1_555 88.0  ? 
44 OD2 ? A ASP 64 ? A ASP 63  ? 1_555 CA ? E CA . ? A CA 104 ? 1_555 O   ? F HOH .  ? A HOH 208 ? 2_454 75.8  ? 
45 OD2 ? A ASP 70 ? A ASP 69  ? 1_555 CA ? E CA . ? A CA 104 ? 1_555 O   ? F HOH .  ? A HOH 208 ? 2_454 123.5 ? 
46 OD2 ? A ASP 64 ? A ASP 63  ? 1_555 CA ? E CA . ? A CA 104 ? 1_555 O   ? F HOH .  ? A HOH 214 ? 2_454 91.5  ? 
47 OD2 ? A ASP 70 ? A ASP 69  ? 1_555 CA ? E CA . ? A CA 104 ? 1_555 O   ? F HOH .  ? A HOH 214 ? 2_454 177.1 ? 
48 O   ? F HOH .  ? A HOH 208 ? 2_454 CA ? E CA . ? A CA 104 ? 1_555 O   ? F HOH .  ? A HOH 214 ? 2_454 59.1  ? 
49 OD2 ? A ASP 64 ? A ASP 63  ? 1_555 CA ? E CA . ? A CA 104 ? 1_555 O   ? F HOH .  ? A HOH 216 ? 1_555 111.1 ? 
50 OD2 ? A ASP 70 ? A ASP 69  ? 1_555 CA ? E CA . ? A CA 104 ? 1_555 O   ? F HOH .  ? A HOH 216 ? 1_555 70.3  ? 
51 O   ? F HOH .  ? A HOH 208 ? 2_454 CA ? E CA . ? A CA 104 ? 1_555 O   ? F HOH .  ? A HOH 216 ? 1_555 165.5 ? 
52 O   ? F HOH .  ? A HOH 214 ? 2_454 CA ? E CA . ? A CA 104 ? 1_555 O   ? F HOH .  ? A HOH 216 ? 1_555 107.3 ? 
53 OD2 ? A ASP 64 ? A ASP 63  ? 1_555 CA ? E CA . ? A CA 104 ? 1_555 O   ? F HOH .  ? A HOH 246 ? 1_555 71.3  ? 
54 OD2 ? A ASP 70 ? A ASP 69  ? 1_555 CA ? E CA . ? A CA 104 ? 1_555 O   ? F HOH .  ? A HOH 246 ? 1_555 94.7  ? 
55 O   ? F HOH .  ? A HOH 208 ? 2_454 CA ? E CA . ? A CA 104 ? 1_555 O   ? F HOH .  ? A HOH 246 ? 1_555 128.0 ? 
56 O   ? F HOH .  ? A HOH 214 ? 2_454 CA ? E CA . ? A CA 104 ? 1_555 O   ? F HOH .  ? A HOH 246 ? 1_555 82.4  ? 
57 O   ? F HOH .  ? A HOH 216 ? 1_555 CA ? E CA . ? A CA 104 ? 1_555 O   ? F HOH .  ? A HOH 246 ? 1_555 48.1  ? 
58 OD2 ? A ASP 64 ? A ASP 63  ? 1_555 CA ? E CA . ? A CA 104 ? 1_555 O   ? F HOH .  ? A HOH 278 ? 1_555 148.5 ? 
59 OD2 ? A ASP 70 ? A ASP 69  ? 1_555 CA ? E CA . ? A CA 104 ? 1_555 O   ? F HOH .  ? A HOH 278 ? 1_555 83.4  ? 
60 O   ? F HOH .  ? A HOH 208 ? 2_454 CA ? E CA . ? A CA 104 ? 1_555 O   ? F HOH .  ? A HOH 278 ? 1_555 83.9  ? 
61 O   ? F HOH .  ? A HOH 214 ? 2_454 CA ? E CA . ? A CA 104 ? 1_555 O   ? F HOH .  ? A HOH 278 ? 1_555 98.6  ? 
62 O   ? F HOH .  ? A HOH 216 ? 1_555 CA ? E CA . ? A CA 104 ? 1_555 O   ? F HOH .  ? A HOH 278 ? 1_555 94.3  ? 
63 O   ? F HOH .  ? A HOH 246 ? 1_555 CA ? E CA . ? A CA 104 ? 1_555 O   ? F HOH .  ? A HOH 278 ? 1_555 139.4 ? 
64 OD2 ? A ASP 64 ? A ASP 63  ? 1_555 CA ? E CA . ? A CA 104 ? 1_555 O   ? F HOH .  ? A HOH 283 ? 1_555 142.5 ? 
65 OD2 ? A ASP 70 ? A ASP 69  ? 1_555 CA ? E CA . ? A CA 104 ? 1_555 O   ? F HOH .  ? A HOH 283 ? 1_555 101.5 ? 
66 O   ? F HOH .  ? A HOH 208 ? 2_454 CA ? E CA . ? A CA 104 ? 1_555 O   ? F HOH .  ? A HOH 283 ? 1_555 124.1 ? 
67 O   ? F HOH .  ? A HOH 214 ? 2_454 CA ? E CA . ? A CA 104 ? 1_555 O   ? F HOH .  ? A HOH 283 ? 1_555 77.2  ? 
68 O   ? F HOH .  ? A HOH 216 ? 1_555 CA ? E CA . ? A CA 104 ? 1_555 O   ? F HOH .  ? A HOH 283 ? 1_555 43.0  ? 
69 O   ? F HOH .  ? A HOH 246 ? 1_555 CA ? E CA . ? A CA 104 ? 1_555 O   ? F HOH .  ? A HOH 283 ? 1_555 71.8  ? 
70 O   ? F HOH .  ? A HOH 278 ? 1_555 CA ? E CA . ? A CA 104 ? 1_555 O   ? F HOH .  ? A HOH 283 ? 1_555 69.0  ? 
# 
_pdbx_modification_feature.ordinal                            1 
_pdbx_modification_feature.label_comp_id                      ODN 
_pdbx_modification_feature.label_asym_id                      B 
_pdbx_modification_feature.label_seq_id                       . 
_pdbx_modification_feature.label_alt_id                       ? 
_pdbx_modification_feature.modified_residue_label_comp_id     CYS 
_pdbx_modification_feature.modified_residue_label_asym_id     A 
_pdbx_modification_feature.modified_residue_label_seq_id      85 
_pdbx_modification_feature.modified_residue_label_alt_id      ? 
_pdbx_modification_feature.auth_comp_id                       ODN 
_pdbx_modification_feature.auth_asym_id                       A 
_pdbx_modification_feature.auth_seq_id                        101 
_pdbx_modification_feature.PDB_ins_code                       ? 
_pdbx_modification_feature.symmetry                           1_555 
_pdbx_modification_feature.modified_residue_auth_comp_id      CYS 
_pdbx_modification_feature.modified_residue_auth_asym_id      A 
_pdbx_modification_feature.modified_residue_auth_seq_id       84 
_pdbx_modification_feature.modified_residue_PDB_ins_code      ? 
_pdbx_modification_feature.modified_residue_symmetry          1_555 
_pdbx_modification_feature.comp_id_linking_atom               C14 
_pdbx_modification_feature.modified_residue_id_linking_atom   SG 
_pdbx_modification_feature.modified_residue_id                CYS 
_pdbx_modification_feature.ref_pcm_id                         1 
_pdbx_modification_feature.ref_comp_id                        ODN 
_pdbx_modification_feature.type                               None 
_pdbx_modification_feature.category                           'Covalent chemical modification' 
# 
loop_
_struct_site.id 
_struct_site.pdbx_evidence_code 
_struct_site.pdbx_auth_asym_id 
_struct_site.pdbx_auth_comp_id 
_struct_site.pdbx_auth_seq_id 
_struct_site.pdbx_auth_ins_code 
_struct_site.pdbx_num_residues 
_struct_site.details 
AC1 Software A ODN 101 ? 5 'binding site for residue ODN A 101' 
AC2 Software A CA  102 ? 6 'binding site for residue CA A 102'  
AC3 Software A CA  103 ? 6 'binding site for residue CA A 103'  
AC4 Software A CA  104 ? 8 'binding site for residue CA A 104'  
# 
loop_
_struct_site_gen.id 
_struct_site_gen.site_id 
_struct_site_gen.pdbx_num_res 
_struct_site_gen.label_comp_id 
_struct_site_gen.label_asym_id 
_struct_site_gen.label_seq_id 
_struct_site_gen.pdbx_auth_ins_code 
_struct_site_gen.auth_comp_id 
_struct_site_gen.auth_asym_id 
_struct_site_gen.auth_seq_id 
_struct_site_gen.label_atom_id 
_struct_site_gen.label_alt_id 
_struct_site_gen.symmetry 
_struct_site_gen.details 
1  AC1 5 MET A 1  ? MET A 0   . ? 2_555 ? 
2  AC1 5 HIS A 43 ? HIS A 42  . ? 1_555 ? 
3  AC1 5 HIS A 43 ? HIS A 42  . ? 3_555 ? 
4  AC1 5 PHE A 44 ? PHE A 43  . ? 1_555 ? 
5  AC1 5 CYS A 85 ? CYS A 84  . ? 1_555 ? 
6  AC2 6 SER A 19 ? SER A 18  . ? 1_555 ? 
7  AC2 6 GLU A 22 ? GLU A 21  . ? 1_555 ? 
8  AC2 6 ASP A 24 ? ASP A 23  . ? 1_555 ? 
9  AC2 6 LYS A 27 ? LYS A 26  . ? 1_555 ? 
10 AC2 6 GLU A 32 ? GLU A 31  . ? 1_555 ? 
11 AC2 6 HOH F .  ? HOH A 299 . ? 1_555 ? 
12 AC3 6 ASP A 62 ? ASP A 61  . ? 1_555 ? 
13 AC3 6 ASP A 64 ? ASP A 63  . ? 1_555 ? 
14 AC3 6 ASP A 66 ? ASP A 65  . ? 1_555 ? 
15 AC3 6 GLU A 68 ? GLU A 67  . ? 1_555 ? 
16 AC3 6 GLU A 73 ? GLU A 72  . ? 1_555 ? 
17 AC3 6 HOH F .  ? HOH A 296 . ? 1_555 ? 
18 AC4 8 ASP A 64 ? ASP A 63  . ? 1_555 ? 
19 AC4 8 ASP A 70 ? ASP A 69  . ? 1_555 ? 
20 AC4 8 HOH F .  ? HOH A 208 . ? 2_454 ? 
21 AC4 8 HOH F .  ? HOH A 214 . ? 2_454 ? 
22 AC4 8 HOH F .  ? HOH A 216 . ? 1_555 ? 
23 AC4 8 HOH F .  ? HOH A 246 . ? 1_555 ? 
24 AC4 8 HOH F .  ? HOH A 278 . ? 1_555 ? 
25 AC4 8 HOH F .  ? HOH A 283 . ? 1_555 ? 
# 
_pdbx_entry_details.entry_id                   4PE7 
_pdbx_entry_details.compound_details           ? 
_pdbx_entry_details.source_details             ? 
_pdbx_entry_details.nonpolymer_details         ? 
_pdbx_entry_details.sequence_details           ? 
_pdbx_entry_details.has_ligand_of_interest     ? 
_pdbx_entry_details.has_protein_modification   Y 
# 
loop_
_pdbx_validate_close_contact.id 
_pdbx_validate_close_contact.PDB_model_num 
_pdbx_validate_close_contact.auth_atom_id_1 
_pdbx_validate_close_contact.auth_asym_id_1 
_pdbx_validate_close_contact.auth_comp_id_1 
_pdbx_validate_close_contact.auth_seq_id_1 
_pdbx_validate_close_contact.PDB_ins_code_1 
_pdbx_validate_close_contact.label_alt_id_1 
_pdbx_validate_close_contact.auth_atom_id_2 
_pdbx_validate_close_contact.auth_asym_id_2 
_pdbx_validate_close_contact.auth_comp_id_2 
_pdbx_validate_close_contact.auth_seq_id_2 
_pdbx_validate_close_contact.PDB_ins_code_2 
_pdbx_validate_close_contact.label_alt_id_2 
_pdbx_validate_close_contact.dist 
1 1 O A HOH 216 ? ? O A HOH 283 ? ? 1.84 
2 1 O A HOH 269 ? ? O A HOH 282 ? ? 1.88 
3 1 O A HOH 336 ? ? O A HOH 337 ? ? 1.99 
4 1 O A HOH 216 ? ? O A HOH 246 ? ? 2.06 
5 1 O A HOH 290 ? ? O A HOH 293 ? ? 2.09 
6 1 O A HOH 221 ? ? O A HOH 253 ? ? 2.19 
# 
_pdbx_validate_symm_contact.id                1 
_pdbx_validate_symm_contact.PDB_model_num     1 
_pdbx_validate_symm_contact.auth_atom_id_1    O 
_pdbx_validate_symm_contact.auth_asym_id_1    A 
_pdbx_validate_symm_contact.auth_comp_id_1    HOH 
_pdbx_validate_symm_contact.auth_seq_id_1     204 
_pdbx_validate_symm_contact.PDB_ins_code_1    ? 
_pdbx_validate_symm_contact.label_alt_id_1    ? 
_pdbx_validate_symm_contact.site_symmetry_1   1_555 
_pdbx_validate_symm_contact.auth_atom_id_2    O 
_pdbx_validate_symm_contact.auth_asym_id_2    A 
_pdbx_validate_symm_contact.auth_comp_id_2    HOH 
_pdbx_validate_symm_contact.auth_seq_id_2     237 
_pdbx_validate_symm_contact.PDB_ins_code_2    ? 
_pdbx_validate_symm_contact.label_alt_id_2    ? 
_pdbx_validate_symm_contact.site_symmetry_2   8_545 
_pdbx_validate_symm_contact.dist              2.10 
# 
loop_
_pdbx_distant_solvent_atoms.id 
_pdbx_distant_solvent_atoms.PDB_model_num 
_pdbx_distant_solvent_atoms.auth_atom_id 
_pdbx_distant_solvent_atoms.label_alt_id 
_pdbx_distant_solvent_atoms.auth_asym_id 
_pdbx_distant_solvent_atoms.auth_comp_id 
_pdbx_distant_solvent_atoms.auth_seq_id 
_pdbx_distant_solvent_atoms.PDB_ins_code 
_pdbx_distant_solvent_atoms.neighbor_macromolecule_distance 
_pdbx_distant_solvent_atoms.neighbor_ligand_distance 
1 1 O ? A HOH 324 ? 5.81 . 
2 1 O ? A HOH 327 ? 6.02 . 
3 1 O ? A HOH 335 ? 5.81 . 
# 
loop_
_chem_comp_atom.comp_id 
_chem_comp_atom.atom_id 
_chem_comp_atom.type_symbol 
_chem_comp_atom.pdbx_aromatic_flag 
_chem_comp_atom.pdbx_stereo_config 
_chem_comp_atom.pdbx_ordinal 
ALA N    N  N N 1   
ALA CA   C  N S 2   
ALA C    C  N N 3   
ALA O    O  N N 4   
ALA CB   C  N N 5   
ALA OXT  O  N N 6   
ALA H    H  N N 7   
ALA H2   H  N N 8   
ALA HA   H  N N 9   
ALA HB1  H  N N 10  
ALA HB2  H  N N 11  
ALA HB3  H  N N 12  
ALA HXT  H  N N 13  
ARG N    N  N N 14  
ARG CA   C  N S 15  
ARG C    C  N N 16  
ARG O    O  N N 17  
ARG CB   C  N N 18  
ARG CG   C  N N 19  
ARG CD   C  N N 20  
ARG NE   N  N N 21  
ARG CZ   C  N N 22  
ARG NH1  N  N N 23  
ARG NH2  N  N N 24  
ARG OXT  O  N N 25  
ARG H    H  N N 26  
ARG H2   H  N N 27  
ARG HA   H  N N 28  
ARG HB2  H  N N 29  
ARG HB3  H  N N 30  
ARG HG2  H  N N 31  
ARG HG3  H  N N 32  
ARG HD2  H  N N 33  
ARG HD3  H  N N 34  
ARG HE   H  N N 35  
ARG HH11 H  N N 36  
ARG HH12 H  N N 37  
ARG HH21 H  N N 38  
ARG HH22 H  N N 39  
ARG HXT  H  N N 40  
ASN N    N  N N 41  
ASN CA   C  N S 42  
ASN C    C  N N 43  
ASN O    O  N N 44  
ASN CB   C  N N 45  
ASN CG   C  N N 46  
ASN OD1  O  N N 47  
ASN ND2  N  N N 48  
ASN OXT  O  N N 49  
ASN H    H  N N 50  
ASN H2   H  N N 51  
ASN HA   H  N N 52  
ASN HB2  H  N N 53  
ASN HB3  H  N N 54  
ASN HD21 H  N N 55  
ASN HD22 H  N N 56  
ASN HXT  H  N N 57  
ASP N    N  N N 58  
ASP CA   C  N S 59  
ASP C    C  N N 60  
ASP O    O  N N 61  
ASP CB   C  N N 62  
ASP CG   C  N N 63  
ASP OD1  O  N N 64  
ASP OD2  O  N N 65  
ASP OXT  O  N N 66  
ASP H    H  N N 67  
ASP H2   H  N N 68  
ASP HA   H  N N 69  
ASP HB2  H  N N 70  
ASP HB3  H  N N 71  
ASP HD2  H  N N 72  
ASP HXT  H  N N 73  
CA  CA   CA N N 74  
CYS N    N  N N 75  
CYS CA   C  N R 76  
CYS C    C  N N 77  
CYS O    O  N N 78  
CYS CB   C  N N 79  
CYS SG   S  N N 80  
CYS OXT  O  N N 81  
CYS H    H  N N 82  
CYS H2   H  N N 83  
CYS HA   H  N N 84  
CYS HB2  H  N N 85  
CYS HB3  H  N N 86  
CYS HG   H  N N 87  
CYS HXT  H  N N 88  
GLN N    N  N N 89  
GLN CA   C  N S 90  
GLN C    C  N N 91  
GLN O    O  N N 92  
GLN CB   C  N N 93  
GLN CG   C  N N 94  
GLN CD   C  N N 95  
GLN OE1  O  N N 96  
GLN NE2  N  N N 97  
GLN OXT  O  N N 98  
GLN H    H  N N 99  
GLN H2   H  N N 100 
GLN HA   H  N N 101 
GLN HB2  H  N N 102 
GLN HB3  H  N N 103 
GLN HG2  H  N N 104 
GLN HG3  H  N N 105 
GLN HE21 H  N N 106 
GLN HE22 H  N N 107 
GLN HXT  H  N N 108 
GLU N    N  N N 109 
GLU CA   C  N S 110 
GLU C    C  N N 111 
GLU O    O  N N 112 
GLU CB   C  N N 113 
GLU CG   C  N N 114 
GLU CD   C  N N 115 
GLU OE1  O  N N 116 
GLU OE2  O  N N 117 
GLU OXT  O  N N 118 
GLU H    H  N N 119 
GLU H2   H  N N 120 
GLU HA   H  N N 121 
GLU HB2  H  N N 122 
GLU HB3  H  N N 123 
GLU HG2  H  N N 124 
GLU HG3  H  N N 125 
GLU HE2  H  N N 126 
GLU HXT  H  N N 127 
GLY N    N  N N 128 
GLY CA   C  N N 129 
GLY C    C  N N 130 
GLY O    O  N N 131 
GLY OXT  O  N N 132 
GLY H    H  N N 133 
GLY H2   H  N N 134 
GLY HA2  H  N N 135 
GLY HA3  H  N N 136 
GLY HXT  H  N N 137 
HIS N    N  N N 138 
HIS CA   C  N S 139 
HIS C    C  N N 140 
HIS O    O  N N 141 
HIS CB   C  N N 142 
HIS CG   C  Y N 143 
HIS ND1  N  Y N 144 
HIS CD2  C  Y N 145 
HIS CE1  C  Y N 146 
HIS NE2  N  Y N 147 
HIS OXT  O  N N 148 
HIS H    H  N N 149 
HIS H2   H  N N 150 
HIS HA   H  N N 151 
HIS HB2  H  N N 152 
HIS HB3  H  N N 153 
HIS HD1  H  N N 154 
HIS HD2  H  N N 155 
HIS HE1  H  N N 156 
HIS HE2  H  N N 157 
HIS HXT  H  N N 158 
HOH O    O  N N 159 
HOH H1   H  N N 160 
HOH H2   H  N N 161 
ILE N    N  N N 162 
ILE CA   C  N S 163 
ILE C    C  N N 164 
ILE O    O  N N 165 
ILE CB   C  N S 166 
ILE CG1  C  N N 167 
ILE CG2  C  N N 168 
ILE CD1  C  N N 169 
ILE OXT  O  N N 170 
ILE H    H  N N 171 
ILE H2   H  N N 172 
ILE HA   H  N N 173 
ILE HB   H  N N 174 
ILE HG12 H  N N 175 
ILE HG13 H  N N 176 
ILE HG21 H  N N 177 
ILE HG22 H  N N 178 
ILE HG23 H  N N 179 
ILE HD11 H  N N 180 
ILE HD12 H  N N 181 
ILE HD13 H  N N 182 
ILE HXT  H  N N 183 
LEU N    N  N N 184 
LEU CA   C  N S 185 
LEU C    C  N N 186 
LEU O    O  N N 187 
LEU CB   C  N N 188 
LEU CG   C  N N 189 
LEU CD1  C  N N 190 
LEU CD2  C  N N 191 
LEU OXT  O  N N 192 
LEU H    H  N N 193 
LEU H2   H  N N 194 
LEU HA   H  N N 195 
LEU HB2  H  N N 196 
LEU HB3  H  N N 197 
LEU HG   H  N N 198 
LEU HD11 H  N N 199 
LEU HD12 H  N N 200 
LEU HD13 H  N N 201 
LEU HD21 H  N N 202 
LEU HD22 H  N N 203 
LEU HD23 H  N N 204 
LEU HXT  H  N N 205 
LYS N    N  N N 206 
LYS CA   C  N S 207 
LYS C    C  N N 208 
LYS O    O  N N 209 
LYS CB   C  N N 210 
LYS CG   C  N N 211 
LYS CD   C  N N 212 
LYS CE   C  N N 213 
LYS NZ   N  N N 214 
LYS OXT  O  N N 215 
LYS H    H  N N 216 
LYS H2   H  N N 217 
LYS HA   H  N N 218 
LYS HB2  H  N N 219 
LYS HB3  H  N N 220 
LYS HG2  H  N N 221 
LYS HG3  H  N N 222 
LYS HD2  H  N N 223 
LYS HD3  H  N N 224 
LYS HE2  H  N N 225 
LYS HE3  H  N N 226 
LYS HZ1  H  N N 227 
LYS HZ2  H  N N 228 
LYS HZ3  H  N N 229 
LYS HXT  H  N N 230 
MET N    N  N N 231 
MET CA   C  N S 232 
MET C    C  N N 233 
MET O    O  N N 234 
MET CB   C  N N 235 
MET CG   C  N N 236 
MET SD   S  N N 237 
MET CE   C  N N 238 
MET OXT  O  N N 239 
MET H    H  N N 240 
MET H2   H  N N 241 
MET HA   H  N N 242 
MET HB2  H  N N 243 
MET HB3  H  N N 244 
MET HG2  H  N N 245 
MET HG3  H  N N 246 
MET HE1  H  N N 247 
MET HE2  H  N N 248 
MET HE3  H  N N 249 
MET HXT  H  N N 250 
ODN O3   O  N N 251 
ODN C17  C  N N 252 
ODN C10  C  N R 253 
ODN C18  C  N S 254 
ODN O4   O  N N 255 
ODN O1   O  N N 256 
ODN C8   C  N N 257 
ODN C19  C  N S 258 
ODN O5   O  N N 259 
ODN C6   C  N R 260 
ODN C3   C  N N 261 
ODN C5   C  N N 262 
ODN C4   C  N N 263 
ODN C2   C  N N 264 
ODN C1   C  N N 265 
ODN C13  C  N R 266 
ODN C14  C  N N 267 
ODN C12  C  N S 268 
ODN C11  C  N R 269 
ODN O2   O  N N 270 
ODN C15  C  N N 271 
ODN C16  C  N N 272 
ODN C9   C  N S 273 
ODN C7   C  N S 274 
ODN C    C  N S 275 
ODN O    O  N N 276 
ODN H1   H  N N 277 
ODN H2   H  N N 278 
ODN H3   H  N N 279 
ODN H4   H  N N 280 
ODN H5   H  N N 281 
ODN H6   H  N N 282 
ODN H7   H  N N 283 
ODN H8   H  N N 284 
ODN H9   H  N N 285 
ODN H10  H  N N 286 
ODN H11  H  N N 287 
ODN H12  H  N N 288 
ODN H13  H  N N 289 
ODN H14  H  N N 290 
ODN H15  H  N N 291 
ODN H16  H  N N 292 
ODN H17  H  N N 293 
ODN H18  H  N N 294 
ODN H19  H  N N 295 
ODN H20  H  N N 296 
ODN H21  H  N N 297 
ODN H22  H  N N 298 
ODN H23  H  N N 299 
ODN H24  H  N N 300 
ODN H25  H  N N 301 
ODN H26  H  N N 302 
ODN H27  H  N N 303 
ODN H28  H  N N 304 
ODN H29  H  N N 305 
ODN H30  H  N N 306 
PHE N    N  N N 307 
PHE CA   C  N S 308 
PHE C    C  N N 309 
PHE O    O  N N 310 
PHE CB   C  N N 311 
PHE CG   C  Y N 312 
PHE CD1  C  Y N 313 
PHE CD2  C  Y N 314 
PHE CE1  C  Y N 315 
PHE CE2  C  Y N 316 
PHE CZ   C  Y N 317 
PHE OXT  O  N N 318 
PHE H    H  N N 319 
PHE H2   H  N N 320 
PHE HA   H  N N 321 
PHE HB2  H  N N 322 
PHE HB3  H  N N 323 
PHE HD1  H  N N 324 
PHE HD2  H  N N 325 
PHE HE1  H  N N 326 
PHE HE2  H  N N 327 
PHE HZ   H  N N 328 
PHE HXT  H  N N 329 
SER N    N  N N 330 
SER CA   C  N S 331 
SER C    C  N N 332 
SER O    O  N N 333 
SER CB   C  N N 334 
SER OG   O  N N 335 
SER OXT  O  N N 336 
SER H    H  N N 337 
SER H2   H  N N 338 
SER HA   H  N N 339 
SER HB2  H  N N 340 
SER HB3  H  N N 341 
SER HG   H  N N 342 
SER HXT  H  N N 343 
THR N    N  N N 344 
THR CA   C  N S 345 
THR C    C  N N 346 
THR O    O  N N 347 
THR CB   C  N R 348 
THR OG1  O  N N 349 
THR CG2  C  N N 350 
THR OXT  O  N N 351 
THR H    H  N N 352 
THR H2   H  N N 353 
THR HA   H  N N 354 
THR HB   H  N N 355 
THR HG1  H  N N 356 
THR HG21 H  N N 357 
THR HG22 H  N N 358 
THR HG23 H  N N 359 
THR HXT  H  N N 360 
TYR N    N  N N 361 
TYR CA   C  N S 362 
TYR C    C  N N 363 
TYR O    O  N N 364 
TYR CB   C  N N 365 
TYR CG   C  Y N 366 
TYR CD1  C  Y N 367 
TYR CD2  C  Y N 368 
TYR CE1  C  Y N 369 
TYR CE2  C  Y N 370 
TYR CZ   C  Y N 371 
TYR OH   O  N N 372 
TYR OXT  O  N N 373 
TYR H    H  N N 374 
TYR H2   H  N N 375 
TYR HA   H  N N 376 
TYR HB2  H  N N 377 
TYR HB3  H  N N 378 
TYR HD1  H  N N 379 
TYR HD2  H  N N 380 
TYR HE1  H  N N 381 
TYR HE2  H  N N 382 
TYR HH   H  N N 383 
TYR HXT  H  N N 384 
VAL N    N  N N 385 
VAL CA   C  N S 386 
VAL C    C  N N 387 
VAL O    O  N N 388 
VAL CB   C  N N 389 
VAL CG1  C  N N 390 
VAL CG2  C  N N 391 
VAL OXT  O  N N 392 
VAL H    H  N N 393 
VAL H2   H  N N 394 
VAL HA   H  N N 395 
VAL HB   H  N N 396 
VAL HG11 H  N N 397 
VAL HG12 H  N N 398 
VAL HG13 H  N N 399 
VAL HG21 H  N N 400 
VAL HG22 H  N N 401 
VAL HG23 H  N N 402 
VAL HXT  H  N N 403 
# 
loop_
_chem_comp_bond.comp_id 
_chem_comp_bond.atom_id_1 
_chem_comp_bond.atom_id_2 
_chem_comp_bond.value_order 
_chem_comp_bond.pdbx_aromatic_flag 
_chem_comp_bond.pdbx_stereo_config 
_chem_comp_bond.pdbx_ordinal 
ALA N   CA   sing N N 1   
ALA N   H    sing N N 2   
ALA N   H2   sing N N 3   
ALA CA  C    sing N N 4   
ALA CA  CB   sing N N 5   
ALA CA  HA   sing N N 6   
ALA C   O    doub N N 7   
ALA C   OXT  sing N N 8   
ALA CB  HB1  sing N N 9   
ALA CB  HB2  sing N N 10  
ALA CB  HB3  sing N N 11  
ALA OXT HXT  sing N N 12  
ARG N   CA   sing N N 13  
ARG N   H    sing N N 14  
ARG N   H2   sing N N 15  
ARG CA  C    sing N N 16  
ARG CA  CB   sing N N 17  
ARG CA  HA   sing N N 18  
ARG C   O    doub N N 19  
ARG C   OXT  sing N N 20  
ARG CB  CG   sing N N 21  
ARG CB  HB2  sing N N 22  
ARG CB  HB3  sing N N 23  
ARG CG  CD   sing N N 24  
ARG CG  HG2  sing N N 25  
ARG CG  HG3  sing N N 26  
ARG CD  NE   sing N N 27  
ARG CD  HD2  sing N N 28  
ARG CD  HD3  sing N N 29  
ARG NE  CZ   sing N N 30  
ARG NE  HE   sing N N 31  
ARG CZ  NH1  sing N N 32  
ARG CZ  NH2  doub N N 33  
ARG NH1 HH11 sing N N 34  
ARG NH1 HH12 sing N N 35  
ARG NH2 HH21 sing N N 36  
ARG NH2 HH22 sing N N 37  
ARG OXT HXT  sing N N 38  
ASN N   CA   sing N N 39  
ASN N   H    sing N N 40  
ASN N   H2   sing N N 41  
ASN CA  C    sing N N 42  
ASN CA  CB   sing N N 43  
ASN CA  HA   sing N N 44  
ASN C   O    doub N N 45  
ASN C   OXT  sing N N 46  
ASN CB  CG   sing N N 47  
ASN CB  HB2  sing N N 48  
ASN CB  HB3  sing N N 49  
ASN CG  OD1  doub N N 50  
ASN CG  ND2  sing N N 51  
ASN ND2 HD21 sing N N 52  
ASN ND2 HD22 sing N N 53  
ASN OXT HXT  sing N N 54  
ASP N   CA   sing N N 55  
ASP N   H    sing N N 56  
ASP N   H2   sing N N 57  
ASP CA  C    sing N N 58  
ASP CA  CB   sing N N 59  
ASP CA  HA   sing N N 60  
ASP C   O    doub N N 61  
ASP C   OXT  sing N N 62  
ASP CB  CG   sing N N 63  
ASP CB  HB2  sing N N 64  
ASP CB  HB3  sing N N 65  
ASP CG  OD1  doub N N 66  
ASP CG  OD2  sing N N 67  
ASP OD2 HD2  sing N N 68  
ASP OXT HXT  sing N N 69  
CYS N   CA   sing N N 70  
CYS N   H    sing N N 71  
CYS N   H2   sing N N 72  
CYS CA  C    sing N N 73  
CYS CA  CB   sing N N 74  
CYS CA  HA   sing N N 75  
CYS C   O    doub N N 76  
CYS C   OXT  sing N N 77  
CYS CB  SG   sing N N 78  
CYS CB  HB2  sing N N 79  
CYS CB  HB3  sing N N 80  
CYS SG  HG   sing N N 81  
CYS OXT HXT  sing N N 82  
GLN N   CA   sing N N 83  
GLN N   H    sing N N 84  
GLN N   H2   sing N N 85  
GLN CA  C    sing N N 86  
GLN CA  CB   sing N N 87  
GLN CA  HA   sing N N 88  
GLN C   O    doub N N 89  
GLN C   OXT  sing N N 90  
GLN CB  CG   sing N N 91  
GLN CB  HB2  sing N N 92  
GLN CB  HB3  sing N N 93  
GLN CG  CD   sing N N 94  
GLN CG  HG2  sing N N 95  
GLN CG  HG3  sing N N 96  
GLN CD  OE1  doub N N 97  
GLN CD  NE2  sing N N 98  
GLN NE2 HE21 sing N N 99  
GLN NE2 HE22 sing N N 100 
GLN OXT HXT  sing N N 101 
GLU N   CA   sing N N 102 
GLU N   H    sing N N 103 
GLU N   H2   sing N N 104 
GLU CA  C    sing N N 105 
GLU CA  CB   sing N N 106 
GLU CA  HA   sing N N 107 
GLU C   O    doub N N 108 
GLU C   OXT  sing N N 109 
GLU CB  CG   sing N N 110 
GLU CB  HB2  sing N N 111 
GLU CB  HB3  sing N N 112 
GLU CG  CD   sing N N 113 
GLU CG  HG2  sing N N 114 
GLU CG  HG3  sing N N 115 
GLU CD  OE1  doub N N 116 
GLU CD  OE2  sing N N 117 
GLU OE2 HE2  sing N N 118 
GLU OXT HXT  sing N N 119 
GLY N   CA   sing N N 120 
GLY N   H    sing N N 121 
GLY N   H2   sing N N 122 
GLY CA  C    sing N N 123 
GLY CA  HA2  sing N N 124 
GLY CA  HA3  sing N N 125 
GLY C   O    doub N N 126 
GLY C   OXT  sing N N 127 
GLY OXT HXT  sing N N 128 
HIS N   CA   sing N N 129 
HIS N   H    sing N N 130 
HIS N   H2   sing N N 131 
HIS CA  C    sing N N 132 
HIS CA  CB   sing N N 133 
HIS CA  HA   sing N N 134 
HIS C   O    doub N N 135 
HIS C   OXT  sing N N 136 
HIS CB  CG   sing N N 137 
HIS CB  HB2  sing N N 138 
HIS CB  HB3  sing N N 139 
HIS CG  ND1  sing Y N 140 
HIS CG  CD2  doub Y N 141 
HIS ND1 CE1  doub Y N 142 
HIS ND1 HD1  sing N N 143 
HIS CD2 NE2  sing Y N 144 
HIS CD2 HD2  sing N N 145 
HIS CE1 NE2  sing Y N 146 
HIS CE1 HE1  sing N N 147 
HIS NE2 HE2  sing N N 148 
HIS OXT HXT  sing N N 149 
HOH O   H1   sing N N 150 
HOH O   H2   sing N N 151 
ILE N   CA   sing N N 152 
ILE N   H    sing N N 153 
ILE N   H2   sing N N 154 
ILE CA  C    sing N N 155 
ILE CA  CB   sing N N 156 
ILE CA  HA   sing N N 157 
ILE C   O    doub N N 158 
ILE C   OXT  sing N N 159 
ILE CB  CG1  sing N N 160 
ILE CB  CG2  sing N N 161 
ILE CB  HB   sing N N 162 
ILE CG1 CD1  sing N N 163 
ILE CG1 HG12 sing N N 164 
ILE CG1 HG13 sing N N 165 
ILE CG2 HG21 sing N N 166 
ILE CG2 HG22 sing N N 167 
ILE CG2 HG23 sing N N 168 
ILE CD1 HD11 sing N N 169 
ILE CD1 HD12 sing N N 170 
ILE CD1 HD13 sing N N 171 
ILE OXT HXT  sing N N 172 
LEU N   CA   sing N N 173 
LEU N   H    sing N N 174 
LEU N   H2   sing N N 175 
LEU CA  C    sing N N 176 
LEU CA  CB   sing N N 177 
LEU CA  HA   sing N N 178 
LEU C   O    doub N N 179 
LEU C   OXT  sing N N 180 
LEU CB  CG   sing N N 181 
LEU CB  HB2  sing N N 182 
LEU CB  HB3  sing N N 183 
LEU CG  CD1  sing N N 184 
LEU CG  CD2  sing N N 185 
LEU CG  HG   sing N N 186 
LEU CD1 HD11 sing N N 187 
LEU CD1 HD12 sing N N 188 
LEU CD1 HD13 sing N N 189 
LEU CD2 HD21 sing N N 190 
LEU CD2 HD22 sing N N 191 
LEU CD2 HD23 sing N N 192 
LEU OXT HXT  sing N N 193 
LYS N   CA   sing N N 194 
LYS N   H    sing N N 195 
LYS N   H2   sing N N 196 
LYS CA  C    sing N N 197 
LYS CA  CB   sing N N 198 
LYS CA  HA   sing N N 199 
LYS C   O    doub N N 200 
LYS C   OXT  sing N N 201 
LYS CB  CG   sing N N 202 
LYS CB  HB2  sing N N 203 
LYS CB  HB3  sing N N 204 
LYS CG  CD   sing N N 205 
LYS CG  HG2  sing N N 206 
LYS CG  HG3  sing N N 207 
LYS CD  CE   sing N N 208 
LYS CD  HD2  sing N N 209 
LYS CD  HD3  sing N N 210 
LYS CE  NZ   sing N N 211 
LYS CE  HE2  sing N N 212 
LYS CE  HE3  sing N N 213 
LYS NZ  HZ1  sing N N 214 
LYS NZ  HZ2  sing N N 215 
LYS NZ  HZ3  sing N N 216 
LYS OXT HXT  sing N N 217 
MET N   CA   sing N N 218 
MET N   H    sing N N 219 
MET N   H2   sing N N 220 
MET CA  C    sing N N 221 
MET CA  CB   sing N N 222 
MET CA  HA   sing N N 223 
MET C   O    doub N N 224 
MET C   OXT  sing N N 225 
MET CB  CG   sing N N 226 
MET CB  HB2  sing N N 227 
MET CB  HB3  sing N N 228 
MET CG  SD   sing N N 229 
MET CG  HG2  sing N N 230 
MET CG  HG3  sing N N 231 
MET SD  CE   sing N N 232 
MET CE  HE1  sing N N 233 
MET CE  HE2  sing N N 234 
MET CE  HE3  sing N N 235 
MET OXT HXT  sing N N 236 
ODN C14 C13  sing N N 237 
ODN C13 C12  sing N N 238 
ODN C13 C17  sing N N 239 
ODN O2  C11  sing N N 240 
ODN C12 C11  sing N N 241 
ODN C12 C15  sing N N 242 
ODN C11 C10  sing N N 243 
ODN C15 C16  sing N N 244 
ODN C17 O3   doub N N 245 
ODN C17 C10  sing N N 246 
ODN O4  C18  sing N N 247 
ODN C10 C18  sing N N 248 
ODN C10 C9   sing N N 249 
ODN C16 C9   sing N N 250 
ODN C18 O1   sing N N 251 
ODN C18 C19  sing N N 252 
ODN O1  C8   sing N N 253 
ODN C9  C7   sing N N 254 
ODN O5  C19  sing N N 255 
ODN C8  C7   sing N N 256 
ODN C19 C6   sing N N 257 
ODN C7  C6   sing N N 258 
ODN C7  C    sing N N 259 
ODN C6  C3   sing N N 260 
ODN O   C    sing N N 261 
ODN C   C1   sing N N 262 
ODN C3  C4   sing N N 263 
ODN C3  C5   sing N N 264 
ODN C3  C2   sing N N 265 
ODN C1  C2   sing N N 266 
ODN O4  H1   sing N N 267 
ODN C8  H2   sing N N 268 
ODN C8  H3   sing N N 269 
ODN C19 H4   sing N N 270 
ODN O5  H5   sing N N 271 
ODN C6  H6   sing N N 272 
ODN C5  H7   sing N N 273 
ODN C5  H8   sing N N 274 
ODN C5  H9   sing N N 275 
ODN C4  H10  sing N N 276 
ODN C4  H11  sing N N 277 
ODN C4  H12  sing N N 278 
ODN C2  H13  sing N N 279 
ODN C2  H14  sing N N 280 
ODN C1  H15  sing N N 281 
ODN C1  H16  sing N N 282 
ODN C13 H17  sing N N 283 
ODN C14 H18  sing N N 284 
ODN C14 H19  sing N N 285 
ODN C14 H20  sing N N 286 
ODN C12 H21  sing N N 287 
ODN C11 H22  sing N N 288 
ODN O2  H23  sing N N 289 
ODN C15 H24  sing N N 290 
ODN C15 H25  sing N N 291 
ODN C16 H26  sing N N 292 
ODN C16 H27  sing N N 293 
ODN C9  H28  sing N N 294 
ODN C   H29  sing N N 295 
ODN O   H30  sing N N 296 
PHE N   CA   sing N N 297 
PHE N   H    sing N N 298 
PHE N   H2   sing N N 299 
PHE CA  C    sing N N 300 
PHE CA  CB   sing N N 301 
PHE CA  HA   sing N N 302 
PHE C   O    doub N N 303 
PHE C   OXT  sing N N 304 
PHE CB  CG   sing N N 305 
PHE CB  HB2  sing N N 306 
PHE CB  HB3  sing N N 307 
PHE CG  CD1  doub Y N 308 
PHE CG  CD2  sing Y N 309 
PHE CD1 CE1  sing Y N 310 
PHE CD1 HD1  sing N N 311 
PHE CD2 CE2  doub Y N 312 
PHE CD2 HD2  sing N N 313 
PHE CE1 CZ   doub Y N 314 
PHE CE1 HE1  sing N N 315 
PHE CE2 CZ   sing Y N 316 
PHE CE2 HE2  sing N N 317 
PHE CZ  HZ   sing N N 318 
PHE OXT HXT  sing N N 319 
SER N   CA   sing N N 320 
SER N   H    sing N N 321 
SER N   H2   sing N N 322 
SER CA  C    sing N N 323 
SER CA  CB   sing N N 324 
SER CA  HA   sing N N 325 
SER C   O    doub N N 326 
SER C   OXT  sing N N 327 
SER CB  OG   sing N N 328 
SER CB  HB2  sing N N 329 
SER CB  HB3  sing N N 330 
SER OG  HG   sing N N 331 
SER OXT HXT  sing N N 332 
THR N   CA   sing N N 333 
THR N   H    sing N N 334 
THR N   H2   sing N N 335 
THR CA  C    sing N N 336 
THR CA  CB   sing N N 337 
THR CA  HA   sing N N 338 
THR C   O    doub N N 339 
THR C   OXT  sing N N 340 
THR CB  OG1  sing N N 341 
THR CB  CG2  sing N N 342 
THR CB  HB   sing N N 343 
THR OG1 HG1  sing N N 344 
THR CG2 HG21 sing N N 345 
THR CG2 HG22 sing N N 346 
THR CG2 HG23 sing N N 347 
THR OXT HXT  sing N N 348 
TYR N   CA   sing N N 349 
TYR N   H    sing N N 350 
TYR N   H2   sing N N 351 
TYR CA  C    sing N N 352 
TYR CA  CB   sing N N 353 
TYR CA  HA   sing N N 354 
TYR C   O    doub N N 355 
TYR C   OXT  sing N N 356 
TYR CB  CG   sing N N 357 
TYR CB  HB2  sing N N 358 
TYR CB  HB3  sing N N 359 
TYR CG  CD1  doub Y N 360 
TYR CG  CD2  sing Y N 361 
TYR CD1 CE1  sing Y N 362 
TYR CD1 HD1  sing N N 363 
TYR CD2 CE2  doub Y N 364 
TYR CD2 HD2  sing N N 365 
TYR CE1 CZ   doub Y N 366 
TYR CE1 HE1  sing N N 367 
TYR CE2 CZ   sing Y N 368 
TYR CE2 HE2  sing N N 369 
TYR CZ  OH   sing N N 370 
TYR OH  HH   sing N N 371 
TYR OXT HXT  sing N N 372 
VAL N   CA   sing N N 373 
VAL N   H    sing N N 374 
VAL N   H2   sing N N 375 
VAL CA  C    sing N N 376 
VAL CA  CB   sing N N 377 
VAL CA  HA   sing N N 378 
VAL C   O    doub N N 379 
VAL C   OXT  sing N N 380 
VAL CB  CG1  sing N N 381 
VAL CB  CG2  sing N N 382 
VAL CB  HB   sing N N 383 
VAL CG1 HG11 sing N N 384 
VAL CG1 HG12 sing N N 385 
VAL CG1 HG13 sing N N 386 
VAL CG2 HG21 sing N N 387 
VAL CG2 HG22 sing N N 388 
VAL CG2 HG23 sing N N 389 
VAL OXT HXT  sing N N 390 
# 
loop_
_pdbx_audit_support.funding_organization 
_pdbx_audit_support.country 
_pdbx_audit_support.grant_number 
_pdbx_audit_support.ordinal 
'National Institutes of Health/National Institute of General Medical Sciences (NIH/NIGMS)' 'United States' GM58888  1 
'National Institutes of Health/National Cancer Institute (NIH/NCI)'                        'United States' CA107331 2 
'National Institutes of Health/National Cancer Institute (NIH/NCI)'                        'United States' CA154274 3 
# 
_atom_sites.entry_id                    4PE7 
_atom_sites.fract_transf_matrix[1][1]   -0.00957663 
_atom_sites.fract_transf_matrix[1][2]   -0.00871534 
_atom_sites.fract_transf_matrix[1][3]   0.02580326 
_atom_sites.fract_transf_matrix[2][1]   -0.00716559 
_atom_sites.fract_transf_matrix[2][2]   -0.00687400 
_atom_sites.fract_transf_matrix[2][3]   -0.00498121 
_atom_sites.fract_transf_matrix[3][1]   0.01132295 
_atom_sites.fract_transf_matrix[3][2]   -0.01192885 
_atom_sites.fract_transf_matrix[3][3]   0.00017331 
_atom_sites.fract_transf_vector[1]      -0.282802 
_atom_sites.fract_transf_vector[2]      -0.112891 
_atom_sites.fract_transf_vector[3]      0.003512 
# 
loop_
_atom_type.symbol 
C  
CA 
N  
O  
S  
# 
loop_
_atom_site.group_PDB 
_atom_site.id 
_atom_site.type_symbol 
_atom_site.label_atom_id 
_atom_site.label_alt_id 
_atom_site.label_comp_id 
_atom_site.label_asym_id 
_atom_site.label_entity_id 
_atom_site.label_seq_id 
_atom_site.pdbx_PDB_ins_code 
_atom_site.Cartn_x 
_atom_site.Cartn_y 
_atom_site.Cartn_z 
_atom_site.occupancy 
_atom_site.B_iso_or_equiv 
_atom_site.pdbx_formal_charge 
_atom_site.auth_seq_id 
_atom_site.auth_comp_id 
_atom_site.auth_asym_id 
_atom_site.auth_atom_id 
_atom_site.pdbx_PDB_model_num 
ATOM   1   N  N   . MET A 1 1  ? -21.432 -10.508 5.374   1.00 30.72 ? 0   MET A N   1 
ATOM   2   C  CA  . MET A 1 1  ? -20.528 -10.378 4.238   1.00 24.89 ? 0   MET A CA  1 
ATOM   3   C  C   . MET A 1 1  ? -19.603 -11.585 4.109   1.00 22.01 ? 0   MET A C   1 
ATOM   4   O  O   . MET A 1 1  ? -19.195 -12.190 5.111   1.00 26.88 ? 0   MET A O   1 
ATOM   5   C  CB  . MET A 1 1  ? -19.686 -9.105  4.355   1.00 24.74 ? 0   MET A CB  1 
ATOM   6   C  CG  . MET A 1 1  ? -20.299 -7.878  3.682   1.00 28.00 ? 0   MET A CG  1 
ATOM   7   S  SD  . MET A 1 1  ? -19.198 -6.454  3.818   1.00 42.33 ? 0   MET A SD  1 
ATOM   8   C  CE  . MET A 1 1  ? -18.938 -6.436  5.591   1.00 36.44 ? 0   MET A CE  1 
ATOM   9   N  N   . SER A 1 2  ? -19.254 -11.926 2.872   1.00 15.97 ? 1   SER A N   1 
ATOM   10  C  CA  . SER A 1 2  ? -18.297 -13.004 2.628   1.00 18.31 ? 1   SER A CA  1 
ATOM   11  C  C   . SER A 1 2  ? -16.889 -12.562 3.015   1.00 18.63 ? 1   SER A C   1 
ATOM   12  O  O   . SER A 1 2  ? -16.649 -11.373 3.236   1.00 16.97 ? 1   SER A O   1 
ATOM   13  C  CB  . SER A 1 2  ? -18.309 -13.396 1.154   1.00 17.04 ? 1   SER A CB  1 
ATOM   14  O  OG  . SER A 1 2  ? -17.660 -12.411 0.361   1.00 15.67 ? 1   SER A OG  1 
ATOM   15  N  N   . GLU A 1 3  ? -15.962 -13.513 3.096   1.00 18.01 ? 2   GLU A N   1 
ATOM   16  C  CA  . GLU A 1 3  ? -14.566 -13.178 3.364   1.00 17.05 ? 2   GLU A CA  1 
ATOM   17  C  C   . GLU A 1 3  ? -14.006 -12.271 2.271   1.00 16.33 ? 2   GLU A C   1 
ATOM   18  O  O   . GLU A 1 3  ? -13.235 -11.346 2.552   1.00 17.32 ? 2   GLU A O   1 
ATOM   19  C  CB  . GLU A 1 3  ? -13.710 -14.437 3.507   1.00 20.16 ? 2   GLU A CB  1 
ATOM   20  C  CG  . GLU A 1 3  ? -14.051 -15.270 4.733   1.00 23.18 ? 2   GLU A CG  1 
ATOM   21  C  CD  . GLU A 1 3  ? -14.160 -14.430 5.995   1.00 31.01 ? 2   GLU A CD  1 
ATOM   22  O  OE1 . GLU A 1 3  ? -13.110 -14.003 6.521   1.00 32.74 ? 2   GLU A OE1 1 
ATOM   23  O  OE2 . GLU A 1 3  ? -15.298 -14.195 6.458   1.00 40.27 ? 2   GLU A OE2 1 
ATOM   24  N  N   . LEU A 1 4  ? -14.396 -12.533 1.028   1.00 14.40 ? 3   LEU A N   1 
ATOM   25  C  CA  . LEU A 1 4  ? -13.944 -11.706 -0.085  1.00 12.16 ? 3   LEU A CA  1 
ATOM   26  C  C   . LEU A 1 4  ? -14.493 -10.288 0.056   1.00 13.90 ? 3   LEU A C   1 
ATOM   27  O  O   . LEU A 1 4  ? -13.774 -9.315  -0.153  1.00 12.83 ? 3   LEU A O   1 
ATOM   28  C  CB  . LEU A 1 4  ? -14.369 -12.331 -1.417  1.00 13.37 ? 3   LEU A CB  1 
ATOM   29  C  CG  . LEU A 1 4  ? -14.211 -11.499 -2.687  1.00 12.51 ? 3   LEU A CG  1 
ATOM   30  C  CD1 . LEU A 1 4  ? -12.768 -11.079 -2.855  1.00 13.25 ? 3   LEU A CD1 1 
ATOM   31  C  CD2 . LEU A 1 4  ? -14.687 -12.289 -3.914  1.00 14.12 ? 3   LEU A CD2 1 
ATOM   32  N  N   . GLU A 1 5  ? -15.765 -10.162 0.420   1.00 12.47 ? 4   GLU A N   1 
ATOM   33  C  CA  . GLU A 1 5  ? -16.367 -8.839  0.582   1.00 11.64 ? 4   GLU A CA  1 
ATOM   34  C  C   . GLU A 1 5  ? -15.731 -8.062  1.727   1.00 16.10 ? 4   GLU A C   1 
ATOM   35  O  O   . GLU A 1 5  ? -15.466 -6.853  1.616   1.00 14.86 ? 4   GLU A O   1 
ATOM   36  C  CB  . GLU A 1 5  ? -17.881 -8.988  0.772   1.00 13.05 ? 4   GLU A CB  1 
ATOM   37  C  CG  . GLU A 1 5  ? -18.568 -9.341  -0.534  1.00 14.62 ? 4   GLU A CG  1 
ATOM   38  C  CD  . GLU A 1 5  ? -19.995 -9.798  -0.351  1.00 16.50 ? 4   GLU A CD  1 
ATOM   39  O  OE1 . GLU A 1 5  ? -20.331 -10.294 0.740   1.00 18.77 ? 4   GLU A OE1 1 
ATOM   40  O  OE2 . GLU A 1 5  ? -20.770 -9.674  -1.311  1.00 18.26 ? 4   GLU A OE2 1 
ATOM   41  N  N   . LYS A 1 6  ? -15.473 -8.756  2.827   1.00 17.02 ? 5   LYS A N   1 
ATOM   42  C  CA  . LYS A 1 6  ? -14.828 -8.118  3.967   1.00 17.92 ? 5   LYS A CA  1 
ATOM   43  C  C   . LYS A 1 6  ? -13.417 -7.662  3.607   1.00 16.94 ? 5   LYS A C   1 
ATOM   44  O  O   . LYS A 1 6  ? -12.954 -6.623  4.073   1.00 16.58 ? 5   LYS A O   1 
ATOM   45  C  CB  . LYS A 1 6  ? -14.820 -9.063  5.165   1.00 18.47 ? 5   LYS A CB  1 
ATOM   46  C  CG  . LYS A 1 6  ? -16.168 -9.102  5.856   1.00 23.63 ? 5   LYS A CG  1 
ATOM   47  C  CD  . LYS A 1 6  ? -16.084 -9.706  7.240   1.00 30.59 ? 5   LYS A CD  1 
ATOM   48  C  CE  . LYS A 1 6  ? -16.027 -11.207 7.168   1.00 31.87 ? 5   LYS A CE  1 
ATOM   49  N  NZ  . LYS A 1 6  ? -16.653 -11.824 8.370   1.00 39.07 ? 5   LYS A NZ  1 
ATOM   50  N  N   . ALA A 1 7  ? -12.754 -8.429  2.747   1.00 12.16 ? 6   ALA A N   1 
ATOM   51  C  CA  . ALA A 1 7  ? -11.420 -8.057  2.273   1.00 14.93 ? 6   ALA A CA  1 
ATOM   52  C  C   . ALA A 1 7  ? -11.477 -6.770  1.458   1.00 14.50 ? 6   ALA A C   1 
ATOM   53  O  O   . ALA A 1 7  ? -10.640 -5.879  1.635   1.00 12.91 ? 6   ALA A O   1 
ATOM   54  C  CB  . ALA A 1 7  ? -10.785 -9.201  1.451   1.00 12.77 ? 6   ALA A CB  1 
ATOM   55  N  N   . VAL A 1 8  ? -12.470 -6.659  0.575   1.00 13.06 ? 7   VAL A N   1 
ATOM   56  C  CA  . VAL A 1 8  ? -12.641 -5.447  -0.225  1.00 11.97 ? 7   VAL A CA  1 
ATOM   57  C  C   . VAL A 1 8  ? -12.803 -4.239  0.683   1.00 13.78 ? 7   VAL A C   1 
ATOM   58  O  O   . VAL A 1 8  ? -12.159 -3.203  0.484   1.00 14.24 ? 7   VAL A O   1 
ATOM   59  C  CB  . VAL A 1 8  ? -13.848 -5.572  -1.185  1.00 10.66 ? 7   VAL A CB  1 
ATOM   60  C  CG1 . VAL A 1 8  ? -14.243 -4.210  -1.774  1.00 14.35 ? 7   VAL A CG1 1 
ATOM   61  C  CG2 . VAL A 1 8  ? -13.525 -6.567  -2.293  1.00 11.32 ? 7   VAL A CG2 1 
ATOM   62  N  N   . VAL A 1 9  ? -13.651 -4.376  1.694   1.00 12.52 ? 8   VAL A N   1 
ATOM   63  C  CA  . VAL A 1 9  ? -13.901 -3.267  2.614   1.00 13.63 ? 8   VAL A CA  1 
ATOM   64  C  C   . VAL A 1 9  ? -12.642 -2.923  3.419   1.00 16.09 ? 8   VAL A C   1 
ATOM   65  O  O   . VAL A 1 9  ? -12.351 -1.746  3.644   1.00 15.57 ? 8   VAL A O   1 
ATOM   66  C  CB  . VAL A 1 9  ? -15.095 -3.560  3.541   1.00 19.26 ? 8   VAL A CB  1 
ATOM   67  C  CG1 . VAL A 1 9  ? -15.233 -2.477  4.611   1.00 22.26 ? 8   VAL A CG1 1 
ATOM   68  C  CG2 . VAL A 1 9  ? -16.377 -3.660  2.721   1.00 21.48 ? 8   VAL A CG2 1 
ATOM   69  N  N   . ALA A 1 10 ? -11.890 -3.941  3.832   1.00 14.37 ? 9   ALA A N   1 
ATOM   70  C  CA  . ALA A 1 10 ? -10.655 -3.712  4.575   1.00 15.48 ? 9   ALA A CA  1 
ATOM   71  C  C   . ALA A 1 10 ? -9.648  -2.893  3.763   1.00 14.15 ? 9   ALA A C   1 
ATOM   72  O  O   . ALA A 1 10 ? -8.949  -2.034  4.312   1.00 12.80 ? 9   ALA A O   1 
ATOM   73  C  CB  . ALA A 1 10 ? -10.046 -5.035  5.013   1.00 13.53 ? 9   ALA A CB  1 
ATOM   74  N  N   . LEU A 1 11 ? -9.551  -3.170  2.462   1.00 11.41 ? 10  LEU A N   1 
ATOM   75  C  CA  . LEU A 1 11 ? -8.635  -2.420  1.605   1.00 10.49 ? 10  LEU A CA  1 
ATOM   76  C  C   . LEU A 1 11 ? -9.027  -0.940  1.561   1.00 12.38 ? 10  LEU A C   1 
ATOM   77  O  O   . LEU A 1 11 ? -8.172  -0.048  1.643   1.00 13.70 ? 10  LEU A O   1 
ATOM   78  C  CB  . LEU A 1 11 ? -8.623  -2.992  0.188   1.00 13.54 ? 10  LEU A CB  1 
ATOM   79  C  CG  . LEU A 1 11 ? -8.183  -4.447  0.058   1.00 11.19 ? 10  LEU A CG  1 
ATOM   80  C  CD1 . LEU A 1 11 ? -8.287  -4.895  -1.388  1.00 12.35 ? 10  LEU A CD1 1 
ATOM   81  C  CD2 . LEU A 1 11 ? -6.756  -4.635  0.575   1.00 12.77 ? 10  LEU A CD2 1 
ATOM   82  N  N   . ILE A 1 12 ? -10.324 -0.689  1.419   1.00 12.94 ? 11  ILE A N   1 
ATOM   83  C  CA  . ILE A 1 12 ? -10.837 0.669   1.406   1.00 12.07 ? 11  ILE A CA  1 
ATOM   84  C  C   . ILE A 1 12 ? -10.581 1.324   2.773   1.00 15.02 ? 11  ILE A C   1 
ATOM   85  O  O   . ILE A 1 12 ? -10.088 2.456   2.839   1.00 15.31 ? 11  ILE A O   1 
ATOM   86  C  CB  . ILE A 1 12 ? -12.340 0.676   1.039   1.00 13.84 ? 11  ILE A CB  1 
ATOM   87  C  CG1 . ILE A 1 12 ? -12.524 0.206   -0.402  1.00 13.30 ? 11  ILE A CG1 1 
ATOM   88  C  CG2 . ILE A 1 12 ? -12.938 2.063   1.213   1.00 20.01 ? 11  ILE A CG2 1 
ATOM   89  C  CD1 . ILE A 1 12 ? -13.926 -0.315  -0.715  1.00 17.09 ? 11  ILE A CD1 1 
ATOM   90  N  N   . ASP A 1 13 ? -10.899 0.606   3.849   1.00 14.88 ? 12  ASP A N   1 
ATOM   91  C  CA  . ASP A 1 13 ? -10.693 1.112   5.208   1.00 14.92 ? 12  ASP A CA  1 
ATOM   92  C  C   . ASP A 1 13 ? -9.251  1.541   5.472   1.00 15.04 ? 12  ASP A C   1 
ATOM   93  O  O   . ASP A 1 13 ? -9.009  2.659   5.949   1.00 13.71 ? 12  ASP A O   1 
ATOM   94  C  CB  . ASP A 1 13 ? -11.105 0.072   6.252   1.00 18.00 ? 12  ASP A CB  1 
ATOM   95  C  CG  . ASP A 1 13 ? -12.610 -0.004  6.454   1.00 24.62 ? 12  ASP A CG  1 
ATOM   96  O  OD1 . ASP A 1 13 ? -13.338 0.824   5.871   1.00 26.14 ? 12  ASP A OD1 1 
ATOM   97  O  OD2 . ASP A 1 13 ? -13.055 -0.889  7.222   1.00 26.92 ? 12  ASP A OD2 1 
ATOM   98  N  N   . VAL A 1 14 ? -8.292  0.664   5.174   1.00 14.05 ? 13  VAL A N   1 
ATOM   99  C  CA  . VAL A 1 14 ? -6.904  0.960   5.524   1.00 12.17 ? 13  VAL A CA  1 
ATOM   100 C  C   . VAL A 1 14 ? -6.388  2.132   4.697   1.00 12.48 ? 13  VAL A C   1 
ATOM   101 O  O   . VAL A 1 14 ? -5.656  2.979   5.211   1.00 13.56 ? 13  VAL A O   1 
ATOM   102 C  CB  . VAL A 1 14 ? -5.967  -0.278  5.415   1.00 12.58 ? 13  VAL A CB  1 
ATOM   103 C  CG1 . VAL A 1 14 ? -5.782  -0.706  3.959   1.00 13.07 ? 13  VAL A CG1 1 
ATOM   104 C  CG2 . VAL A 1 14 ? -4.608  0.014   6.050   1.00 14.96 ? 13  VAL A CG2 1 
ATOM   105 N  N   . PHE A 1 15 ? -6.789  2.211   3.432   1.00 11.88 ? 14  PHE A N   1 
ATOM   106 C  CA  . PHE A 1 15 ? -6.389  3.349   2.613   1.00 13.32 ? 14  PHE A CA  1 
ATOM   107 C  C   . PHE A 1 15 ? -6.981  4.648   3.174   1.00 13.36 ? 14  PHE A C   1 
ATOM   108 O  O   . PHE A 1 15 ? -6.299  5.671   3.219   1.00 16.94 ? 14  PHE A O   1 
ATOM   109 C  CB  . PHE A 1 15 ? -6.807  3.169   1.145   1.00 13.63 ? 14  PHE A CB  1 
ATOM   110 C  CG  . PHE A 1 15 ? -6.353  4.296   0.254   1.00 12.48 ? 14  PHE A CG  1 
ATOM   111 C  CD1 . PHE A 1 15 ? -5.085  4.270   -0.330  1.00 10.82 ? 14  PHE A CD1 1 
ATOM   112 C  CD2 . PHE A 1 15 ? -7.175  5.397   0.028   1.00 14.78 ? 14  PHE A CD2 1 
ATOM   113 C  CE1 . PHE A 1 15 ? -4.649  5.296   -1.146  1.00 12.28 ? 14  PHE A CE1 1 
ATOM   114 C  CE2 . PHE A 1 15 ? -6.750  6.442   -0.782  1.00 14.27 ? 14  PHE A CE2 1 
ATOM   115 C  CZ  . PHE A 1 15 ? -5.488  6.399   -1.369  1.00 13.44 ? 14  PHE A CZ  1 
ATOM   116 N  N   . HIS A 1 16 ? -8.243  4.599   3.589   1.00 14.20 ? 15  HIS A N   1 
ATOM   117 C  CA  . HIS A 1 16 ? -8.930  5.768   4.142   1.00 16.27 ? 15  HIS A CA  1 
ATOM   118 C  C   . HIS A 1 16 ? -8.191  6.273   5.373   1.00 17.46 ? 15  HIS A C   1 
ATOM   119 O  O   . HIS A 1 16 ? -7.937  7.479   5.510   1.00 16.98 ? 15  HIS A O   1 
ATOM   120 C  CB  . HIS A 1 16 ? -10.357 5.381   4.525   1.00 17.61 ? 15  HIS A CB  1 
ATOM   121 C  CG  . HIS A 1 16 ? -11.137 6.489   5.162   1.00 21.08 ? 15  HIS A CG  1 
ATOM   122 N  ND1 . HIS A 1 16 ? -11.789 7.455   4.425   1.00 22.17 ? 15  HIS A ND1 1 
ATOM   123 C  CD2 . HIS A 1 16 ? -11.376 6.780   6.461   1.00 25.56 ? 15  HIS A CD2 1 
ATOM   124 C  CE1 . HIS A 1 16 ? -12.386 8.302   5.246   1.00 22.22 ? 15  HIS A CE1 1 
ATOM   125 N  NE2 . HIS A 1 16 ? -12.152 7.915   6.488   1.00 28.32 ? 15  HIS A NE2 1 
ATOM   126 N  N   . GLN A 1 17 ? -7.859  5.348   6.273   1.00 15.68 ? 16  GLN A N   1 
ATOM   127 C  CA  . GLN A 1 17 ? -7.197  5.698   7.534   1.00 17.01 ? 16  GLN A CA  1 
ATOM   128 C  C   . GLN A 1 17 ? -5.899  6.464   7.304   1.00 20.13 ? 16  GLN A C   1 
ATOM   129 O  O   . GLN A 1 17 ? -5.673  7.519   7.912   1.00 19.91 ? 16  GLN A O   1 
ATOM   130 C  CB  . GLN A 1 17 ? -6.923  4.436   8.362   1.00 18.80 ? 16  GLN A CB  1 
ATOM   131 C  CG  . GLN A 1 17 ? -8.184  3.708   8.832   1.00 21.44 ? 16  GLN A CG  1 
ATOM   132 C  CD  . GLN A 1 17 ? -7.934  2.239   9.159   1.00 28.40 ? 16  GLN A CD  1 
ATOM   133 O  OE1 . GLN A 1 17 ? -6.784  1.781   9.221   1.00 24.69 ? 16  GLN A OE1 1 
ATOM   134 N  NE2 . GLN A 1 17 ? -9.019  1.489   9.364   1.00 28.32 ? 16  GLN A NE2 1 
ATOM   135 N  N   . TYR A 1 18 ? -5.057  5.938   6.417   1.00 13.60 ? 17  TYR A N   1 
ATOM   136 C  CA  . TYR A 1 18 ? -3.752  6.532   6.137   1.00 13.46 ? 17  TYR A CA  1 
ATOM   137 C  C   . TYR A 1 18 ? -3.768  7.747   5.201   1.00 13.33 ? 17  TYR A C   1 
ATOM   138 O  O   . TYR A 1 18 ? -3.030  8.706   5.427   1.00 12.20 ? 17  TYR A O   1 
ATOM   139 C  CB  . TYR A 1 18 ? -2.746  5.446   5.676   1.00 13.15 ? 17  TYR A CB  1 
ATOM   140 C  CG  . TYR A 1 18 ? -2.317  4.593   6.845   1.00 11.10 ? 17  TYR A CG  1 
ATOM   141 C  CD1 . TYR A 1 18 ? -3.061  3.485   7.221   1.00 12.95 ? 17  TYR A CD1 1 
ATOM   142 C  CD2 . TYR A 1 18 ? -1.200  4.936   7.610   1.00 13.31 ? 17  TYR A CD2 1 
ATOM   143 C  CE1 . TYR A 1 18 ? -2.699  2.725   8.325   1.00 13.14 ? 17  TYR A CE1 1 
ATOM   144 C  CE2 . TYR A 1 18 ? -0.836  4.185   8.708   1.00 12.97 ? 17  TYR A CE2 1 
ATOM   145 C  CZ  . TYR A 1 18 ? -1.589  3.085   9.058   1.00 13.54 ? 17  TYR A CZ  1 
ATOM   146 O  OH  . TYR A 1 18 ? -1.228  2.328   10.150  1.00 14.22 ? 17  TYR A OH  1 
ATOM   147 N  N   . SER A 1 19 ? -4.611  7.725   4.170   1.00 12.12 ? 18  SER A N   1 
ATOM   148 C  CA  . SER A 1 19 ? -4.631  8.825   3.206   1.00 13.87 ? 18  SER A CA  1 
ATOM   149 C  C   . SER A 1 19 ? -5.166  10.099  3.850   1.00 12.19 ? 18  SER A C   1 
ATOM   150 O  O   . SER A 1 19 ? -4.784  11.203  3.456   1.00 12.54 ? 18  SER A O   1 
ATOM   151 C  CB  . SER A 1 19 ? -5.464  8.460   1.974   1.00 12.97 ? 18  SER A CB  1 
ATOM   152 O  OG  . SER A 1 19 ? -6.819  8.210   2.315   1.00 13.73 ? 18  SER A OG  1 
ATOM   153 N  N   . GLY A 1 20 ? -6.029  9.936   4.852   1.00 13.83 ? 19  GLY A N   1 
ATOM   154 C  CA  . GLY A 1 20 ? -6.713  11.069  5.458   1.00 15.71 ? 19  GLY A CA  1 
ATOM   155 C  C   . GLY A 1 20 ? -5.917  11.815  6.514   1.00 16.14 ? 19  GLY A C   1 
ATOM   156 O  O   . GLY A 1 20 ? -6.400  12.815  7.062   1.00 17.51 ? 19  GLY A O   1 
ATOM   157 N  N   . ARG A 1 21 ? -4.700  11.361  6.800   1.00 14.09 ? 20  ARG A N   1 
ATOM   158 C  CA  . ARG A 1 21 ? -3.903  11.998  7.846   1.00 15.47 ? 20  ARG A CA  1 
ATOM   159 C  C   . ARG A 1 21 ? -3.488  13.427  7.512   1.00 18.21 ? 20  ARG A C   1 
ATOM   160 O  O   . ARG A 1 21 ? -3.654  14.347  8.331   1.00 20.67 ? 20  ARG A O   1 
ATOM   161 C  CB  . ARG A 1 21 ? -2.671  11.144  8.169   1.00 14.33 ? 20  ARG A CB  1 
ATOM   162 C  CG  . ARG A 1 21 ? -3.029  9.798   8.783   1.00 17.49 ? 20  ARG A CG  1 
ATOM   163 C  CD  . ARG A 1 21 ? -1.799  8.946   9.002   1.00 18.14 ? 20  ARG A CD  1 
ATOM   164 N  NE  . ARG A 1 21 ? -2.092  7.811   9.868   1.00 16.50 ? 20  ARG A NE  1 
ATOM   165 C  CZ  . ARG A 1 21 ? -1.163  7.112   10.518  1.00 14.52 ? 20  ARG A CZ  1 
ATOM   166 N  NH1 . ARG A 1 21 ? 0.121   7.423   10.387  1.00 14.91 ? 20  ARG A NH1 1 
ATOM   167 N  NH2 . ARG A 1 21 ? -1.521  6.102   11.298  1.00 17.44 ? 20  ARG A NH2 1 
ATOM   168 N  N   . GLU A 1 22 ? -2.959  13.618  6.309   1.00 15.29 ? 21  GLU A N   1 
ATOM   169 C  CA  . GLU A 1 22 ? -2.384  14.902  5.919   1.00 17.83 ? 21  GLU A CA  1 
ATOM   170 C  C   . GLU A 1 22 ? -2.663  15.234  4.457   1.00 19.65 ? 21  GLU A C   1 
ATOM   171 O  O   . GLU A 1 22 ? -2.822  14.335  3.613   1.00 15.35 ? 21  GLU A O   1 
ATOM   172 C  CB  . GLU A 1 22 ? -0.870  14.900  6.162   1.00 21.80 ? 21  GLU A CB  1 
ATOM   173 C  CG  . GLU A 1 22 ? -0.464  14.773  7.620   1.00 25.64 ? 21  GLU A CG  1 
ATOM   174 C  CD  . GLU A 1 22 ? 1.036   14.675  7.801   1.00 32.14 ? 21  GLU A CD  1 
ATOM   175 O  OE1 . GLU A 1 22 ? 1.777   15.256  6.979   1.00 32.02 ? 21  GLU A OE1 1 
ATOM   176 O  OE2 . GLU A 1 22 ? 1.472   14.003  8.762   1.00 35.66 ? 21  GLU A OE2 1 
ATOM   177 N  N   . GLY A 1 23 ? -2.713  16.532  4.162   1.00 16.88 ? 22  GLY A N   1 
ATOM   178 C  CA  . GLY A 1 23 ? -2.842  17.007  2.800   1.00 19.77 ? 22  GLY A CA  1 
ATOM   179 C  C   . GLY A 1 23 ? -4.084  16.486  2.109   1.00 16.53 ? 22  GLY A C   1 
ATOM   180 O  O   . GLY A 1 23 ? -5.181  16.486  2.677   1.00 19.40 ? 22  GLY A O   1 
ATOM   181 N  N   . ASP A 1 24 ? -3.900  16.044  0.870   1.00 15.54 ? 23  ASP A N   1 
ATOM   182 C  CA  . ASP A 1 24 ? -4.957  15.399  0.114   1.00 14.76 ? 23  ASP A CA  1 
ATOM   183 C  C   . ASP A 1 24 ? -5.442  14.188  0.906   1.00 15.85 ? 23  ASP A C   1 
ATOM   184 O  O   . ASP A 1 24 ? -4.664  13.273  1.209   1.00 15.12 ? 23  ASP A O   1 
ATOM   185 C  CB  . ASP A 1 24 ? -4.395  14.975  -1.240  1.00 16.59 ? 23  ASP A CB  1 
ATOM   186 C  CG  . ASP A 1 24 ? -5.471  14.557  -2.221  1.00 15.68 ? 23  ASP A CG  1 
ATOM   187 O  OD1 . ASP A 1 24 ? -6.508  14.001  -1.794  1.00 16.81 ? 23  ASP A OD1 1 
ATOM   188 O  OD2 . ASP A 1 24 ? -5.264  14.775  -3.430  1.00 20.61 ? 23  ASP A OD2 1 
ATOM   189 N  N   . LYS A 1 25 ? -6.720  14.191  1.267   1.00 16.14 ? 24  LYS A N   1 
ATOM   190 C  CA  . LYS A 1 25 ? -7.273  13.121  2.089   1.00 15.11 ? 24  LYS A CA  1 
ATOM   191 C  C   . LYS A 1 25 ? -7.546  11.858  1.293   1.00 14.07 ? 24  LYS A C   1 
ATOM   192 O  O   . LYS A 1 25 ? -7.954  10.849  1.868   1.00 16.13 ? 24  LYS A O   1 
ATOM   193 C  CB  . LYS A 1 25 ? -8.557  13.584  2.783   1.00 19.81 ? 24  LYS A CB  1 
ATOM   194 C  CG  . LYS A 1 25 ? -8.313  14.652  3.841   1.00 20.36 ? 24  LYS A CG  1 
ATOM   195 C  CD  . LYS A 1 25 ? -9.601  15.087  4.529   1.00 29.93 ? 24  LYS A CD  1 
ATOM   196 C  CE  . LYS A 1 25 ? -9.291  15.993  5.716   1.00 30.52 ? 24  LYS A CE  1 
ATOM   197 N  NZ  . LYS A 1 25 ? -8.478  15.290  6.746   1.00 35.31 ? 24  LYS A NZ  1 
ATOM   198 N  N   . HIS A 1 26 ? -7.319  11.902  -0.020  1.00 13.86 ? 25  HIS A N   1 
ATOM   199 C  CA  . HIS A 1 26 ? -7.559  10.727  -0.862  1.00 13.18 ? 25  HIS A CA  1 
ATOM   200 C  C   . HIS A 1 26 ? -6.294  10.200  -1.533  1.00 13.56 ? 25  HIS A C   1 
ATOM   201 O  O   . HIS A 1 26 ? -6.355  9.336   -2.413  1.00 13.15 ? 25  HIS A O   1 
ATOM   202 C  CB  . HIS A 1 26 ? -8.661  11.010  -1.890  1.00 17.95 ? 25  HIS A CB  1 
ATOM   203 C  CG  . HIS A 1 26 ? -9.953  11.421  -1.265  1.00 20.79 ? 25  HIS A CG  1 
ATOM   204 N  ND1 . HIS A 1 26 ? -10.650 10.607  -0.399  1.00 22.37 ? 25  HIS A ND1 1 
ATOM   205 C  CD2 . HIS A 1 26 ? -10.658 12.575  -1.349  1.00 22.94 ? 25  HIS A CD2 1 
ATOM   206 C  CE1 . HIS A 1 26 ? -11.740 11.235  0.010   1.00 25.63 ? 25  HIS A CE1 1 
ATOM   207 N  NE2 . HIS A 1 26 ? -11.770 12.429  -0.555  1.00 24.09 ? 25  HIS A NE2 1 
ATOM   208 N  N   . LYS A 1 27 ? -5.147  10.706  -1.097  1.00 12.82 ? 26  LYS A N   1 
ATOM   209 C  CA  . LYS A 1 27 ? -3.870  10.183  -1.557  1.00 13.39 ? 26  LYS A CA  1 
ATOM   210 C  C   . LYS A 1 27 ? -2.925  9.992   -0.390  1.00 12.47 ? 26  LYS A C   1 
ATOM   211 O  O   . LYS A 1 27 ? -3.036  10.682  0.635   1.00 12.28 ? 26  LYS A O   1 
ATOM   212 C  CB  . LYS A 1 27 ? -3.219  11.130  -2.567  1.00 14.57 ? 26  LYS A CB  1 
ATOM   213 C  CG  . LYS A 1 27 ? -4.019  11.356  -3.850  1.00 15.69 ? 26  LYS A CG  1 
ATOM   214 C  CD  . LYS A 1 27 ? -3.246  12.284  -4.762  1.00 17.91 ? 26  LYS A CD  1 
ATOM   215 C  CE  . LYS A 1 27 ? -4.033  12.654  -6.014  1.00 20.33 ? 26  LYS A CE  1 
ATOM   216 N  NZ  . LYS A 1 27 ? -3.377  13.827  -6.672  1.00 27.45 ? 26  LYS A NZ  1 
ATOM   217 N  N   . LEU A 1 28 ? -1.997  9.054   -0.559  1.00 11.00 ? 27  LEU A N   1 
ATOM   218 C  CA  . LEU A 1 28 ? -0.934  8.805   0.409   1.00 10.15 ? 27  LEU A CA  1 
ATOM   219 C  C   . LEU A 1 28 ? 0.308   9.573   0.003   1.00 12.00 ? 27  LEU A C   1 
ATOM   220 O  O   . LEU A 1 28 ? 0.843   9.337   -1.084  1.00 13.55 ? 27  LEU A O   1 
ATOM   221 C  CB  . LEU A 1 28 ? -0.590  7.310   0.418   1.00 10.45 ? 27  LEU A CB  1 
ATOM   222 C  CG  . LEU A 1 28 ? -1.698  6.343   0.812   1.00 10.81 ? 27  LEU A CG  1 
ATOM   223 C  CD1 . LEU A 1 28 ? -1.347  4.928   0.340   1.00 11.83 ? 27  LEU A CD1 1 
ATOM   224 C  CD2 . LEU A 1 28 ? -1.892  6.350   2.314   1.00 13.75 ? 27  LEU A CD2 1 
ATOM   225 N  N   . LYS A 1 29 ? 0.774   10.482  0.862   1.00 12.40 ? 28  LYS A N   1 
ATOM   226 C  CA  . LYS A 1 29 ? 2.097   11.081  0.686   1.00 12.71 ? 28  LYS A CA  1 
ATOM   227 C  C   . LYS A 1 29 ? 3.147   10.118  1.242   1.00 13.44 ? 28  LYS A C   1 
ATOM   228 O  O   . LYS A 1 29 ? 2.800   9.065   1.790   1.00 12.23 ? 28  LYS A O   1 
ATOM   229 C  CB  . LYS A 1 29 ? 2.182   12.437  1.400   1.00 17.75 ? 28  LYS A CB  1 
ATOM   230 C  CG  . LYS A 1 29 ? 2.128   12.341  2.916   1.00 17.64 ? 28  LYS A CG  1 
ATOM   231 C  CD  . LYS A 1 29 ? 1.779   13.666  3.580   1.00 21.12 ? 28  LYS A CD  1 
ATOM   232 C  CE  . LYS A 1 29 ? 2.837   14.720  3.393   1.00 29.90 ? 28  LYS A CE  1 
ATOM   233 N  NZ  . LYS A 1 29 ? 2.396   16.002  4.035   1.00 28.81 ? 28  LYS A NZ  1 
ATOM   234 N  N   . LYS A 1 30 ? 4.421   10.478  1.132   1.00 12.71 ? 29  LYS A N   1 
ATOM   235 C  CA  . LYS A 1 30 ? 5.489   9.581   1.579   1.00 14.48 ? 29  LYS A CA  1 
ATOM   236 C  C   . LYS A 1 30 ? 5.329   9.123   3.027   1.00 12.72 ? 29  LYS A C   1 
ATOM   237 O  O   . LYS A 1 30 ? 5.436   7.926   3.315   1.00 15.48 ? 29  LYS A O   1 
ATOM   238 C  CB  . LYS A 1 30 ? 6.855   10.233  1.394   1.00 14.57 ? 29  LYS A CB  1 
ATOM   239 C  CG  . LYS A 1 30 ? 7.387   10.186  -0.030  1.00 18.58 ? 29  LYS A CG  1 
ATOM   240 C  CD  . LYS A 1 30 ? 8.671   11.026  -0.099  1.00 16.75 ? 29  LYS A CD  1 
ATOM   241 C  CE  . LYS A 1 30 ? 9.345   10.945  -1.457  1.00 23.02 ? 29  LYS A CE  1 
ATOM   242 N  NZ  . LYS A 1 30 ? 10.604  11.762  -1.429  1.00 20.55 ? 29  LYS A NZ  1 
ATOM   243 N  N   . SER A 1 31 ? 5.068   10.060  3.935   1.00 15.65 ? 30  SER A N   1 
ATOM   244 C  CA  . SER A 1 31 ? 4.968   9.711   5.349   1.00 15.54 ? 30  SER A CA  1 
ATOM   245 C  C   . SER A 1 31 ? 3.796   8.770   5.624   1.00 14.78 ? 30  SER A C   1 
ATOM   246 O  O   . SER A 1 31 ? 3.913   7.843   6.432   1.00 14.38 ? 30  SER A O   1 
ATOM   247 C  CB  . SER A 1 31 ? 4.869   10.967  6.220   1.00 19.69 ? 30  SER A CB  1 
ATOM   248 O  OG  . SER A 1 31 ? 3.704   11.707  5.917   1.00 21.89 ? 30  SER A OG  1 
ATOM   249 N  N   . GLU A 1 32 ? 2.679   8.985   4.931   1.00 13.12 ? 31  GLU A N   1 
ATOM   250 C  CA  . GLU A 1 32 ? 1.494   8.151   5.114   1.00 11.03 ? 31  GLU A CA  1 
ATOM   251 C  C   . GLU A 1 32 ? 1.694   6.732   4.589   1.00 11.62 ? 31  GLU A C   1 
ATOM   252 O  O   . GLU A 1 32 ? 1.264   5.760   5.224   1.00 12.71 ? 31  GLU A O   1 
ATOM   253 C  CB  . GLU A 1 32 ? 0.277   8.787   4.436   1.00 10.64 ? 31  GLU A CB  1 
ATOM   254 C  CG  . GLU A 1 32 ? -0.197  10.091  5.094   1.00 10.92 ? 31  GLU A CG  1 
ATOM   255 C  CD  . GLU A 1 32 ? -1.190  10.856  4.231   1.00 12.73 ? 31  GLU A CD  1 
ATOM   256 O  OE1 . GLU A 1 32 ? -1.169  10.693  2.994   1.00 14.04 ? 31  GLU A OE1 1 
ATOM   257 O  OE2 . GLU A 1 32 ? -2.011  11.615  4.777   1.00 16.00 ? 31  GLU A OE2 1 
ATOM   258 N  N   . LEU A 1 33 ? 2.325   6.624   3.424   1.00 9.86  ? 32  LEU A N   1 
ATOM   259 C  CA  . LEU A 1 33 ? 2.628   5.337   2.815   1.00 11.18 ? 32  LEU A CA  1 
ATOM   260 C  C   . LEU A 1 33 ? 3.615   4.559   3.682   1.00 11.52 ? 32  LEU A C   1 
ATOM   261 O  O   . LEU A 1 33 ? 3.474   3.348   3.864   1.00 12.22 ? 32  LEU A O   1 
ATOM   262 C  CB  . LEU A 1 33 ? 3.217   5.568   1.421   1.00 10.55 ? 32  LEU A CB  1 
ATOM   263 C  CG  . LEU A 1 33 ? 3.705   4.347   0.649   1.00 11.78 ? 32  LEU A CG  1 
ATOM   264 C  CD1 . LEU A 1 33 ? 2.536   3.432   0.386   1.00 12.35 ? 32  LEU A CD1 1 
ATOM   265 C  CD2 . LEU A 1 33 ? 4.365   4.765   -0.671  1.00 15.09 ? 32  LEU A CD2 1 
ATOM   266 N  N   . LYS A 1 34 ? 4.612   5.261   4.212   1.00 12.53 ? 33  LYS A N   1 
ATOM   267 C  CA  . LYS A 1 34 ? 5.616   4.629   5.060   1.00 11.43 ? 33  LYS A CA  1 
ATOM   268 C  C   . LYS A 1 34 ? 4.961   4.002   6.279   1.00 13.27 ? 33  LYS A C   1 
ATOM   269 O  O   . LYS A 1 34 ? 5.248   2.840   6.627   1.00 11.56 ? 33  LYS A O   1 
ATOM   270 C  CB  . LYS A 1 34 ? 6.670   5.652   5.498   1.00 14.14 ? 33  LYS A CB  1 
ATOM   271 C  CG  . LYS A 1 34 ? 7.695   5.073   6.478   1.00 15.89 ? 33  LYS A CG  1 
ATOM   272 C  CD  . LYS A 1 34 ? 8.596   6.155   7.065   1.00 16.96 ? 33  LYS A CD  1 
ATOM   273 C  CE  . LYS A 1 34 ? 9.557   5.560   8.098   1.00 25.93 ? 33  LYS A CE  1 
ATOM   274 N  NZ  . LYS A 1 34 ? 10.567  6.550   8.597   1.00 27.89 ? 33  LYS A NZ  1 
ATOM   275 N  N   . GLU A 1 35 ? 4.074   4.761   6.922   1.00 10.68 ? 34  GLU A N   1 
ATOM   276 C  CA  . GLU A 1 35 ? 3.415   4.269   8.125   1.00 11.87 ? 34  GLU A CA  1 
ATOM   277 C  C   . GLU A 1 35 ? 2.441   3.156   7.792   1.00 13.20 ? 34  GLU A C   1 
ATOM   278 O  O   . GLU A 1 35 ? 2.317   2.190   8.555   1.00 12.88 ? 34  GLU A O   1 
ATOM   279 C  CB  . GLU A 1 35 ? 2.702   5.398   8.882   1.00 14.64 ? 34  GLU A CB  1 
ATOM   280 C  CG  . GLU A 1 35 ? 3.609   6.568   9.323   1.00 14.07 ? 34  GLU A CG  1 
ATOM   281 C  CD  . GLU A 1 35 ? 4.713   6.191   10.321  1.00 19.34 ? 34  GLU A CD  1 
ATOM   282 O  OE1 . GLU A 1 35 ? 5.481   7.110   10.694  1.00 20.59 ? 34  GLU A OE1 1 
ATOM   283 O  OE2 . GLU A 1 35 ? 4.833   5.013   10.733  1.00 19.06 ? 34  GLU A OE2 1 
ATOM   284 N  N   . LEU A 1 36 ? 1.757   3.258   6.650   1.00 10.92 ? 35  LEU A N   1 
ATOM   285 C  CA  . LEU A 1 36 ? 0.890   2.148   6.236   1.00 10.81 ? 35  LEU A CA  1 
ATOM   286 C  C   . LEU A 1 36 ? 1.704   0.854   6.096   1.00 11.89 ? 35  LEU A C   1 
ATOM   287 O  O   . LEU A 1 36 ? 1.314   -0.203  6.601   1.00 11.28 ? 35  LEU A O   1 
ATOM   288 C  CB  . LEU A 1 36 ? 0.139   2.483   4.937   1.00 10.10 ? 35  LEU A CB  1 
ATOM   289 C  CG  . LEU A 1 36 ? -0.884  1.461   4.430   1.00 11.26 ? 35  LEU A CG  1 
ATOM   290 C  CD1 . LEU A 1 36 ? -1.967  2.141   3.592   1.00 13.08 ? 35  LEU A CD1 1 
ATOM   291 C  CD2 . LEU A 1 36 ? -0.212  0.372   3.596   1.00 11.14 ? 35  LEU A CD2 1 
ATOM   292 N  N   . ILE A 1 37 ? 2.834   0.935   5.411   1.00 11.60 ? 36  ILE A N   1 
ATOM   293 C  CA  . ILE A 1 37 ? 3.676   -0.246  5.223   1.00 11.72 ? 36  ILE A CA  1 
ATOM   294 C  C   . ILE A 1 37 ? 4.221   -0.764  6.552   1.00 10.66 ? 36  ILE A C   1 
ATOM   295 O  O   . ILE A 1 37 ? 4.176   -1.973  6.815   1.00 12.49 ? 36  ILE A O   1 
ATOM   296 C  CB  . ILE A 1 37 ? 4.818   0.045   4.240   1.00 11.09 ? 36  ILE A CB  1 
ATOM   297 C  CG1 . ILE A 1 37 ? 4.251   0.180   2.823   1.00 10.93 ? 36  ILE A CG1 1 
ATOM   298 C  CG2 . ILE A 1 37 ? 5.860   -1.072  4.262   1.00 13.15 ? 36  ILE A CG2 1 
ATOM   299 C  CD1 . ILE A 1 37 ? 5.216   0.815   1.846   1.00 13.14 ? 36  ILE A CD1 1 
ATOM   300 N  N   . ASN A 1 38 ? 4.724   0.138   7.392   1.00 10.22 ? 37  ASN A N   1 
ATOM   301 C  CA  . ASN A 1 38 ? 5.332   -0.282  8.651   1.00 13.06 ? 37  ASN A CA  1 
ATOM   302 C  C   . ASN A 1 38 ? 4.339   -0.836  9.673   1.00 15.80 ? 37  ASN A C   1 
ATOM   303 O  O   . ASN A 1 38 ? 4.657   -1.789  10.401  1.00 16.40 ? 37  ASN A O   1 
ATOM   304 C  CB  . ASN A 1 38 ? 6.157   0.855   9.259   1.00 12.76 ? 37  ASN A CB  1 
ATOM   305 C  CG  . ASN A 1 38 ? 7.441   1.096   8.508   1.00 15.29 ? 37  ASN A CG  1 
ATOM   306 O  OD1 . ASN A 1 38 ? 7.778   0.345   7.586   1.00 14.79 ? 37  ASN A OD1 1 
ATOM   307 N  ND2 . ASN A 1 38 ? 8.192   2.124   8.915   1.00 16.09 ? 37  ASN A ND2 1 
ATOM   308 N  N   . ASN A 1 39 ? 3.150   -0.245  9.743   1.00 12.11 ? 38  ASN A N   1 
ATOM   309 C  CA  . ASN A 1 39 ? 2.144   -0.693  10.704  1.00 13.49 ? 38  ASN A CA  1 
ATOM   310 C  C   . ASN A 1 39 ? 1.266   -1.828  10.205  1.00 16.12 ? 38  ASN A C   1 
ATOM   311 O  O   . ASN A 1 39 ? 0.814   -2.650  10.998  1.00 15.82 ? 38  ASN A O   1 
ATOM   312 C  CB  . ASN A 1 39 ? 1.212   0.453   11.106  1.00 13.04 ? 38  ASN A CB  1 
ATOM   313 C  CG  . ASN A 1 39 ? 1.935   1.612   11.772  1.00 16.81 ? 38  ASN A CG  1 
ATOM   314 O  OD1 . ASN A 1 39 ? 3.012   1.451   12.359  1.00 15.57 ? 38  ASN A OD1 1 
ATOM   315 N  ND2 . ASN A 1 39 ? 1.333   2.789   11.689  1.00 15.72 ? 38  ASN A ND2 1 
ATOM   316 N  N   . GLU A 1 40 ? 0.983   -1.857  8.902   1.00 13.17 ? 39  GLU A N   1 
ATOM   317 C  CA  . GLU A 1 40 ? -0.043  -2.768  8.389   1.00 12.39 ? 39  GLU A CA  1 
ATOM   318 C  C   . GLU A 1 40 ? 0.476   -3.883  7.499   1.00 13.15 ? 39  GLU A C   1 
ATOM   319 O  O   . GLU A 1 40 ? -0.291  -4.772  7.130   1.00 13.50 ? 39  GLU A O   1 
ATOM   320 C  CB  . GLU A 1 40 ? -1.149  -2.003  7.633   1.00 10.63 ? 39  GLU A CB  1 
ATOM   321 C  CG  . GLU A 1 40 ? -1.627  -0.718  8.319   1.00 11.27 ? 39  GLU A CG  1 
ATOM   322 C  CD  . GLU A 1 40 ? -2.218  -0.954  9.699   1.00 17.81 ? 39  GLU A CD  1 
ATOM   323 O  OE1 . GLU A 1 40 ? -2.688  -2.081  9.977   1.00 16.93 ? 39  GLU A OE1 1 
ATOM   324 O  OE2 . GLU A 1 40 ? -2.213  -0.001  10.515  1.00 15.10 ? 39  GLU A OE2 1 
ATOM   325 N  N   . LEU A 1 41 ? 1.755   -3.841  7.140   1.00 12.37 ? 40  LEU A N   1 
ATOM   326 C  CA  . LEU A 1 41 ? 2.339   -4.911  6.327   1.00 12.75 ? 40  LEU A CA  1 
ATOM   327 C  C   . LEU A 1 41 ? 3.607   -5.438  6.999   1.00 14.21 ? 40  LEU A C   1 
ATOM   328 O  O   . LEU A 1 41 ? 4.537   -5.894  6.327   1.00 14.92 ? 40  LEU A O   1 
ATOM   329 C  CB  . LEU A 1 41 ? 2.638   -4.417  4.908   1.00 12.59 ? 40  LEU A CB  1 
ATOM   330 C  CG  . LEU A 1 41 ? 1.399   -4.144  4.049   1.00 9.89  ? 40  LEU A CG  1 
ATOM   331 C  CD1 . LEU A 1 41 ? 1.748   -3.319  2.812   1.00 10.43 ? 40  LEU A CD1 1 
ATOM   332 C  CD2 . LEU A 1 41 ? 0.719   -5.462  3.657   1.00 12.19 ? 40  LEU A CD2 1 
ATOM   333 N  N   . SER A 1 42 ? 3.624   -5.386  8.329   1.00 15.68 ? 41  SER A N   1 
ATOM   334 C  CA  . SER A 1 42 ? 4.815   -5.747  9.107   1.00 17.23 ? 41  SER A CA  1 
ATOM   335 C  C   . SER A 1 42 ? 5.210   -7.218  8.980   1.00 18.86 ? 41  SER A C   1 
ATOM   336 O  O   . SER A 1 42 ? 6.343   -7.580  9.311   1.00 19.20 ? 41  SER A O   1 
ATOM   337 C  CB  . SER A 1 42 ? 4.607   -5.403  10.583  1.00 17.88 ? 41  SER A CB  1 
ATOM   338 O  OG  . SER A 1 42 ? 3.632   -6.246  11.177  1.00 20.25 ? 41  SER A OG  1 
ATOM   339 N  N   . HIS A 1 43 ? 4.297   -8.070  8.514   1.00 19.50 ? 42  HIS A N   1 
ATOM   340 C  CA  . HIS A 1 43 ? 4.632   -9.490  8.328   1.00 16.85 ? 42  HIS A CA  1 
ATOM   341 C  C   . HIS A 1 43 ? 4.990   -9.834  6.881   1.00 18.57 ? 42  HIS A C   1 
ATOM   342 O  O   . HIS A 1 43 ? 5.508   -10.924 6.609   1.00 23.59 ? 42  HIS A O   1 
ATOM   343 C  CB  . HIS A 1 43 ? 3.491   -10.390 8.819   1.00 17.43 ? 42  HIS A CB  1 
ATOM   344 C  CG  . HIS A 1 43 ? 2.990   -10.043 10.189  1.00 18.98 ? 42  HIS A CG  1 
ATOM   345 N  ND1 . HIS A 1 43 ? 3.659   -10.396 11.344  1.00 25.12 ? 42  HIS A ND1 1 
ATOM   346 C  CD2 . HIS A 1 43 ? 1.885   -9.371  10.588  1.00 18.81 ? 42  HIS A CD2 1 
ATOM   347 C  CE1 . HIS A 1 43 ? 2.985   -9.953  12.393  1.00 19.55 ? 42  HIS A CE1 1 
ATOM   348 N  NE2 . HIS A 1 43 ? 1.906   -9.326  11.960  1.00 25.28 ? 42  HIS A NE2 1 
ATOM   349 N  N   . PHE A 1 44 ? 4.717   -8.913  5.958   1.00 18.20 ? 43  PHE A N   1 
ATOM   350 C  CA  . PHE A 1 44 ? 4.948   -9.159  4.532   1.00 20.58 ? 43  PHE A CA  1 
ATOM   351 C  C   . PHE A 1 44 ? 6.142   -8.388  3.982   1.00 23.47 ? 43  PHE A C   1 
ATOM   352 O  O   . PHE A 1 44 ? 6.843   -8.875  3.093   1.00 24.40 ? 43  PHE A O   1 
ATOM   353 C  CB  . PHE A 1 44 ? 3.705   -8.799  3.704   1.00 21.74 ? 43  PHE A CB  1 
ATOM   354 C  CG  . PHE A 1 44 ? 2.545   -9.742  3.884   1.00 20.71 ? 43  PHE A CG  1 
ATOM   355 C  CD1 . PHE A 1 44 ? 2.698   -10.938 4.576   1.00 24.65 ? 43  PHE A CD1 1 
ATOM   356 C  CD2 . PHE A 1 44 ? 1.297   -9.426  3.364   1.00 20.98 ? 43  PHE A CD2 1 
ATOM   357 C  CE1 . PHE A 1 44 ? 1.623   -11.807 4.738   1.00 26.91 ? 43  PHE A CE1 1 
ATOM   358 C  CE2 . PHE A 1 44 ? 0.217   -10.291 3.519   1.00 20.55 ? 43  PHE A CE2 1 
ATOM   359 C  CZ  . PHE A 1 44 ? 0.382   -11.478 4.211   1.00 20.68 ? 43  PHE A CZ  1 
ATOM   360 N  N   . LEU A 1 45 ? 6.351   -7.174  4.484   1.00 18.40 ? 44  LEU A N   1 
ATOM   361 C  CA  . LEU A 1 45 ? 7.426   -6.320  3.996   1.00 16.50 ? 44  LEU A CA  1 
ATOM   362 C  C   . LEU A 1 45 ? 8.360   -5.933  5.135   1.00 18.54 ? 44  LEU A C   1 
ATOM   363 O  O   . LEU A 1 45 ? 7.924   -5.740  6.281   1.00 16.06 ? 44  LEU A O   1 
ATOM   364 C  CB  . LEU A 1 45 ? 6.852   -5.051  3.352   1.00 19.27 ? 44  LEU A CB  1 
ATOM   365 C  CG  . LEU A 1 45 ? 5.993   -5.275  2.103   1.00 20.86 ? 44  LEU A CG  1 
ATOM   366 C  CD1 . LEU A 1 45 ? 5.424   -3.961  1.579   1.00 17.61 ? 44  LEU A CD1 1 
ATOM   367 C  CD2 . LEU A 1 45 ? 6.831   -5.944  1.039   1.00 22.52 ? 44  LEU A CD2 1 
ATOM   368 N  N   . GLU A 1 46 ? 9.646   -5.816  4.828   1.00 17.68 ? 45  GLU A N   1 
ATOM   369 C  CA  . GLU A 1 46 ? 10.601  -5.363  5.820   1.00 19.97 ? 45  GLU A CA  1 
ATOM   370 C  C   . GLU A 1 46 ? 10.270  -3.933  6.218   1.00 20.40 ? 45  GLU A C   1 
ATOM   371 O  O   . GLU A 1 46 ? 9.910   -3.111  5.367   1.00 19.95 ? 45  GLU A O   1 
ATOM   372 C  CB  . GLU A 1 46 ? 12.022  -5.445  5.269   1.00 22.95 ? 45  GLU A CB  1 
ATOM   373 C  CG  . GLU A 1 46 ? 13.081  -5.158  6.319   1.00 27.57 ? 45  GLU A CG  1 
ATOM   374 C  CD  . GLU A 1 46 ? 14.483  -5.330  5.790   1.00 37.17 ? 45  GLU A CD  1 
ATOM   375 O  OE1 . GLU A 1 46 ? 14.701  -6.216  4.937   1.00 41.36 ? 45  GLU A OE1 1 
ATOM   376 O  OE2 . GLU A 1 46 ? 15.367  -4.568  6.227   1.00 40.59 ? 45  GLU A OE2 1 
ATOM   377 N  N   . GLU A 1 47 ? 10.380  -3.645  7.510   1.00 17.60 ? 46  GLU A N   1 
ATOM   378 C  CA  . GLU A 1 47 ? 10.128  -2.305  8.024   1.00 17.46 ? 46  GLU A CA  1 
ATOM   379 C  C   . GLU A 1 47 ? 11.005  -1.286  7.307   1.00 18.73 ? 46  GLU A C   1 
ATOM   380 O  O   . GLU A 1 47 ? 12.206  -1.512  7.106   1.00 18.79 ? 46  GLU A O   1 
ATOM   381 C  CB  . GLU A 1 47 ? 10.387  -2.259  9.533   1.00 18.23 ? 46  GLU A CB  1 
ATOM   382 C  CG  . GLU A 1 47 ? 10.103  -0.898  10.175  1.00 19.11 ? 46  GLU A CG  1 
ATOM   383 C  CD  . GLU A 1 47 ? 10.434  -0.866  11.653  1.00 28.95 ? 46  GLU A CD  1 
ATOM   384 O  OE1 . GLU A 1 47 ? 10.660  -1.943  12.245  1.00 30.14 ? 46  GLU A OE1 1 
ATOM   385 O  OE2 . GLU A 1 47 ? 10.466  0.241   12.220  1.00 30.27 ? 46  GLU A OE2 1 
ATOM   386 N  N   . ILE A 1 48 ? 10.405  -0.162  6.922   1.00 14.08 ? 47  ILE A N   1 
ATOM   387 C  CA  . ILE A 1 48 ? 11.147  0.898   6.249   1.00 13.83 ? 47  ILE A CA  1 
ATOM   388 C  C   . ILE A 1 48 ? 11.782  1.821   7.285   1.00 18.62 ? 47  ILE A C   1 
ATOM   389 O  O   . ILE A 1 48 ? 11.075  2.465   8.070   1.00 16.76 ? 47  ILE A O   1 
ATOM   390 C  CB  . ILE A 1 48 ? 10.245  1.746   5.340   1.00 12.55 ? 47  ILE A CB  1 
ATOM   391 C  CG1 . ILE A 1 48 ? 9.618   0.875   4.252   1.00 14.03 ? 47  ILE A CG1 1 
ATOM   392 C  CG2 . ILE A 1 48 ? 11.065  2.856   4.700   1.00 16.39 ? 47  ILE A CG2 1 
ATOM   393 C  CD1 . ILE A 1 48 ? 8.517   1.579   3.468   1.00 13.94 ? 47  ILE A CD1 1 
ATOM   394 N  N   . LYS A 1 49 ? 13.112  1.883   7.272   1.00 17.64 ? 48  LYS A N   1 
ATOM   395 C  CA  . LYS A 1 49 ? 13.856  2.696   8.236   1.00 20.33 ? 48  LYS A CA  1 
ATOM   396 C  C   . LYS A 1 49 ? 14.765  3.731   7.585   1.00 19.11 ? 48  LYS A C   1 
ATOM   397 O  O   . LYS A 1 49 ? 15.501  4.438   8.282   1.00 26.57 ? 48  LYS A O   1 
ATOM   398 C  CB  . LYS A 1 49 ? 14.702  1.795   9.140   1.00 22.72 ? 48  LYS A CB  1 
ATOM   399 C  CG  . LYS A 1 49 ? 13.921  1.135   10.253  1.00 26.41 ? 48  LYS A CG  1 
ATOM   400 C  CD  . LYS A 1 49 ? 14.790  0.189   11.064  1.00 32.33 ? 48  LYS A CD  1 
ATOM   401 C  CE  . LYS A 1 49 ? 14.107  -0.140  12.378  1.00 32.76 ? 48  LYS A CE  1 
ATOM   402 N  NZ  . LYS A 1 49 ? 14.799  -1.250  13.091  1.00 39.58 ? 48  LYS A NZ  1 
ATOM   403 N  N   . GLU A 1 50 ? 14.744  3.814   6.260   1.00 16.99 ? 49  GLU A N   1 
ATOM   404 C  CA  . GLU A 1 50 ? 15.666  4.684   5.530   1.00 21.07 ? 49  GLU A CA  1 
ATOM   405 C  C   . GLU A 1 50 ? 14.880  5.546   4.569   1.00 22.07 ? 49  GLU A C   1 
ATOM   406 O  O   . GLU A 1 50 ? 13.987  5.036   3.883   1.00 16.18 ? 49  GLU A O   1 
ATOM   407 C  CB  . GLU A 1 50 ? 16.650  3.848   4.711   1.00 19.56 ? 49  GLU A CB  1 
ATOM   408 C  CG  . GLU A 1 50 ? 17.600  3.005   5.520   1.00 23.10 ? 49  GLU A CG  1 
ATOM   409 C  CD  . GLU A 1 50 ? 18.218  1.903   4.694   1.00 29.85 ? 49  GLU A CD  1 
ATOM   410 O  OE1 . GLU A 1 50 ? 19.334  2.105   4.176   1.00 33.67 ? 49  GLU A OE1 1 
ATOM   411 O  OE2 . GLU A 1 50 ? 17.583  0.836   4.561   1.00 33.09 ? 49  GLU A OE2 1 
ATOM   412 N  N   . GLN A 1 51 ? 15.234  6.828   4.491   1.00 19.31 ? 50  GLN A N   1 
ATOM   413 C  CA  . GLN A 1 51 ? 14.590  7.750   3.557   1.00 18.85 ? 50  GLN A CA  1 
ATOM   414 C  C   . GLN A 1 51 ? 14.698  7.241   2.125   1.00 16.93 ? 50  GLN A C   1 
ATOM   415 O  O   . GLN A 1 51 ? 13.761  7.366   1.335   1.00 16.69 ? 50  GLN A O   1 
ATOM   416 C  CB  . GLN A 1 51 ? 15.246  9.134   3.638   1.00 19.63 ? 50  GLN A CB  1 
ATOM   417 C  CG  . GLN A 1 51 ? 14.570  10.164  2.735   1.00 20.36 ? 50  GLN A CG  1 
ATOM   418 C  CD  . GLN A 1 51 ? 13.237  10.623  3.299   1.00 21.69 ? 50  GLN A CD  1 
ATOM   419 O  OE1 . GLN A 1 51 ? 13.167  11.084  4.442   1.00 24.76 ? 50  GLN A OE1 1 
ATOM   420 N  NE2 . GLN A 1 51 ? 12.168  10.494  2.508   1.00 19.49 ? 50  GLN A NE2 1 
ATOM   421 N  N   . GLU A 1 52 ? 15.845  6.664   1.779   1.00 17.66 ? 51  GLU A N   1 
ATOM   422 C  CA  . GLU A 1 52 ? 16.025  6.240   0.399   1.00 15.98 ? 51  GLU A CA  1 
ATOM   423 C  C   . GLU A 1 52 ? 15.047  5.121   0.026   1.00 16.68 ? 51  GLU A C   1 
ATOM   424 O  O   . GLU A 1 52 ? 14.626  5.025   -1.131  1.00 14.53 ? 51  GLU A O   1 
ATOM   425 C  CB  . GLU A 1 52 ? 17.487  5.883   0.091   1.00 22.79 ? 51  GLU A CB  1 
ATOM   426 C  CG  . GLU A 1 52 ? 17.872  4.440   0.225   1.00 27.76 ? 51  GLU A CG  1 
ATOM   427 C  CD  . GLU A 1 52 ? 19.242  4.167   -0.375  1.00 29.51 ? 51  GLU A CD  1 
ATOM   428 O  OE1 . GLU A 1 52 ? 20.237  4.228   0.376   1.00 36.54 ? 51  GLU A OE1 1 
ATOM   429 O  OE2 . GLU A 1 52 ? 19.318  3.898   -1.597  1.00 34.40 ? 51  GLU A OE2 1 
ATOM   430 N  N   . VAL A 1 53 ? 14.651  4.313   1.012   1.00 16.83 ? 52  VAL A N   1 
ATOM   431 C  CA  . VAL A 1 53 ? 13.686  3.233   0.775   1.00 14.18 ? 52  VAL A CA  1 
ATOM   432 C  C   . VAL A 1 53 ? 12.277  3.795   0.605   1.00 13.64 ? 52  VAL A C   1 
ATOM   433 O  O   . VAL A 1 53 ? 11.561  3.406   -0.320  1.00 14.83 ? 52  VAL A O   1 
ATOM   434 C  CB  . VAL A 1 53 ? 13.719  2.175   1.895   1.00 13.54 ? 52  VAL A CB  1 
ATOM   435 C  CG1 . VAL A 1 53 ? 12.586  1.142   1.699   1.00 15.95 ? 52  VAL A CG1 1 
ATOM   436 C  CG2 . VAL A 1 53 ? 15.072  1.481   1.909   1.00 17.63 ? 52  VAL A CG2 1 
ATOM   437 N  N   . VAL A 1 54 ? 11.895  4.728   1.486   1.00 12.72 ? 53  VAL A N   1 
ATOM   438 C  CA  . VAL A 1 54 ? 10.651  5.488   1.318   1.00 15.51 ? 53  VAL A CA  1 
ATOM   439 C  C   . VAL A 1 54 ? 10.583  6.050   -0.100  1.00 15.30 ? 53  VAL A C   1 
ATOM   440 O  O   . VAL A 1 54 ? 9.570   5.897   -0.787  1.00 14.12 ? 53  VAL A O   1 
ATOM   441 C  CB  . VAL A 1 54 ? 10.561  6.676   2.316   1.00 18.88 ? 53  VAL A CB  1 
ATOM   442 C  CG1 . VAL A 1 54 ? 9.310   7.508   2.064   1.00 19.22 ? 53  VAL A CG1 1 
ATOM   443 C  CG2 . VAL A 1 54 ? 10.564  6.178   3.748   1.00 21.62 ? 53  VAL A CG2 1 
ATOM   444 N  N   . ASP A 1 55 ? 11.664  6.700   -0.532  1.00 13.73 ? 54  ASP A N   1 
ATOM   445 C  CA  . ASP A 1 55 ? 11.689  7.369   -1.826  1.00 14.18 ? 54  ASP A CA  1 
ATOM   446 C  C   . ASP A 1 55 ? 11.487  6.395   -2.980  1.00 16.72 ? 54  ASP A C   1 
ATOM   447 O  O   . ASP A 1 55 ? 10.708  6.656   -3.902  1.00 14.03 ? 54  ASP A O   1 
ATOM   448 C  CB  . ASP A 1 55 ? 13.013  8.132   -2.009  1.00 14.39 ? 54  ASP A CB  1 
ATOM   449 C  CG  . ASP A 1 55 ? 13.152  9.313   -1.063  1.00 18.85 ? 54  ASP A CG  1 
ATOM   450 O  OD1 . ASP A 1 55 ? 12.164  9.691   -0.404  1.00 14.56 ? 54  ASP A OD1 1 
ATOM   451 O  OD2 . ASP A 1 55 ? 14.266  9.877   -0.987  1.00 17.33 ? 54  ASP A OD2 1 
ATOM   452 N  N   . LYS A 1 56 ? 12.190  5.269   -2.927  1.00 14.35 ? 55  LYS A N   1 
ATOM   453 C  CA  . LYS A 1 56 ? 12.137  4.303   -4.008  1.00 16.22 ? 55  LYS A CA  1 
ATOM   454 C  C   . LYS A 1 56 ? 10.770  3.624   -4.058  1.00 14.51 ? 55  LYS A C   1 
ATOM   455 O  O   . LYS A 1 56 ? 10.247  3.346   -5.139  1.00 15.57 ? 55  LYS A O   1 
ATOM   456 C  CB  . LYS A 1 56 ? 13.249  3.262   -3.851  1.00 17.82 ? 55  LYS A CB  1 
ATOM   457 C  CG  . LYS A 1 56 ? 13.421  2.375   -5.070  1.00 23.62 ? 55  LYS A CG  1 
ATOM   458 C  CD  . LYS A 1 56 ? 13.806  3.191   -6.304  1.00 27.31 ? 55  LYS A CD  1 
ATOM   459 C  CE  . LYS A 1 56 ? 15.141  3.893   -6.114  1.00 30.41 ? 55  LYS A CE  1 
ATOM   460 N  NZ  . LYS A 1 56 ? 15.537  4.683   -7.323  1.00 36.54 ? 55  LYS A NZ  1 
ATOM   461 N  N   . VAL A 1 57 ? 10.179  3.376   -2.891  1.00 12.77 ? 56  VAL A N   1 
ATOM   462 C  CA  . VAL A 1 57 ? 8.860   2.749   -2.861  1.00 13.48 ? 56  VAL A CA  1 
ATOM   463 C  C   . VAL A 1 57 ? 7.826   3.679   -3.496  1.00 13.85 ? 56  VAL A C   1 
ATOM   464 O  O   . VAL A 1 57 ? 7.030   3.249   -4.329  1.00 14.76 ? 56  VAL A O   1 
ATOM   465 C  CB  . VAL A 1 57 ? 8.430   2.332   -1.435  1.00 12.49 ? 56  VAL A CB  1 
ATOM   466 C  CG1 . VAL A 1 57 ? 6.970   1.864   -1.439  1.00 15.23 ? 56  VAL A CG1 1 
ATOM   467 C  CG2 . VAL A 1 57 ? 9.344   1.220   -0.904  1.00 15.89 ? 56  VAL A CG2 1 
ATOM   468 N  N   . MET A 1 58 ? 7.844   4.956   -3.121  1.00 13.46 ? 57  MET A N   1 
ATOM   469 C  CA  . MET A 1 58 ? 6.910   5.911   -3.713  1.00 12.15 ? 57  MET A CA  1 
ATOM   470 C  C   . MET A 1 58 ? 7.167   6.048   -5.212  1.00 13.50 ? 57  MET A C   1 
ATOM   471 O  O   . MET A 1 58 ? 6.233   6.054   -6.012  1.00 15.65 ? 57  MET A O   1 
ATOM   472 C  CB  . MET A 1 58 ? 7.005   7.281   -3.031  1.00 12.50 ? 57  MET A CB  1 
ATOM   473 C  CG  . MET A 1 58 ? 6.064   8.325   -3.647  1.00 13.74 ? 57  MET A CG  1 
ATOM   474 S  SD  . MET A 1 58 ? 4.307   7.909   -3.511  1.00 13.92 ? 57  MET A SD  1 
ATOM   475 C  CE  . MET A 1 58 ? 4.010   8.447   -1.828  1.00 13.53 ? 57  MET A CE  1 
ATOM   476 N  N   . GLU A 1 59 ? 8.435   6.142   -5.593  1.00 14.81 ? 58  GLU A N   1 
ATOM   477 C  CA  . GLU A 1 59 ? 8.793   6.240   -7.008  1.00 18.01 ? 58  GLU A CA  1 
ATOM   478 C  C   . GLU A 1 59 ? 8.221   5.072   -7.823  1.00 18.06 ? 58  GLU A C   1 
ATOM   479 O  O   . GLU A 1 59 ? 7.698   5.263   -8.927  1.00 18.92 ? 58  GLU A O   1 
ATOM   480 C  CB  . GLU A 1 59 ? 10.317  6.317   -7.153  1.00 18.23 ? 58  GLU A CB  1 
ATOM   481 C  CG  . GLU A 1 59 ? 10.811  6.368   -8.598  1.00 22.31 ? 58  GLU A CG  1 
ATOM   482 C  CD  . GLU A 1 59 ? 12.313  6.605   -8.700  1.00 32.66 ? 58  GLU A CD  1 
ATOM   483 O  OE1 . GLU A 1 59 ? 13.066  6.122   -7.828  1.00 30.68 ? 58  GLU A OE1 1 
ATOM   484 O  OE2 . GLU A 1 59 ? 12.740  7.287   -9.656  1.00 42.66 ? 58  GLU A OE2 1 
ATOM   485 N  N   . THR A 1 60 ? 8.286   3.869   -7.262  1.00 17.14 ? 59  THR A N   1 
ATOM   486 C  CA  . THR A 1 60 ? 7.783   2.680   -7.949  1.00 16.91 ? 59  THR A CA  1 
ATOM   487 C  C   . THR A 1 60 ? 6.259   2.699   -8.052  1.00 17.23 ? 59  THR A C   1 
ATOM   488 O  O   . THR A 1 60 ? 5.688   2.328   -9.089  1.00 18.18 ? 59  THR A O   1 
ATOM   489 C  CB  . THR A 1 60 ? 8.248   1.398   -7.237  1.00 15.47 ? 59  THR A CB  1 
ATOM   490 O  OG1 . THR A 1 60 ? 9.677   1.422   -7.097  1.00 21.80 ? 59  THR A OG1 1 
ATOM   491 C  CG2 . THR A 1 60 ? 7.842   0.162   -8.023  1.00 18.55 ? 59  THR A CG2 1 
ATOM   492 N  N   . LEU A 1 61 ? 5.593   3.149   -6.990  1.00 16.21 ? 60  LEU A N   1 
ATOM   493 C  CA  . LEU A 1 61 ? 4.134   3.089   -6.950  1.00 15.94 ? 60  LEU A CA  1 
ATOM   494 C  C   . LEU A 1 61 ? 3.453   4.259   -7.653  1.00 15.70 ? 60  LEU A C   1 
ATOM   495 O  O   . LEU A 1 61 ? 2.285   4.161   -8.037  1.00 15.90 ? 60  LEU A O   1 
ATOM   496 C  CB  . LEU A 1 61 ? 3.634   3.000   -5.503  1.00 14.06 ? 60  LEU A CB  1 
ATOM   497 C  CG  . LEU A 1 61 ? 4.047   1.768   -4.698  1.00 13.85 ? 60  LEU A CG  1 
ATOM   498 C  CD1 . LEU A 1 61 ? 3.289   1.729   -3.377  1.00 14.11 ? 60  LEU A CD1 1 
ATOM   499 C  CD2 . LEU A 1 61 ? 3.823   0.486   -5.492  1.00 19.21 ? 60  LEU A CD2 1 
ATOM   500 N  N   . ASP A 1 62 ? 4.177   5.362   -7.826  1.00 14.72 ? 61  ASP A N   1 
ATOM   501 C  CA  . ASP A 1 62 ? 3.562   6.595   -8.320  1.00 15.59 ? 61  ASP A CA  1 
ATOM   502 C  C   . ASP A 1 62 ? 3.583   6.645   -9.850  1.00 18.89 ? 61  ASP A C   1 
ATOM   503 O  O   . ASP A 1 62 ? 4.365   7.385   -10.461 1.00 19.24 ? 61  ASP A O   1 
ATOM   504 C  CB  . ASP A 1 62 ? 4.282   7.802   -7.695  1.00 13.95 ? 61  ASP A CB  1 
ATOM   505 C  CG  . ASP A 1 62 ? 3.767   9.124   -8.206  1.00 16.46 ? 61  ASP A CG  1 
ATOM   506 O  OD1 . ASP A 1 62 ? 2.585   9.214   -8.589  1.00 19.61 ? 61  ASP A OD1 1 
ATOM   507 O  OD2 . ASP A 1 62 ? 4.563   10.080  -8.222  1.00 15.06 ? 61  ASP A OD2 1 
ATOM   508 N  N   . SER A 1 63 ? 2.706   5.860   -10.470 1.00 16.94 ? 62  SER A N   1 
ATOM   509 C  CA  . SER A 1 63 ? 2.731   5.702   -11.916 1.00 18.34 ? 62  SER A CA  1 
ATOM   510 C  C   . SER A 1 63 ? 2.218   6.927   -12.673 1.00 18.19 ? 62  SER A C   1 
ATOM   511 O  O   . SER A 1 63 ? 2.533   7.093   -13.854 1.00 25.84 ? 62  SER A O   1 
ATOM   512 C  CB  . SER A 1 63 ? 1.978   4.432   -12.325 1.00 22.67 ? 62  SER A CB  1 
ATOM   513 O  OG  . SER A 1 63 ? 0.703   4.388   -11.717 1.00 26.67 ? 62  SER A OG  1 
ATOM   514 N  N   . ASP A 1 64 ? 1.444   7.788   -12.017 1.00 19.80 ? 63  ASP A N   1 
ATOM   515 C  CA  . ASP A 1 64 ? 0.994   9.014   -12.684 1.00 21.61 ? 63  ASP A CA  1 
ATOM   516 C  C   . ASP A 1 64 ? 1.901   10.211  -12.386 1.00 25.16 ? 63  ASP A C   1 
ATOM   517 O  O   . ASP A 1 64 ? 1.693   11.310  -12.910 1.00 26.48 ? 63  ASP A O   1 
ATOM   518 C  CB  . ASP A 1 64 ? -0.501  9.316   -12.430 1.00 25.14 ? 63  ASP A CB  1 
ATOM   519 C  CG  . ASP A 1 64 ? -0.814  9.693   -10.981 1.00 24.41 ? 63  ASP A CG  1 
ATOM   520 O  OD1 . ASP A 1 64 ? 0.095   10.088  -10.221 1.00 19.85 ? 63  ASP A OD1 1 
ATOM   521 O  OD2 . ASP A 1 64 ? -2.005  9.608   -10.604 1.00 23.18 ? 63  ASP A OD2 1 
ATOM   522 N  N   . GLY A 1 65 ? 2.901   9.988   -11.534 1.00 21.17 ? 64  GLY A N   1 
ATOM   523 C  CA  . GLY A 1 65 ? 3.972   10.949  -11.329 1.00 23.00 ? 64  GLY A CA  1 
ATOM   524 C  C   . GLY A 1 65 ? 3.648   12.211  -10.552 1.00 23.10 ? 64  GLY A C   1 
ATOM   525 O  O   . GLY A 1 65 ? 4.355   13.214  -10.691 1.00 28.20 ? 64  GLY A O   1 
ATOM   526 N  N   . ASP A 1 66 ? 2.609   12.181  -9.723  1.00 18.33 ? 65  ASP A N   1 
ATOM   527 C  CA  . ASP A 1 66 ? 2.237   13.375  -8.965  1.00 19.77 ? 65  ASP A CA  1 
ATOM   528 C  C   . ASP A 1 66 ? 2.846   13.415  -7.556  1.00 17.62 ? 65  ASP A C   1 
ATOM   529 O  O   . ASP A 1 66 ? 2.511   14.283  -6.742  1.00 17.98 ? 65  ASP A O   1 
ATOM   530 C  CB  . ASP A 1 66 ? 0.713   13.554  -8.930  1.00 18.84 ? 65  ASP A CB  1 
ATOM   531 C  CG  . ASP A 1 66 ? 0.010   12.502  -8.092  1.00 20.37 ? 65  ASP A CG  1 
ATOM   532 O  OD1 . ASP A 1 66 ? 0.670   11.538  -7.644  1.00 16.68 ? 65  ASP A OD1 1 
ATOM   533 O  OD2 . ASP A 1 66 ? -1.214  12.641  -7.886  1.00 20.23 ? 65  ASP A OD2 1 
ATOM   534 N  N   . GLY A 1 67 ? 3.739   12.470  -7.278  1.00 19.05 ? 66  GLY A N   1 
ATOM   535 C  CA  . GLY A 1 67 ? 4.446   12.447  -6.007  1.00 18.73 ? 66  GLY A CA  1 
ATOM   536 C  C   . GLY A 1 67 ? 3.679   11.814  -4.857  1.00 18.11 ? 66  GLY A C   1 
ATOM   537 O  O   . GLY A 1 67 ? 4.169   11.789  -3.724  1.00 18.67 ? 66  GLY A O   1 
ATOM   538 N  N   . GLU A 1 68 ? 2.480   11.307  -5.135  1.00 14.10 ? 67  GLU A N   1 
ATOM   539 C  CA  . GLU A 1 68 ? 1.679   10.671  -4.091  1.00 11.79 ? 67  GLU A CA  1 
ATOM   540 C  C   . GLU A 1 68 ? 1.098   9.378   -4.613  1.00 11.95 ? 67  GLU A C   1 
ATOM   541 O  O   . GLU A 1 68 ? 1.107   9.134   -5.826  1.00 14.21 ? 67  GLU A O   1 
ATOM   542 C  CB  . GLU A 1 68 ? 0.564   11.597  -3.562  1.00 14.18 ? 67  GLU A CB  1 
ATOM   543 C  CG  . GLU A 1 68 ? 1.061   12.919  -2.936  1.00 15.85 ? 67  GLU A CG  1 
ATOM   544 C  CD  . GLU A 1 68 ? 0.081   13.524  -1.947  1.00 21.65 ? 67  GLU A CD  1 
ATOM   545 O  OE1 . GLU A 1 68 ? -0.737  12.781  -1.370  1.00 21.03 ? 67  GLU A OE1 1 
ATOM   546 O  OE2 . GLU A 1 68 ? 0.147   14.751  -1.721  1.00 27.58 ? 67  GLU A OE2 1 
ATOM   547 N  N   . CYS A 1 69 ? 0.599   8.540   -3.709  1.00 12.52 ? 68  CYS A N   1 
ATOM   548 C  CA  . CYS A 1 69 ? -0.014  7.276   -4.116  1.00 12.53 ? 68  CYS A CA  1 
ATOM   549 C  C   . CYS A 1 69 ? -1.525  7.369   -3.970  1.00 11.27 ? 68  CYS A C   1 
ATOM   550 O  O   . CYS A 1 69 ? -2.039  7.470   -2.848  1.00 13.00 ? 68  CYS A O   1 
ATOM   551 C  CB  . CYS A 1 69 ? 0.525   6.127   -3.251  1.00 11.90 ? 68  CYS A CB  1 
ATOM   552 S  SG  . CYS A 1 69 ? -0.090  4.476   -3.711  1.00 12.16 ? 68  CYS A SG  1 
ATOM   553 N  N   . ASP A 1 70 ? -2.249  7.346   -5.090  1.00 13.26 ? 69  ASP A N   1 
ATOM   554 C  CA  . ASP A 1 70 ? -3.702  7.435   -5.011  1.00 11.72 ? 69  ASP A CA  1 
ATOM   555 C  C   . ASP A 1 70 ? -4.317  6.043   -4.886  1.00 13.49 ? 69  ASP A C   1 
ATOM   556 O  O   . ASP A 1 70 ? -3.592  5.064   -4.735  1.00 12.71 ? 69  ASP A O   1 
ATOM   557 C  CB  . ASP A 1 70 ? -4.292  8.233   -6.187  1.00 14.82 ? 69  ASP A CB  1 
ATOM   558 C  CG  . ASP A 1 70 ? -4.049  7.588   -7.553  1.00 19.30 ? 69  ASP A CG  1 
ATOM   559 O  OD1 . ASP A 1 70 ? -3.748  6.373   -7.652  1.00 14.72 ? 69  ASP A OD1 1 
ATOM   560 O  OD2 . ASP A 1 70 ? -4.209  8.314   -8.564  1.00 19.03 ? 69  ASP A OD2 1 
ATOM   561 N  N   . PHE A 1 71 ? -5.640  5.948   -4.957  1.00 14.20 ? 70  PHE A N   1 
ATOM   562 C  CA  . PHE A 1 71 ? -6.260  4.661   -4.705  1.00 13.29 ? 70  PHE A CA  1 
ATOM   563 C  C   . PHE A 1 71 ? -5.918  3.631   -5.771  1.00 14.93 ? 70  PHE A C   1 
ATOM   564 O  O   . PHE A 1 71 ? -5.669  2.467   -5.452  1.00 14.25 ? 70  PHE A O   1 
ATOM   565 C  CB  . PHE A 1 71 ? -7.772  4.760   -4.539  1.00 14.92 ? 70  PHE A CB  1 
ATOM   566 C  CG  . PHE A 1 71 ? -8.352  3.527   -3.942  1.00 13.93 ? 70  PHE A CG  1 
ATOM   567 C  CD1 . PHE A 1 71 ? -8.160  3.258   -2.595  1.00 13.76 ? 70  PHE A CD1 1 
ATOM   568 C  CD2 . PHE A 1 71 ? -9.022  2.591   -4.730  1.00 17.22 ? 70  PHE A CD2 1 
ATOM   569 C  CE1 . PHE A 1 71 ? -8.640  2.089   -2.026  1.00 15.12 ? 70  PHE A CE1 1 
ATOM   570 C  CE2 . PHE A 1 71 ? -9.517  1.422   -4.165  1.00 16.38 ? 70  PHE A CE2 1 
ATOM   571 C  CZ  . PHE A 1 71 ? -9.327  1.174   -2.810  1.00 15.28 ? 70  PHE A CZ  1 
ATOM   572 N  N   . GLN A 1 72 ? -5.909  4.047   -7.034  1.00 15.23 ? 71  GLN A N   1 
ATOM   573 C  CA  . GLN A 1 72 ? -5.591  3.116   -8.109  1.00 16.34 ? 71  GLN A CA  1 
ATOM   574 C  C   . GLN A 1 72 ? -4.171  2.596   -7.951  1.00 14.29 ? 71  GLN A C   1 
ATOM   575 O  O   . GLN A 1 72 ? -3.904  1.397   -8.132  1.00 14.45 ? 71  GLN A O   1 
ATOM   576 C  CB  . GLN A 1 72 ? -5.772  3.774   -9.479  1.00 22.90 ? 71  GLN A CB  1 
ATOM   577 C  CG  . GLN A 1 72 ? -7.205  4.194   -9.804  1.00 30.58 ? 71  GLN A CG  1 
ATOM   578 C  CD  . GLN A 1 72 ? -8.161  3.027   -9.990  1.00 34.02 ? 71  GLN A CD  1 
ATOM   579 O  OE1 . GLN A 1 72 ? -8.435  2.267   -9.053  1.00 32.41 ? 71  GLN A OE1 1 
ATOM   580 N  NE2 . GLN A 1 72 ? -8.684  2.885   -11.203 1.00 36.66 ? 71  GLN A NE2 1 
ATOM   581 N  N   . GLU A 1 73 ? -3.261  3.499   -7.594  1.00 13.05 ? 72  GLU A N   1 
ATOM   582 C  CA  . GLU A 1 73 ? -1.875  3.123   -7.371  1.00 13.72 ? 72  GLU A CA  1 
ATOM   583 C  C   . GLU A 1 73 ? -1.729  2.226   -6.147  1.00 10.55 ? 72  GLU A C   1 
ATOM   584 O  O   . GLU A 1 73 ? -0.909  1.304   -6.139  1.00 11.30 ? 72  GLU A O   1 
ATOM   585 C  CB  . GLU A 1 73 ? -1.007  4.377   -7.246  1.00 13.77 ? 72  GLU A CB  1 
ATOM   586 C  CG  . GLU A 1 73 ? -0.839  5.099   -8.575  1.00 14.23 ? 72  GLU A CG  1 
ATOM   587 C  CD  . GLU A 1 73 ? -0.403  6.542   -8.421  1.00 16.24 ? 72  GLU A CD  1 
ATOM   588 O  OE1 . GLU A 1 73 ? -0.520  7.097   -7.306  1.00 14.67 ? 72  GLU A OE1 1 
ATOM   589 O  OE2 . GLU A 1 73 ? 0.058   7.131   -9.421  1.00 17.28 ? 72  GLU A OE2 1 
ATOM   590 N  N   . PHE A 1 74 ? -2.519  2.501   -5.112  1.00 11.14 ? 73  PHE A N   1 
ATOM   591 C  CA  . PHE A 1 74 ? -2.560  1.621   -3.951  1.00 11.88 ? 73  PHE A CA  1 
ATOM   592 C  C   . PHE A 1 74 ? -3.071  0.227   -4.333  1.00 12.45 ? 73  PHE A C   1 
ATOM   593 O  O   . PHE A 1 74 ? -2.496  -0.786  -3.919  1.00 10.77 ? 73  PHE A O   1 
ATOM   594 C  CB  . PHE A 1 74 ? -3.424  2.235   -2.851  1.00 14.46 ? 73  PHE A CB  1 
ATOM   595 C  CG  . PHE A 1 74 ? -3.540  1.377   -1.628  1.00 11.08 ? 73  PHE A CG  1 
ATOM   596 C  CD1 . PHE A 1 74 ? -2.422  1.126   -0.825  1.00 12.63 ? 73  PHE A CD1 1 
ATOM   597 C  CD2 . PHE A 1 74 ? -4.763  0.823   -1.267  1.00 13.72 ? 73  PHE A CD2 1 
ATOM   598 C  CE1 . PHE A 1 74 ? -2.530  0.319   0.317   1.00 12.74 ? 73  PHE A CE1 1 
ATOM   599 C  CE2 . PHE A 1 74 ? -4.877  0.031   -0.119  1.00 14.40 ? 73  PHE A CE2 1 
ATOM   600 C  CZ  . PHE A 1 74 ? -3.765  -0.217  0.670   1.00 11.53 ? 73  PHE A CZ  1 
ATOM   601 N  N   . MET A 1 75 ? -4.130  0.159   -5.133  1.00 12.68 ? 74  MET A N   1 
ATOM   602 C  CA  . MET A 1 75 ? -4.617  -1.154  -5.578  1.00 13.00 ? 74  MET A CA  1 
ATOM   603 C  C   . MET A 1 75 ? -3.564  -1.914  -6.381  1.00 11.85 ? 74  MET A C   1 
ATOM   604 O  O   . MET A 1 75 ? -3.440  -3.135  -6.270  1.00 11.86 ? 74  MET A O   1 
ATOM   605 C  CB  . MET A 1 75 ? -5.927  -1.027  -6.372  1.00 14.53 ? 74  MET A CB  1 
ATOM   606 C  CG  . MET A 1 75 ? -7.160  -0.799  -5.520  1.00 20.61 ? 74  MET A CG  1 
ATOM   607 S  SD  . MET A 1 75 ? -7.329  -1.969  -4.150  1.00 27.31 ? 74  MET A SD  1 
ATOM   608 C  CE  . MET A 1 75 ? -7.383  -3.504  -5.057  1.00 18.44 ? 74  MET A CE  1 
ATOM   609 N  N   . ALA A 1 76 ? -2.772  -1.203  -7.178  1.00 11.03 ? 75  ALA A N   1 
ATOM   610 C  CA  . ALA A 1 76 ? -1.712  -1.864  -7.937  1.00 11.65 ? 75  ALA A CA  1 
ATOM   611 C  C   . ALA A 1 76 ? -0.659  -2.446  -6.986  1.00 14.79 ? 75  ALA A C   1 
ATOM   612 O  O   . ALA A 1 76 ? -0.107  -3.528  -7.224  1.00 13.01 ? 75  ALA A O   1 
ATOM   613 C  CB  . ALA A 1 76 ? -1.083  -0.889  -8.931  1.00 15.09 ? 75  ALA A CB  1 
ATOM   614 N  N   . PHE A 1 77 ? -0.391  -1.715  -5.906  1.00 12.15 ? 76  PHE A N   1 
ATOM   615 C  CA  . PHE A 1 77 ? 0.527   -2.160  -4.865  1.00 11.09 ? 76  PHE A CA  1 
ATOM   616 C  C   . PHE A 1 77 ? -0.023  -3.410  -4.169  1.00 10.83 ? 76  PHE A C   1 
ATOM   617 O  O   . PHE A 1 77 ? 0.699   -4.393  -3.992  1.00 12.10 ? 76  PHE A O   1 
ATOM   618 C  CB  . PHE A 1 77 ? 0.738   -1.000  -3.880  1.00 10.40 ? 76  PHE A CB  1 
ATOM   619 C  CG  . PHE A 1 77 ? 1.685   -1.296  -2.739  1.00 10.00 ? 76  PHE A CG  1 
ATOM   620 C  CD1 . PHE A 1 77 ? 2.893   -1.960  -2.941  1.00 12.91 ? 76  PHE A CD1 1 
ATOM   621 C  CD2 . PHE A 1 77 ? 1.375   -0.851  -1.459  1.00 13.68 ? 76  PHE A CD2 1 
ATOM   622 C  CE1 . PHE A 1 77 ? 3.756   -2.199  -1.872  1.00 15.07 ? 76  PHE A CE1 1 
ATOM   623 C  CE2 . PHE A 1 77 ? 2.228   -1.086  -0.388  1.00 15.98 ? 76  PHE A CE2 1 
ATOM   624 C  CZ  . PHE A 1 77 ? 3.422   -1.761  -0.596  1.00 15.25 ? 76  PHE A CZ  1 
ATOM   625 N  N   . VAL A 1 78 ? -1.305  -3.380  -3.802  1.00 9.80  ? 77  VAL A N   1 
ATOM   626 C  CA  . VAL A 1 78 ? -1.941  -4.541  -3.184  1.00 10.05 ? 77  VAL A CA  1 
ATOM   627 C  C   . VAL A 1 78 ? -1.884  -5.741  -4.136  1.00 11.35 ? 77  VAL A C   1 
ATOM   628 O  O   . VAL A 1 78 ? -1.606  -6.871  -3.710  1.00 12.91 ? 77  VAL A O   1 
ATOM   629 C  CB  . VAL A 1 78 ? -3.385  -4.220  -2.765  1.00 10.72 ? 77  VAL A CB  1 
ATOM   630 C  CG1 . VAL A 1 78 ? -4.122  -5.470  -2.303  1.00 11.69 ? 77  VAL A CG1 1 
ATOM   631 C  CG2 . VAL A 1 78 ? -3.380  -3.154  -1.662  1.00 13.19 ? 77  VAL A CG2 1 
ATOM   632 N  N   . ALA A 1 79 ? -2.106  -5.497  -5.425  1.00 11.14 ? 78  ALA A N   1 
ATOM   633 C  CA  . ALA A 1 79 ? -2.049  -6.583  -6.403  1.00 15.25 ? 78  ALA A CA  1 
ATOM   634 C  C   . ALA A 1 79 ? -0.648  -7.200  -6.474  1.00 14.88 ? 78  ALA A C   1 
ATOM   635 O  O   . ALA A 1 79 ? -0.510  -8.423  -6.565  1.00 15.59 ? 78  ALA A O   1 
ATOM   636 C  CB  . ALA A 1 79 ? -2.514  -6.105  -7.783  1.00 15.80 ? 78  ALA A CB  1 
ATOM   637 N  N   . MET A 1 80 ? 0.381   -6.359  -6.417  1.00 14.48 ? 79  MET A N   1 
ATOM   638 C  CA  A MET A 1 80 ? 1.771   -6.818  -6.412  0.69 14.81 ? 79  MET A CA  1 
ATOM   639 C  CA  B MET A 1 80 ? 1.754   -6.843  -6.433  0.31 14.88 ? 79  MET A CA  1 
ATOM   640 C  C   . MET A 1 80 ? 2.025   -7.754  -5.241  1.00 16.61 ? 79  MET A C   1 
ATOM   641 O  O   . MET A 1 80 ? 2.578   -8.850  -5.404  1.00 17.41 ? 79  MET A O   1 
ATOM   642 C  CB  A MET A 1 80 ? 2.726   -5.628  -6.268  0.69 17.77 ? 79  MET A CB  1 
ATOM   643 C  CB  B MET A 1 80 ? 2.738   -5.669  -6.443  0.31 17.84 ? 79  MET A CB  1 
ATOM   644 C  CG  A MET A 1 80 ? 2.853   -4.724  -7.481  0.69 19.69 ? 79  MET A CG  1 
ATOM   645 C  CG  B MET A 1 80 ? 4.175   -6.071  -6.719  0.31 19.62 ? 79  MET A CG  1 
ATOM   646 S  SD  A MET A 1 80 ? 3.821   -3.265  -7.037  0.69 24.48 ? 79  MET A SD  1 
ATOM   647 S  SD  B MET A 1 80 ? 5.052   -6.720  -5.281  0.31 23.12 ? 79  MET A SD  1 
ATOM   648 C  CE  A MET A 1 80 ? 5.080   -4.034  -6.021  0.69 23.40 ? 79  MET A CE  1 
ATOM   649 C  CE  B MET A 1 80 ? 6.397   -7.608  -6.067  0.31 20.57 ? 79  MET A CE  1 
ATOM   650 N  N   . ILE A 1 81 ? 1.642   -7.302  -4.049  1.00 13.38 ? 80  ILE A N   1 
ATOM   651 C  CA  . ILE A 1 81 ? 1.844   -8.072  -2.825  1.00 13.67 ? 80  ILE A CA  1 
ATOM   652 C  C   . ILE A 1 81 ? 1.052   -9.378  -2.859  1.00 15.09 ? 80  ILE A C   1 
ATOM   653 O  O   . ILE A 1 81 ? 1.592   -10.457 -2.598  1.00 15.06 ? 80  ILE A O   1 
ATOM   654 C  CB  . ILE A 1 81 ? 1.445   -7.259  -1.573  1.00 14.63 ? 80  ILE A CB  1 
ATOM   655 C  CG1 . ILE A 1 81 ? 2.339   -6.025  -1.442  1.00 13.48 ? 80  ILE A CG1 1 
ATOM   656 C  CG2 . ILE A 1 81 ? 1.562   -8.138  -0.319  1.00 15.00 ? 80  ILE A CG2 1 
ATOM   657 C  CD1 . ILE A 1 81 ? 1.797   -4.968  -0.475  1.00 16.30 ? 80  ILE A CD1 1 
ATOM   658 N  N   . THR A 1 82 ? -0.226  -9.287  -3.195  1.00 11.93 ? 81  THR A N   1 
ATOM   659 C  CA  . THR A 1 82 ? -1.087  -10.462 -3.203  1.00 10.79 ? 81  THR A CA  1 
ATOM   660 C  C   . THR A 1 82 ? -0.622  -11.498 -4.231  1.00 16.66 ? 81  THR A C   1 
ATOM   661 O  O   . THR A 1 82 ? -0.648  -12.711 -3.974  1.00 17.01 ? 81  THR A O   1 
ATOM   662 C  CB  . THR A 1 82 ? -2.526  -10.061 -3.491  1.00 13.38 ? 81  THR A CB  1 
ATOM   663 O  OG1 . THR A 1 82 ? -2.908  -8.999  -2.599  1.00 11.31 ? 81  THR A OG1 1 
ATOM   664 C  CG2 . THR A 1 82 ? -3.446  -11.250 -3.297  1.00 13.90 ? 81  THR A CG2 1 
ATOM   665 N  N   . THR A 1 83 ? -0.186  -11.019 -5.393  1.00 15.62 ? 82  THR A N   1 
ATOM   666 C  CA  . THR A 1 83 ? 0.322   -11.913 -6.433  1.00 16.82 ? 82  THR A CA  1 
ATOM   667 C  C   . THR A 1 83 ? 1.590   -12.629 -5.977  1.00 19.55 ? 82  THR A C   1 
ATOM   668 O  O   . THR A 1 83 ? 1.732   -13.835 -6.183  1.00 21.04 ? 82  THR A O   1 
ATOM   669 C  CB  . THR A 1 83 ? 0.573   -11.170 -7.754  1.00 18.02 ? 82  THR A CB  1 
ATOM   670 O  OG1 . THR A 1 83 ? -0.669  -10.643 -8.239  1.00 19.16 ? 82  THR A OG1 1 
ATOM   671 C  CG2 . THR A 1 83 ? 1.163   -12.123 -8.793  1.00 23.88 ? 82  THR A CG2 1 
ATOM   672 N  N   . ALA A 1 84 ? 2.503   -11.894 -5.348  1.00 18.24 ? 83  ALA A N   1 
ATOM   673 C  CA  . ALA A 1 84 ? 3.706   -12.493 -4.770  1.00 21.00 ? 83  ALA A CA  1 
ATOM   674 C  C   . ALA A 1 84 ? 3.348   -13.589 -3.769  1.00 22.27 ? 83  ALA A C   1 
ATOM   675 O  O   . ALA A 1 84 ? 3.914   -14.686 -3.803  1.00 22.45 ? 83  ALA A O   1 
ATOM   676 C  CB  . ALA A 1 84 ? 4.563   -11.421 -4.096  1.00 19.89 ? 83  ALA A CB  1 
ATOM   677 N  N   . CYS A 1 85 ? 2.416   -13.286 -2.869  1.00 19.55 ? 84  CYS A N   1 
ATOM   678 C  CA  . CYS A 1 85 ? 1.980   -14.273 -1.880  1.00 17.29 ? 84  CYS A CA  1 
ATOM   679 C  C   . CYS A 1 85 ? 1.224   -15.455 -2.501  1.00 23.07 ? 84  CYS A C   1 
ATOM   680 O  O   . CYS A 1 85 ? 1.406   -16.601 -2.077  1.00 23.31 ? 84  CYS A O   1 
ATOM   681 C  CB  . CYS A 1 85 ? 1.154   -13.607 -0.778  1.00 17.31 ? 84  CYS A CB  1 
ATOM   682 S  SG  . CYS A 1 85 ? 2.092   -12.444 0.220   1.00 20.18 ? 84  CYS A SG  1 
ATOM   683 N  N   . HIS A 1 86 ? 0.388   -15.181 -3.500  1.00 17.48 ? 85  HIS A N   1 
ATOM   684 C  CA  . HIS A 1 86 ? -0.307  -16.246 -4.232  1.00 19.56 ? 85  HIS A CA  1 
ATOM   685 C  C   . HIS A 1 86 ? 0.711   -17.228 -4.800  1.00 24.45 ? 85  HIS A C   1 
ATOM   686 O  O   . HIS A 1 86 ? 0.586   -18.443 -4.619  1.00 23.94 ? 85  HIS A O   1 
ATOM   687 C  CB  . HIS A 1 86 ? -1.167  -15.654 -5.359  1.00 18.42 ? 85  HIS A CB  1 
ATOM   688 C  CG  . HIS A 1 86 ? -1.573  -16.649 -6.403  1.00 17.87 ? 85  HIS A CG  1 
ATOM   689 N  ND1 . HIS A 1 86 ? -2.625  -17.528 -6.230  1.00 18.05 ? 85  HIS A ND1 1 
ATOM   690 C  CD2 . HIS A 1 86 ? -1.079  -16.899 -7.639  1.00 19.73 ? 85  HIS A CD2 1 
ATOM   691 C  CE1 . HIS A 1 86 ? -2.750  -18.281 -7.307  1.00 20.92 ? 85  HIS A CE1 1 
ATOM   692 N  NE2 . HIS A 1 86 ? -1.825  -17.918 -8.181  1.00 19.57 ? 85  HIS A NE2 1 
ATOM   693 N  N   . GLU A 1 87 ? 1.727   -16.697 -5.474  1.00 22.67 ? 86  GLU A N   1 
ATOM   694 C  CA  . GLU A 1 87 ? 2.765   -17.539 -6.069  1.00 24.42 ? 86  GLU A CA  1 
ATOM   695 C  C   . GLU A 1 87 ? 3.564   -18.303 -5.011  1.00 28.02 ? 86  GLU A C   1 
ATOM   696 O  O   . GLU A 1 87 ? 3.900   -19.474 -5.202  1.00 27.07 ? 86  GLU A O   1 
ATOM   697 C  CB  . GLU A 1 87 ? 3.697   -16.700 -6.948  1.00 25.94 ? 86  GLU A CB  1 
ATOM   698 C  CG  . GLU A 1 87 ? 3.050   -16.216 -8.253  1.00 31.55 ? 86  GLU A CG  1 
ATOM   699 C  CD  . GLU A 1 87 ? 3.913   -15.203 -8.996  1.00 40.50 ? 86  GLU A CD  1 
ATOM   700 O  OE1 . GLU A 1 87 ? 3.471   -14.700 -10.053 1.00 43.95 ? 86  GLU A OE1 1 
ATOM   701 O  OE2 . GLU A 1 87 ? 5.033   -14.910 -8.518  1.00 40.20 ? 86  GLU A OE2 1 
ATOM   702 N  N   . PHE A 1 88 ? 3.864   -17.635 -3.900  1.00 24.10 ? 87  PHE A N   1 
ATOM   703 C  CA  . PHE A 1 88 ? 4.539   -18.258 -2.771  1.00 26.58 ? 87  PHE A CA  1 
ATOM   704 C  C   . PHE A 1 88 ? 3.718   -19.409 -2.187  1.00 29.12 ? 87  PHE A C   1 
ATOM   705 O  O   . PHE A 1 88 ? 4.222   -20.519 -2.020  1.00 31.81 ? 87  PHE A O   1 
ATOM   706 C  CB  . PHE A 1 88 ? 4.829   -17.213 -1.693  1.00 25.17 ? 87  PHE A CB  1 
ATOM   707 C  CG  . PHE A 1 88 ? 5.501   -17.769 -0.467  1.00 28.57 ? 87  PHE A CG  1 
ATOM   708 C  CD1 . PHE A 1 88 ? 4.865   -17.730 0.767   1.00 29.26 ? 87  PHE A CD1 1 
ATOM   709 C  CD2 . PHE A 1 88 ? 6.769   -18.339 -0.552  1.00 27.77 ? 87  PHE A CD2 1 
ATOM   710 C  CE1 . PHE A 1 88 ? 5.482   -18.239 1.900   1.00 33.99 ? 87  PHE A CE1 1 
ATOM   711 C  CE2 . PHE A 1 88 ? 7.392   -18.856 0.577   1.00 32.15 ? 87  PHE A CE2 1 
ATOM   712 C  CZ  . PHE A 1 88 ? 6.748   -18.805 1.804   1.00 33.56 ? 87  PHE A CZ  1 
ATOM   713 N  N   . PHE A 1 89 ? 2.450   -19.142 -1.883  1.00 23.97 ? 88  PHE A N   1 
ATOM   714 C  CA  . PHE A 1 89 ? 1.597   -20.131 -1.224  1.00 25.08 ? 88  PHE A CA  1 
ATOM   715 C  C   . PHE A 1 89 ? 1.143   -21.280 -2.133  1.00 30.19 ? 88  PHE A C   1 
ATOM   716 O  O   . PHE A 1 89 ? 0.887   -22.388 -1.655  1.00 34.03 ? 88  PHE A O   1 
ATOM   717 C  CB  . PHE A 1 89 ? 0.384   -19.455 -0.572  1.00 28.45 ? 88  PHE A CB  1 
ATOM   718 C  CG  . PHE A 1 89 ? 0.730   -18.634 0.644   1.00 33.20 ? 88  PHE A CG  1 
ATOM   719 C  CD1 . PHE A 1 89 ? 1.365   -19.222 1.731   1.00 32.89 ? 88  PHE A CD1 1 
ATOM   720 C  CD2 . PHE A 1 89 ? 0.410   -17.284 0.708   1.00 31.06 ? 88  PHE A CD2 1 
ATOM   721 C  CE1 . PHE A 1 89 ? 1.691   -18.480 2.855   1.00 38.65 ? 88  PHE A CE1 1 
ATOM   722 C  CE2 . PHE A 1 89 ? 0.727   -16.532 1.830   1.00 31.03 ? 88  PHE A CE2 1 
ATOM   723 C  CZ  . PHE A 1 89 ? 1.370   -17.133 2.906   1.00 38.99 ? 88  PHE A CZ  1 
ATOM   724 N  N   . GLU A 1 90 ? 1.043   -21.018 -3.433  1.00 26.66 ? 89  GLU A N   1 
ATOM   725 C  CA  . GLU A 1 90 ? 0.573   -22.033 -4.379  1.00 29.35 ? 89  GLU A CA  1 
ATOM   726 C  C   . GLU A 1 90 ? 1.732   -22.731 -5.085  1.00 34.21 ? 89  GLU A C   1 
ATOM   727 O  O   . GLU A 1 90 ? 1.524   -23.652 -5.881  1.00 31.23 ? 89  GLU A O   1 
ATOM   728 C  CB  . GLU A 1 90 ? -0.349  -21.393 -5.414  1.00 26.63 ? 89  GLU A CB  1 
ATOM   729 C  CG  . GLU A 1 90 ? -1.615  -20.797 -4.828  1.00 24.32 ? 89  GLU A CG  1 
ATOM   730 C  CD  . GLU A 1 90 ? -2.773  -21.763 -4.853  1.00 27.63 ? 89  GLU A CD  1 
ATOM   731 O  OE1 . GLU A 1 90 ? -2.532  -22.989 -4.940  1.00 26.05 ? 89  GLU A OE1 1 
ATOM   732 O  OE2 . GLU A 1 90 ? -3.933  -21.297 -4.791  1.00 22.96 ? 89  GLU A OE2 1 
ATOM   733 N  N   . HIS A 1 91 ? 2.948   -22.284 -4.777  1.00 31.21 ? 90  HIS A N   1 
ATOM   734 C  CA  . HIS A 1 91 ? 4.162   -22.727 -5.461  1.00 37.56 ? 90  HIS A CA  1 
ATOM   735 C  C   . HIS A 1 91 ? 4.092   -22.473 -6.967  1.00 37.36 ? 90  HIS A C   1 
ATOM   736 O  O   . HIS A 1 91 ? 4.455   -23.327 -7.779  1.00 41.69 ? 90  HIS A O   1 
ATOM   737 C  CB  . HIS A 1 91 ? 4.480   -24.189 -5.130  1.00 41.52 ? 90  HIS A CB  1 
ATOM   738 C  CG  . HIS A 1 91 ? 4.756   -24.420 -3.678  1.00 41.14 ? 90  HIS A CG  1 
ATOM   739 N  ND1 . HIS A 1 91 ? 5.883   -23.932 -3.054  1.00 49.28 ? 90  HIS A ND1 1 
ATOM   740 C  CD2 . HIS A 1 91 ? 4.044   -25.067 -2.725  1.00 42.77 ? 90  HIS A CD2 1 
ATOM   741 C  CE1 . HIS A 1 91 ? 5.859   -24.277 -1.777  1.00 51.78 ? 90  HIS A CE1 1 
ATOM   742 N  NE2 . HIS A 1 91 ? 4.756   -24.965 -1.552  1.00 48.49 ? 90  HIS A NE2 1 
ATOM   743 N  N   . GLU A 1 92 ? 3.622   -21.280 -7.317  1.00 34.09 ? 91  GLU A N   1 
ATOM   744 C  CA  . GLU A 1 92 ? 3.578   -20.826 -8.701  1.00 35.44 ? 91  GLU A CA  1 
ATOM   745 C  C   . GLU A 1 92 ? 4.800   -19.977 -9.042  1.00 41.63 ? 91  GLU A C   1 
ATOM   746 O  O   . GLU A 1 92 ? 5.684   -19.766 -8.203  1.00 41.30 ? 91  GLU A O   1 
ATOM   747 C  CB  . GLU A 1 92 ? 2.306   -20.015 -8.949  1.00 35.42 ? 91  GLU A CB  1 
ATOM   748 C  CG  . GLU A 1 92 ? 1.034   -20.839 -8.952  1.00 30.29 ? 91  GLU A CG  1 
ATOM   749 C  CD  . GLU A 1 92 ? 0.924   -21.708 -10.188 1.00 34.36 ? 91  GLU A CD  1 
ATOM   750 O  OE1 . GLU A 1 92 ? 0.479   -21.190 -11.237 1.00 31.98 ? 91  GLU A OE1 1 
ATOM   751 O  OE2 . GLU A 1 92 ? 1.291   -22.903 -10.111 1.00 32.61 ? 91  GLU A OE2 1 
HETATM 752 O  O3  . ODN B 2 .  ? 4.985   -14.777 3.134   1.00 31.71 ? 101 ODN A O3  1 
HETATM 753 C  C17 . ODN B 2 .  ? 5.314   -13.870 2.378   1.00 29.38 ? 101 ODN A C17 1 
HETATM 754 C  C10 . ODN B 2 .  ? 6.748   -13.504 2.052   1.00 27.11 ? 101 ODN A C10 1 
HETATM 755 C  C18 . ODN B 2 .  ? 7.755   -13.376 3.207   1.00 30.09 ? 101 ODN A C18 1 
HETATM 756 O  O4  . ODN B 2 .  ? 7.208   -12.594 4.274   1.00 35.48 ? 101 ODN A O4  1 
HETATM 757 O  O1  . ODN B 2 .  ? 8.928   -12.736 2.673   1.00 28.54 ? 101 ODN A O1  1 
HETATM 758 C  C8  . ODN B 2 .  ? 9.506   -13.403 1.540   1.00 28.96 ? 101 ODN A C8  1 
HETATM 759 C  C19 . ODN B 2 .  ? 8.216   -14.719 3.773   1.00 32.82 ? 101 ODN A C19 1 
HETATM 760 O  O5  . ODN B 2 .  ? 7.142   -15.412 4.420   1.00 33.68 ? 101 ODN A O5  1 
HETATM 761 C  C6  . ODN B 2 .  ? 8.817   -15.569 2.652   1.00 31.91 ? 101 ODN A C6  1 
HETATM 762 C  C3  . ODN B 2 .  ? 10.155  -16.232 3.067   1.00 32.64 ? 101 ODN A C3  1 
HETATM 763 C  C5  . ODN B 2 .  ? 9.842   -17.240 4.159   1.00 30.05 ? 101 ODN A C5  1 
HETATM 764 C  C4  . ODN B 2 .  ? 11.190  -15.268 3.642   1.00 29.51 ? 101 ODN A C4  1 
HETATM 765 C  C2  . ODN B 2 .  ? 10.720  -16.990 1.880   1.00 29.41 ? 101 ODN A C2  1 
HETATM 766 C  C1  . ODN B 2 .  ? 10.880  -16.064 0.686   1.00 32.03 ? 101 ODN A C1  1 
HETATM 767 C  C13 . ODN B 2 .  ? 4.323   -12.996 1.650   1.00 26.14 ? 101 ODN A C13 1 
HETATM 768 C  C14 . ODN B 2 .  ? 3.160   -13.736 0.988   1.00 24.93 ? 101 ODN A C14 1 
HETATM 769 C  C12 . ODN B 2 .  ? 5.240   -12.392 0.609   1.00 27.04 ? 101 ODN A C12 1 
HETATM 770 C  C11 . ODN B 2 .  ? 6.502   -12.147 1.398   1.00 30.00 ? 101 ODN A C11 1 
HETATM 771 O  O2  . ODN B 2 .  ? 6.296   -11.145 2.397   1.00 33.22 ? 101 ODN A O2  1 
HETATM 772 C  C15 . ODN B 2 .  ? 5.550   -13.422 -0.475  1.00 29.13 ? 101 ODN A C15 1 
HETATM 773 C  C16 . ODN B 2 .  ? 6.967   -14.014 -0.376  1.00 30.25 ? 101 ODN A C16 1 
HETATM 774 C  C9  . ODN B 2 .  ? 7.318   -14.494 1.038   1.00 29.00 ? 101 ODN A C9  1 
HETATM 775 C  C7  . ODN B 2 .  ? 8.820   -14.755 1.338   1.00 31.54 ? 101 ODN A C7  1 
HETATM 776 C  C   . ODN B 2 .  ? 9.522   -15.540 0.225   1.00 30.24 ? 101 ODN A C   1 
HETATM 777 O  O   . ODN B 2 .  ? 9.781   -14.708 -0.913  1.00 28.22 ? 101 ODN A O   1 
HETATM 778 CA CA  . CA  C 3 .  ? -2.954  12.259  2.464   1.00 12.43 ? 102 CA  A CA  1 
HETATM 779 CA CA  . CA  D 3 .  ? 0.352   9.237   -8.028  1.00 13.90 ? 103 CA  A CA  1 
HETATM 780 CA CA  . CA  E 3 .  ? -4.092  8.509   -10.885 1.00 26.43 ? 104 CA  A CA  1 
HETATM 781 O  O   . HOH F 4 .  ? -7.836  0.313   -10.013 1.00 31.96 ? 201 HOH A O   1 
HETATM 782 O  O   . HOH F 4 .  ? 3.540   -25.379 0.314   1.00 39.06 ? 202 HOH A O   1 
HETATM 783 O  O   . HOH F 4 .  ? 13.453  -1.295  14.935  1.00 38.47 ? 203 HOH A O   1 
HETATM 784 O  O   . HOH F 4 .  ? -4.652  15.865  9.919   1.00 31.12 ? 204 HOH A O   1 
HETATM 785 O  O   . HOH F 4 .  ? -0.366  -21.988 -13.353 1.00 32.16 ? 205 HOH A O   1 
HETATM 786 O  O   . HOH F 4 .  ? -9.416  13.104  7.244   1.00 34.99 ? 206 HOH A O   1 
HETATM 787 O  O   . HOH F 4 .  ? -13.002 -3.296  7.566   1.00 30.90 ? 207 HOH A O   1 
HETATM 788 O  O   . HOH F 4 .  ? 2.458   -25.023 -10.506 1.00 34.21 ? 208 HOH A O   1 
HETATM 789 O  O   . HOH F 4 .  ? -3.592  15.978  -4.869  1.00 26.12 ? 209 HOH A O   1 
HETATM 790 O  O   . HOH F 4 .  ? 14.881  11.703  6.184   1.00 32.55 ? 210 HOH A O   1 
HETATM 791 O  O   . HOH F 4 .  ? 6.469   7.078   13.057  1.00 15.24 ? 211 HOH A O   1 
HETATM 792 O  O   . HOH F 4 .  ? 7.122   9.758   -8.323  1.00 27.30 ? 212 HOH A O   1 
HETATM 793 O  O   . HOH F 4 .  ? -8.718  14.881  -2.894  1.00 29.77 ? 213 HOH A O   1 
HETATM 794 O  O   . HOH F 4 .  ? 4.217   -25.540 -9.164  1.00 33.78 ? 214 HOH A O   1 
HETATM 795 O  O   . HOH F 4 .  ? 4.656   12.455  -1.231  1.00 26.83 ? 215 HOH A O   1 
HETATM 796 O  O   . HOH F 4 .  ? -3.945  6.229   -10.268 1.00 33.06 ? 216 HOH A O   1 
HETATM 797 O  O   . HOH F 4 .  ? 1.043   13.866  -12.739 1.00 27.73 ? 217 HOH A O   1 
HETATM 798 O  O   . HOH F 4 .  ? 6.692   12.284  -3.073  1.00 29.73 ? 218 HOH A O   1 
HETATM 799 O  O   . HOH F 4 .  ? 11.015  2.921   10.690  1.00 23.15 ? 219 HOH A O   1 
HETATM 800 O  O   . HOH F 4 .  ? 6.972   -17.536 -8.914  1.00 43.17 ? 220 HOH A O   1 
HETATM 801 O  O   . HOH F 4 .  ? -6.511  17.804  4.586   1.00 30.57 ? 221 HOH A O   1 
HETATM 802 O  O   . HOH F 4 .  ? -13.734 -5.647  6.445   1.00 27.16 ? 222 HOH A O   1 
HETATM 803 O  O   . HOH F 4 .  ? -7.421  8.496   -4.738  1.00 16.68 ? 223 HOH A O   1 
HETATM 804 O  O   . HOH F 4 .  ? -7.429  9.516   8.399   1.00 28.61 ? 224 HOH A O   1 
HETATM 805 O  O   . HOH F 4 .  ? 21.795  2.011   0.248   1.00 42.44 ? 225 HOH A O   1 
HETATM 806 O  O   . HOH F 4 .  ? 1.216   -5.637  10.102  1.00 17.54 ? 226 HOH A O   1 
HETATM 807 O  O   . HOH F 4 .  ? 22.797  4.759   -0.387  1.00 32.13 ? 227 HOH A O   1 
HETATM 808 O  O   . HOH F 4 .  ? -4.693  -18.680 -4.660  1.00 18.57 ? 228 HOH A O   1 
HETATM 809 O  O   . HOH F 4 .  ? 12.457  5.465   10.244  1.00 25.67 ? 229 HOH A O   1 
HETATM 810 O  O   . HOH F 4 .  ? 1.736   11.374  7.785   1.00 25.89 ? 230 HOH A O   1 
HETATM 811 O  O   . HOH F 4 .  ? -4.962  7.439   10.567  1.00 24.19 ? 231 HOH A O   1 
HETATM 812 O  O   . HOH F 4 .  ? -4.448  -0.014  12.120  1.00 30.00 ? 232 HOH A O   1 
HETATM 813 O  O   . HOH F 4 .  ? -2.525  -3.466  12.350  1.00 25.45 ? 233 HOH A O   1 
HETATM 814 O  O   . HOH F 4 .  ? 7.374   3.903   10.862  1.00 20.79 ? 234 HOH A O   1 
HETATM 815 O  O   . HOH F 4 .  ? -4.683  -2.964  8.282   1.00 16.43 ? 235 HOH A O   1 
HETATM 816 O  O   . HOH F 4 .  ? 6.622   13.382  -12.270 1.00 34.09 ? 236 HOH A O   1 
HETATM 817 O  O   . HOH F 4 .  ? 21.373  2.311   -2.557  1.00 32.24 ? 237 HOH A O   1 
HETATM 818 O  O   . HOH F 4 .  ? 14.415  -2.748  8.260   1.00 30.85 ? 238 HOH A O   1 
HETATM 819 O  O   . HOH F 4 .  ? -0.958  -18.721 -10.709 1.00 24.99 ? 239 HOH A O   1 
HETATM 820 O  O   . HOH F 4 .  ? 18.070  4.255   9.370   1.00 27.33 ? 240 HOH A O   1 
HETATM 821 O  O   . HOH F 4 .  ? -5.570  10.753  -8.373  1.00 28.67 ? 241 HOH A O   1 
HETATM 822 O  O   . HOH F 4 .  ? -5.083  -0.448  -9.877  1.00 25.85 ? 242 HOH A O   1 
HETATM 823 O  O   . HOH F 4 .  ? 17.016  7.948   6.348   1.00 26.57 ? 243 HOH A O   1 
HETATM 824 O  O   . HOH F 4 .  ? 18.048  -3.796  6.661   1.00 28.73 ? 244 HOH A O   1 
HETATM 825 O  O   . HOH F 4 .  ? -9.358  9.642   4.019   1.00 20.22 ? 245 HOH A O   1 
HETATM 826 O  O   . HOH F 4 .  ? -2.154  6.729   -11.153 1.00 30.51 ? 246 HOH A O   1 
HETATM 827 O  O   . HOH F 4 .  ? 16.152  5.687   -3.436  1.00 24.69 ? 247 HOH A O   1 
HETATM 828 O  O   . HOH F 4 .  ? -6.991  13.643  -5.386  1.00 31.83 ? 248 HOH A O   1 
HETATM 829 O  O   . HOH F 4 .  ? -4.172  5.115   11.627  1.00 26.70 ? 249 HOH A O   1 
HETATM 830 O  O   . HOH F 4 .  ? -0.129  15.251  10.772  1.00 40.07 ? 250 HOH A O   1 
HETATM 831 O  O   . HOH F 4 .  ? -16.119 1.437   6.172   1.00 39.94 ? 251 HOH A O   1 
HETATM 832 O  O   . HOH F 4 .  ? 12.704  10.138  -9.973  1.00 30.00 ? 252 HOH A O   1 
HETATM 833 O  O   . HOH F 4 .  ? -5.914  15.976  5.630   1.00 32.48 ? 253 HOH A O   1 
HETATM 834 O  O   . HOH F 4 .  ? 12.433  7.195   6.494   1.00 29.47 ? 254 HOH A O   1 
HETATM 835 O  O   . HOH F 4 .  ? -2.842  12.816  -10.270 1.00 26.42 ? 255 HOH A O   1 
HETATM 836 O  O   . HOH F 4 .  ? 1.763   9.676   9.607   1.00 26.75 ? 256 HOH A O   1 
HETATM 837 O  O   . HOH F 4 .  ? -4.837  -21.214 -7.552  1.00 19.18 ? 257 HOH A O   1 
HETATM 838 O  O   . HOH F 4 .  ? 1.846   -25.701 -7.919  1.00 35.64 ? 258 HOH A O   1 
HETATM 839 O  O   . HOH F 4 .  ? 1.807   -3.266  13.675  1.00 37.43 ? 259 HOH A O   1 
HETATM 840 O  O   . HOH F 4 .  ? -11.640 -11.278 5.001   1.00 31.05 ? 260 HOH A O   1 
HETATM 841 O  O   . HOH F 4 .  ? 3.573   -0.470  14.504  1.00 33.87 ? 261 HOH A O   1 
HETATM 842 O  O   . HOH F 4 .  ? 4.039   9.667   10.687  1.00 27.42 ? 262 HOH A O   1 
HETATM 843 O  O   . HOH F 4 .  ? -8.547  16.383  0.572   1.00 19.29 ? 263 HOH A O   1 
HETATM 844 O  O   . HOH F 4 .  ? 18.378  6.873   3.256   1.00 22.11 ? 264 HOH A O   1 
HETATM 845 O  O   . HOH F 4 .  ? -11.329 2.936   -12.496 1.00 41.56 ? 265 HOH A O   1 
HETATM 846 O  O   . HOH F 4 .  ? 10.732  0.270   15.162  1.00 31.20 ? 266 HOH A O   1 
HETATM 847 O  O   . HOH F 4 .  ? 17.973  3.950   -4.235  1.00 32.48 ? 267 HOH A O   1 
HETATM 848 O  O   . HOH F 4 .  ? -6.676  -1.149  8.742   1.00 19.54 ? 268 HOH A O   1 
HETATM 849 O  O   . HOH F 4 .  ? -6.636  14.867  9.204   1.00 37.46 ? 269 HOH A O   1 
HETATM 850 O  O   . HOH F 4 .  ? -8.531  -2.198  7.258   1.00 22.64 ? 270 HOH A O   1 
HETATM 851 O  O   . HOH F 4 .  ? -17.136 -16.324 3.224   1.00 23.60 ? 271 HOH A O   1 
HETATM 852 O  O   . HOH F 4 .  ? -17.472 -16.257 5.810   1.00 33.17 ? 272 HOH A O   1 
HETATM 853 O  O   . HOH F 4 .  ? -0.450  -5.085  12.412  1.00 26.20 ? 273 HOH A O   1 
HETATM 854 O  O   . HOH F 4 .  ? 9.427   11.433  3.599   1.00 29.04 ? 274 HOH A O   1 
HETATM 855 O  O   . HOH F 4 .  ? 16.709  -0.835  7.121   1.00 31.20 ? 275 HOH A O   1 
HETATM 856 O  O   . HOH F 4 .  ? 8.584   14.391  -1.932  1.00 27.35 ? 276 HOH A O   1 
HETATM 857 O  O   . HOH F 4 .  ? -11.208 15.492  0.708   1.00 29.92 ? 277 HOH A O   1 
HETATM 858 O  O   . HOH F 4 .  ? -6.822  8.598   -10.697 1.00 33.73 ? 278 HOH A O   1 
HETATM 859 O  O   . HOH F 4 .  ? -10.796 -3.151  8.384   1.00 32.77 ? 279 HOH A O   1 
HETATM 860 O  O   . HOH F 4 .  ? 0.600   -7.263  -9.882  1.00 28.17 ? 280 HOH A O   1 
HETATM 861 O  O   . HOH F 4 .  ? -12.434 13.715  2.778   1.00 37.77 ? 281 HOH A O   1 
HETATM 862 O  O   . HOH F 4 .  ? -7.344  13.684  10.488  1.00 38.48 ? 282 HOH A O   1 
HETATM 863 O  O   . HOH F 4 .  ? -5.159  6.245   -11.653 1.00 37.12 ? 283 HOH A O   1 
HETATM 864 O  O   . HOH F 4 .  ? -4.480  -2.964  -10.176 1.00 32.59 ? 284 HOH A O   1 
HETATM 865 O  O   . HOH F 4 .  ? -10.507 11.407  5.666   1.00 33.09 ? 285 HOH A O   1 
HETATM 866 O  O   . HOH F 4 .  ? -6.375  -1.713  11.343  1.00 28.32 ? 286 HOH A O   1 
HETATM 867 O  O   . HOH F 4 .  ? 8.736   9.638   5.388   1.00 29.54 ? 287 HOH A O   1 
HETATM 868 O  O   . HOH F 4 .  ? -11.604 0.383   -12.275 1.00 31.04 ? 288 HOH A O   1 
HETATM 869 O  O   . HOH F 4 .  ? -8.655  18.465  2.765   1.00 30.08 ? 289 HOH A O   1 
HETATM 870 O  O   . HOH F 4 .  ? 11.700  10.228  9.736   1.00 33.72 ? 290 HOH A O   1 
HETATM 871 O  O   . HOH F 4 .  ? -7.101  10.941  -6.108  1.00 26.07 ? 291 HOH A O   1 
HETATM 872 O  O   . HOH F 4 .  ? 8.825   5.829   12.740  1.00 28.87 ? 292 HOH A O   1 
HETATM 873 O  O   . HOH F 4 .  ? 13.301  9.667   8.511   1.00 44.90 ? 293 HOH A O   1 
HETATM 874 O  O   . HOH F 4 .  ? 0.221   -16.776 -11.701 1.00 41.09 ? 294 HOH A O   1 
HETATM 875 O  O   . HOH F 4 .  ? -0.076  18.624  0.620   1.00 44.11 ? 295 HOH A O   1 
HETATM 876 O  O   . HOH F 4 .  ? -1.880  10.073  -7.672  1.00 13.97 ? 296 HOH A O   1 
HETATM 877 O  O   . HOH F 4 .  ? 1.123   1.616   -8.136  1.00 15.24 ? 297 HOH A O   1 
HETATM 878 O  O   . HOH F 4 .  ? 6.637   -3.372  7.409   1.00 16.19 ? 298 HOH A O   1 
HETATM 879 O  O   . HOH F 4 .  ? -1.426  13.350  1.090   1.00 18.76 ? 299 HOH A O   1 
HETATM 880 O  O   . HOH F 4 .  ? -7.202  6.596   -7.969  1.00 18.39 ? 300 HOH A O   1 
HETATM 881 O  O   . HOH F 4 .  ? 7.132   -3.095  10.164  1.00 17.14 ? 301 HOH A O   1 
HETATM 882 O  O   . HOH F 4 .  ? 14.663  0.631   5.159   1.00 22.62 ? 302 HOH A O   1 
HETATM 883 O  O   . HOH F 4 .  ? -1.168  16.077  0.130   1.00 21.76 ? 303 HOH A O   1 
HETATM 884 O  O   . HOH F 4 .  ? 0.353   -4.513  -9.754  1.00 20.45 ? 304 HOH A O   1 
HETATM 885 O  O   . HOH F 4 .  ? 7.181   7.425   -10.434 1.00 25.83 ? 305 HOH A O   1 
HETATM 886 O  O   . HOH F 4 .  ? 0.130   1.798   -10.690 1.00 26.84 ? 306 HOH A O   1 
HETATM 887 O  O   . HOH F 4 .  ? 5.734   12.871  3.533   1.00 19.55 ? 307 HOH A O   1 
HETATM 888 O  O   . HOH F 4 .  ? 10.691  -6.658  2.177   1.00 28.44 ? 308 HOH A O   1 
HETATM 889 O  O   . HOH F 4 .  ? -5.188  2.583   11.079  1.00 27.01 ? 309 HOH A O   1 
HETATM 890 O  O   . HOH F 4 .  ? 13.330  -1.537  4.363   1.00 25.61 ? 310 HOH A O   1 
HETATM 891 O  O   . HOH F 4 .  ? 8.608   -6.079  8.930   1.00 26.94 ? 311 HOH A O   1 
HETATM 892 O  O   . HOH F 4 .  ? 11.199  -2.590  3.097   1.00 31.43 ? 312 HOH A O   1 
HETATM 893 O  O   . HOH F 4 .  ? 4.254   -9.364  -7.654  1.00 25.10 ? 313 HOH A O   1 
HETATM 894 O  O   . HOH F 4 .  ? -13.159 -13.138 8.728   1.00 42.42 ? 314 HOH A O   1 
HETATM 895 O  O   . HOH F 4 .  ? 2.040   -2.685  -11.252 1.00 39.90 ? 315 HOH A O   1 
HETATM 896 O  O   . HOH F 4 .  ? -10.028 -1.052  10.484  1.00 38.21 ? 316 HOH A O   1 
HETATM 897 O  O   . HOH F 4 .  ? 3.011   -1.744  -8.935  1.00 33.50 ? 317 HOH A O   1 
HETATM 898 O  O   . HOH F 4 .  ? 0.920   -0.432  -12.332 1.00 37.25 ? 318 HOH A O   1 
HETATM 899 O  O   . HOH F 4 .  ? -2.195  -4.025  -10.994 1.00 28.65 ? 319 HOH A O   1 
HETATM 900 O  O   . HOH F 4 .  ? 6.659   -20.178 -6.072  1.00 36.20 ? 320 HOH A O   1 
HETATM 901 O  O   . HOH F 4 .  ? 6.698   -15.005 -4.765  1.00 33.20 ? 321 HOH A O   1 
HETATM 902 O  O   . HOH F 4 .  ? 11.145  -5.698  9.249   1.00 28.78 ? 322 HOH A O   1 
HETATM 903 O  O   . HOH F 4 .  ? 11.320  -4.065  12.452  1.00 32.33 ? 323 HOH A O   1 
HETATM 904 O  O   . HOH F 4 .  ? -2.079  -1.584  -12.930 1.00 37.46 ? 324 HOH A O   1 
HETATM 905 O  O   . HOH F 4 .  ? 9.286   -2.006  1.734   1.00 33.55 ? 325 HOH A O   1 
HETATM 906 O  O   . HOH F 4 .  ? 8.120   -4.822  11.828  1.00 32.27 ? 326 HOH A O   1 
HETATM 907 O  O   . HOH F 4 .  ? 4.442   -5.956  -10.837 1.00 41.11 ? 327 HOH A O   1 
HETATM 908 O  O   . HOH F 4 .  ? 15.254  -3.274  4.031   1.00 37.85 ? 328 HOH A O   1 
HETATM 909 O  O   . HOH F 4 .  ? 5.365   16.848  4.275   1.00 39.30 ? 329 HOH A O   1 
HETATM 910 O  O   . HOH F 4 .  ? 9.033   -9.040  1.826   1.00 40.37 ? 330 HOH A O   1 
HETATM 911 O  O   . HOH F 4 .  ? -2.377  2.208   -11.341 1.00 39.05 ? 331 HOH A O   1 
HETATM 912 O  O   . HOH F 4 .  ? 7.991   -2.463  -4.009  1.00 43.65 ? 332 HOH A O   1 
HETATM 913 O  O   . HOH F 4 .  ? 3.491   -6.220  14.050  1.00 33.21 ? 333 HOH A O   1 
HETATM 914 O  O   . HOH F 4 .  ? 4.527   -2.657  13.190  1.00 35.52 ? 334 HOH A O   1 
HETATM 915 O  O   . HOH F 4 .  ? 6.689   -4.530  -3.300  1.00 45.92 ? 335 HOH A O   1 
HETATM 916 O  O   . HOH F 4 .  ? 11.265  -2.644  0.582   1.00 36.48 ? 336 HOH A O   1 
HETATM 917 O  O   . HOH F 4 .  ? 12.741  -3.973  0.664   1.00 46.95 ? 337 HOH A O   1 
# 
